data_7CVT
#
_entry.id   7CVT
#
_cell.length_a   233.034
_cell.length_b   98.305
_cell.length_c   172.434
_cell.angle_alpha   90.00
_cell.angle_beta   131.99
_cell.angle_gamma   90.00
#
_symmetry.space_group_name_H-M   'C 1 2 1'
#
loop_
_entity.id
_entity.type
_entity.pdbx_description
1 polymer 'H(+)/Cl(-) exchange transporter ClcA'
2 polymer 'antibody Fab fragment heavy chain'
3 polymer 'antibody Fab fragment light chain'
4 non-polymer 'CHLORIDE ION'
#
loop_
_entity_poly.entity_id
_entity_poly.type
_entity_poly.pdbx_seq_one_letter_code
_entity_poly.pdbx_strand_id
1 'polypeptide(L)'
;MKTDTPSLETPQAARLRRRQLIRQLLERDKTPLAILFMAAVVGTLVGLAAVAFDKGVAWLQNQRMGALVHTADNYPLLLT
VAFLASAVLAMFGYFLVRKYAPEAGGSGIPEIEGALEDQRPVRWWRVLPVKFFGGLGTLGGGMVLGREGPTVQIGGNIGR
MVLDIFRLKGDEARHTLLATGAAAGLAAAFNAPAAGILFIIEEMRPQFRYTLISIKAVFIGVIMSTIMYRIFNCEVALID
VGKLSDAPLNTLWLYLILGIIFGIFGPIFNKWVLGMQDLLHRVHGGNITKWVLMGGAIGGLCGLLGFVAPATSGGGFNLI
PIATAGNFSMGMLVFIFVARVITTLLCFSSGAPGGIFAPMLALGTVLGTAFGMVAVELFPQYHLEAGTFAIAGMGALLAA
SIRAPLTGIILVLEMTDNYQLILPMIITGLGATLLAQFTGGKPLYSAILARTLAKQEAEQLARSKAASASENT
;
A,B
2 'polypeptide(L)'
;EVRLLESGGGLVQPGGSLKLSCAASGFDYSRYWMSWVRQAPGKGLKWIGEINPVSSTINYTPSLKDKFIISRDNAKDTLY
LQISKVRSEDTALYYCARLYYGYGYWYFDVWGAGTTVTVSSAKTTPPSVYPLAPGSAAAAASMVTLGCLVKGYFPEPVTV
TWNSGSLAAGVHTFPAVLQAALYTLSSSVTVPSSSWPSETVTCNVAHPASSTKVDKKIVPRA
;
C,E
3 'polypeptide(L)'
;DIVLTQSPAIMSAAPGDKVTMTCSASSSVSYIHWYQQKSGTSPKRWIYDTSKLTSGVPVRFSGSGSGTSYSLTINTMEAE
DAATYYCQQWSSHPQTFGGGTKLEILRADAAPTVSIFPPSSEQLTSGGASVVCFLNNFYPKDINVKWKIDGSERQNGVLN
SWTDQDSKDSTYSMSSTLTLTKDEYERHNSYTCEATHKTSTSPIVKSFNRA
;
D,F
#
loop_
_chem_comp.id
_chem_comp.type
_chem_comp.name
_chem_comp.formula
CL non-polymer 'CHLORIDE ION' 'Cl -1'
#
# COMPACT_ATOMS: atom_id res chain seq x y z
N ARG A 17 -30.31 -7.52 45.11
CA ARG A 17 -29.55 -6.29 44.92
C ARG A 17 -29.99 -5.57 43.64
N ARG A 18 -31.12 -6.00 43.08
CA ARG A 18 -31.66 -5.36 41.88
C ARG A 18 -32.00 -3.90 42.13
N ARG A 19 -32.39 -3.60 43.38
CA ARG A 19 -32.77 -2.20 43.76
C ARG A 19 -31.56 -1.28 43.54
N GLN A 20 -30.38 -1.70 43.99
CA GLN A 20 -29.14 -0.88 43.84
C GLN A 20 -28.68 -0.93 42.38
N LEU A 21 -28.89 -2.07 41.71
CA LEU A 21 -28.50 -2.25 40.32
C LEU A 21 -29.24 -1.30 39.39
N ILE A 22 -30.57 -1.22 39.54
CA ILE A 22 -31.39 -0.46 38.60
C ILE A 22 -30.97 1.00 38.51
N ARG A 23 -30.59 1.62 39.63
CA ARG A 23 -30.19 3.02 39.59
C ARG A 23 -28.68 3.23 39.70
N GLN A 24 -27.90 2.17 39.92
CA GLN A 24 -26.48 2.25 39.61
C GLN A 24 -26.28 2.35 38.09
N LEU A 25 -27.01 1.53 37.34
CA LEU A 25 -26.95 1.58 35.89
C LEU A 25 -27.46 2.91 35.36
N LEU A 26 -28.43 3.51 36.07
CA LEU A 26 -29.05 4.75 35.61
C LEU A 26 -28.19 5.96 35.93
N GLU A 27 -27.01 5.70 36.47
CA GLU A 27 -26.06 6.72 36.91
C GLU A 27 -24.64 6.38 36.47
N ARG A 28 -24.50 5.60 35.42
CA ARG A 28 -23.20 5.07 35.03
C ARG A 28 -22.40 6.10 34.23
N ASP A 29 -21.09 6.09 34.42
CA ASP A 29 -20.20 7.09 33.85
C ASP A 29 -20.73 8.50 34.16
N LYS A 30 -20.52 8.89 35.41
CA LYS A 30 -20.94 10.21 35.84
C LYS A 30 -19.71 10.90 36.40
N THR A 31 -18.63 10.90 35.62
CA THR A 31 -17.35 11.38 36.12
C THR A 31 -17.48 12.85 36.51
N PRO A 32 -17.06 13.23 37.71
CA PRO A 32 -17.12 14.65 38.11
C PRO A 32 -16.27 15.52 37.20
N LEU A 33 -16.81 16.69 36.86
CA LEU A 33 -16.14 17.61 35.95
C LEU A 33 -14.75 17.98 36.46
N ALA A 34 -14.59 18.09 37.78
CA ALA A 34 -13.29 18.46 38.34
C ALA A 34 -12.22 17.43 37.99
N ILE A 35 -12.58 16.15 37.97
CA ILE A 35 -11.59 15.10 37.71
C ILE A 35 -11.17 15.10 36.24
N LEU A 36 -12.13 15.23 35.33
CA LEU A 36 -11.78 15.16 33.91
C LEU A 36 -11.00 16.39 33.47
N PHE A 37 -11.35 17.58 33.98
CA PHE A 37 -10.56 18.77 33.67
C PHE A 37 -9.12 18.60 34.15
N MET A 38 -8.94 18.10 35.38
CA MET A 38 -7.60 17.91 35.90
C MET A 38 -6.91 16.73 35.27
N ALA A 39 -7.67 15.79 34.68
CA ALA A 39 -7.05 14.76 33.85
C ALA A 39 -6.45 15.38 32.60
N ALA A 40 -7.09 16.42 32.06
CA ALA A 40 -6.52 17.11 30.90
C ALA A 40 -5.21 17.80 31.24
N VAL A 41 -5.14 18.45 32.41
CA VAL A 41 -3.91 19.11 32.80
C VAL A 41 -2.82 18.09 33.11
N VAL A 42 -3.18 16.93 33.67
CA VAL A 42 -2.16 15.94 33.97
C VAL A 42 -1.52 15.45 32.67
N GLY A 43 -2.35 15.10 31.69
CA GLY A 43 -1.84 14.61 30.43
C GLY A 43 -0.98 15.63 29.70
N THR A 44 -1.37 16.90 29.79
CA THR A 44 -0.57 17.96 29.18
C THR A 44 0.83 17.98 29.76
N LEU A 45 0.95 17.90 31.09
CA LEU A 45 2.26 17.93 31.72
C LEU A 45 3.03 16.62 31.51
N VAL A 46 2.32 15.49 31.45
CA VAL A 46 3.02 14.23 31.16
C VAL A 46 3.61 14.25 29.76
N GLY A 47 2.85 14.77 28.78
CA GLY A 47 3.37 14.86 27.42
C GLY A 47 4.61 15.73 27.34
N LEU A 48 4.54 16.94 27.89
CA LEU A 48 5.70 17.83 27.89
C LEU A 48 6.89 17.19 28.59
N ALA A 49 6.67 16.52 29.72
CA ALA A 49 7.74 15.84 30.41
C ALA A 49 8.34 14.74 29.54
N ALA A 50 7.49 13.95 28.90
CA ALA A 50 7.97 12.86 28.06
C ALA A 50 8.75 13.41 26.87
N VAL A 51 8.28 14.51 26.28
CA VAL A 51 9.00 15.13 25.16
C VAL A 51 10.38 15.58 25.63
N ALA A 52 10.44 16.32 26.73
CA ALA A 52 11.73 16.81 27.24
C ALA A 52 12.66 15.64 27.58
N PHE A 53 12.11 14.59 28.19
CA PHE A 53 12.93 13.41 28.49
C PHE A 53 13.47 12.79 27.21
N ASP A 54 12.64 12.70 26.17
CA ASP A 54 13.07 12.10 24.91
C ASP A 54 14.15 12.94 24.23
N LYS A 55 13.95 14.25 24.17
CA LYS A 55 14.95 15.12 23.55
C LYS A 55 16.23 15.17 24.36
N GLY A 56 16.13 15.06 25.69
CA GLY A 56 17.34 15.06 26.51
C GLY A 56 18.24 13.85 26.24
N VAL A 57 17.65 12.66 26.25
CA VAL A 57 18.46 11.45 26.03
C VAL A 57 19.03 11.44 24.62
N ALA A 58 18.28 11.95 23.65
CA ALA A 58 18.81 12.05 22.30
C ALA A 58 20.00 12.99 22.23
N TRP A 59 19.91 14.14 22.90
CA TRP A 59 21.00 15.11 22.90
C TRP A 59 22.27 14.51 23.49
N LEU A 60 22.15 13.74 24.57
CA LEU A 60 23.33 13.11 25.17
C LEU A 60 23.87 12.00 24.29
N GLN A 61 23.00 11.29 23.57
CA GLN A 61 23.45 10.18 22.73
C GLN A 61 24.41 10.63 21.65
N ASN A 62 24.20 11.82 21.08
CA ASN A 62 25.07 12.23 19.99
C ASN A 62 26.21 13.11 20.46
N GLN A 63 26.04 13.82 21.59
CA GLN A 63 27.19 14.31 22.33
C GLN A 63 28.24 13.22 22.47
N ARG A 64 27.80 12.00 22.77
CA ARG A 64 28.72 10.87 22.86
C ARG A 64 29.24 10.46 21.49
N MET A 65 28.42 10.63 20.45
CA MET A 65 28.88 10.35 19.09
C MET A 65 29.86 11.41 18.61
N GLY A 66 29.54 12.69 18.84
CA GLY A 66 30.44 13.75 18.43
C GLY A 66 31.77 13.71 19.16
N ALA A 67 31.79 13.19 20.38
CA ALA A 67 33.04 12.94 21.08
C ALA A 67 33.84 11.83 20.38
N LEU A 68 33.15 10.79 19.92
CA LEU A 68 33.80 9.67 19.27
C LEU A 68 34.52 10.03 17.97
N VAL A 69 34.32 11.23 17.43
CA VAL A 69 35.03 11.62 16.21
C VAL A 69 36.20 12.55 16.49
N HIS A 70 36.16 13.33 17.58
CA HIS A 70 37.39 14.00 17.97
C HIS A 70 38.36 13.04 18.59
N THR A 71 38.01 11.76 18.63
CA THR A 71 38.85 10.72 19.19
C THR A 71 38.96 9.54 18.21
N ALA A 72 38.60 9.76 16.95
CA ALA A 72 38.62 8.70 15.95
C ALA A 72 40.04 8.39 15.48
N ASP A 73 41.03 9.09 16.03
CA ASP A 73 42.43 8.78 15.74
C ASP A 73 42.86 7.52 16.50
N ASN A 74 43.01 7.63 17.82
CA ASN A 74 43.46 6.54 18.69
C ASN A 74 42.33 5.57 18.99
N TYR A 75 42.23 4.49 18.22
CA TYR A 75 41.24 3.46 18.52
C TYR A 75 41.23 3.05 19.99
N PRO A 76 42.37 2.92 20.70
CA PRO A 76 42.27 2.71 22.15
C PRO A 76 41.64 3.88 22.89
N LEU A 77 42.12 5.11 22.67
CA LEU A 77 41.44 6.29 23.19
C LEU A 77 39.96 6.27 22.83
N LEU A 78 39.65 5.76 21.64
CA LEU A 78 38.28 5.82 21.15
C LEU A 78 37.39 4.86 21.93
N LEU A 79 37.90 3.67 22.25
CA LEU A 79 37.19 2.78 23.17
C LEU A 79 37.23 3.29 24.61
N THR A 80 38.16 4.18 24.93
CA THR A 80 38.22 4.72 26.29
C THR A 80 37.15 5.79 26.52
N VAL A 81 37.07 6.79 25.63
CA VAL A 81 36.07 7.84 25.81
C VAL A 81 34.67 7.29 25.63
N ALA A 82 34.51 6.19 24.90
CA ALA A 82 33.20 5.57 24.80
C ALA A 82 32.78 4.93 26.13
N PHE A 83 33.71 4.20 26.75
CA PHE A 83 33.40 3.56 28.03
C PHE A 83 33.13 4.59 29.12
N LEU A 84 34.03 5.56 29.28
CA LEU A 84 33.95 6.48 30.42
C LEU A 84 32.82 7.49 30.28
N ALA A 85 32.57 8.00 29.07
CA ALA A 85 31.45 8.91 28.87
C ALA A 85 30.14 8.26 29.28
N SER A 86 30.00 6.96 29.00
CA SER A 86 28.80 6.25 29.39
C SER A 86 28.85 5.82 30.85
N ALA A 87 30.05 5.54 31.37
CA ALA A 87 30.18 5.20 32.78
C ALA A 87 29.77 6.37 33.67
N VAL A 88 30.28 7.56 33.37
CA VAL A 88 29.95 8.75 34.16
C VAL A 88 28.44 9.00 34.13
N LEU A 89 27.86 9.01 32.93
CA LEU A 89 26.42 9.21 32.80
C LEU A 89 25.64 8.13 33.56
N ALA A 90 26.11 6.89 33.51
CA ALA A 90 25.47 5.81 34.27
C ALA A 90 25.64 6.03 35.77
N MET A 91 26.88 6.22 36.24
CA MET A 91 27.13 6.45 37.66
C MET A 91 26.27 7.59 38.18
N PHE A 92 26.09 8.64 37.36
CA PHE A 92 25.23 9.75 37.75
C PHE A 92 23.82 9.26 38.05
N GLY A 93 23.27 8.42 37.18
CA GLY A 93 21.90 7.97 37.37
C GLY A 93 21.74 7.02 38.54
N TYR A 94 22.70 6.10 38.70
CA TYR A 94 22.69 5.22 39.86
C TYR A 94 22.78 6.02 41.16
N PHE A 95 23.62 7.06 41.18
CA PHE A 95 23.79 7.85 42.40
C PHE A 95 22.50 8.54 42.82
N LEU A 96 21.88 9.28 41.89
CA LEU A 96 20.71 10.07 42.25
C LEU A 96 19.52 9.22 42.66
N VAL A 97 19.54 7.92 42.36
CA VAL A 97 18.42 7.06 42.73
C VAL A 97 18.65 6.39 44.08
N ARG A 98 19.88 6.00 44.39
CA ARG A 98 20.19 5.43 45.69
C ARG A 98 20.33 6.49 46.77
N LYS A 99 20.56 7.75 46.38
CA LYS A 99 20.76 8.83 47.33
C LYS A 99 19.47 9.61 47.62
N TYR A 100 18.58 9.76 46.64
CA TYR A 100 17.37 10.55 46.84
C TYR A 100 16.05 9.87 46.51
N ALA A 101 16.04 8.70 45.87
CA ALA A 101 14.76 8.10 45.53
C ALA A 101 14.87 6.61 45.27
N PRO A 102 14.94 5.79 46.32
CA PRO A 102 15.18 4.34 46.11
C PRO A 102 14.13 3.66 45.25
N GLU A 103 12.89 4.15 45.24
CA GLU A 103 11.83 3.52 44.45
C GLU A 103 11.79 4.00 43.00
N ALA A 104 12.75 4.82 42.59
CA ALA A 104 12.88 5.23 41.19
C ALA A 104 13.85 4.36 40.42
N GLY A 105 14.33 3.28 41.02
CA GLY A 105 15.15 2.34 40.28
C GLY A 105 14.33 1.34 39.50
N GLY A 106 14.99 0.67 38.57
CA GLY A 106 14.31 -0.29 37.72
C GLY A 106 13.23 0.35 36.88
N SER A 107 12.16 -0.42 36.66
CA SER A 107 11.10 0.02 35.75
C SER A 107 10.33 1.19 36.33
N GLY A 108 9.65 0.98 37.45
CA GLY A 108 8.79 1.97 38.07
C GLY A 108 7.31 1.69 37.88
N ILE A 109 6.98 0.84 36.91
CA ILE A 109 5.63 0.32 36.71
C ILE A 109 5.16 -0.46 37.92
N PRO A 110 5.96 -1.37 38.52
CA PRO A 110 5.48 -2.07 39.71
C PRO A 110 5.19 -1.14 40.88
N GLU A 111 5.99 -0.07 41.04
CA GLU A 111 5.71 0.90 42.10
C GLU A 111 4.41 1.64 41.83
N ILE A 112 4.12 1.94 40.56
CA ILE A 112 2.86 2.63 40.25
C ILE A 112 1.69 1.66 40.42
N GLU A 113 1.95 0.36 40.24
CA GLU A 113 0.91 -0.64 40.51
C GLU A 113 0.65 -0.77 42.00
N GLY A 114 1.70 -0.72 42.82
CA GLY A 114 1.51 -0.64 44.26
C GLY A 114 0.68 0.55 44.68
N ALA A 115 1.00 1.73 44.13
CA ALA A 115 0.28 2.95 44.49
C ALA A 115 -1.21 2.84 44.16
N LEU A 116 -1.54 2.19 43.04
CA LEU A 116 -2.95 2.08 42.65
C LEU A 116 -3.72 1.14 43.56
N GLU A 117 -3.03 0.24 44.27
CA GLU A 117 -3.64 -0.57 45.31
C GLU A 117 -3.38 -0.02 46.70
N ASP A 118 -2.91 1.22 46.80
CA ASP A 118 -2.72 1.92 48.08
C ASP A 118 -1.75 1.17 48.99
N GLN A 119 -0.65 0.67 48.40
CA GLN A 119 0.33 -0.09 49.17
C GLN A 119 1.76 0.40 48.94
N ARG A 120 1.94 1.51 48.22
CA ARG A 120 3.23 2.15 48.02
C ARG A 120 2.97 3.64 47.89
N PRO A 121 3.84 4.49 48.43
CA PRO A 121 3.66 5.93 48.29
C PRO A 121 4.24 6.45 46.97
N VAL A 122 3.63 7.54 46.50
CA VAL A 122 4.13 8.25 45.32
C VAL A 122 4.80 9.53 45.78
N ARG A 123 6.12 9.47 46.00
CA ARG A 123 6.87 10.61 46.51
C ARG A 123 7.30 11.47 45.32
N TRP A 124 6.33 12.22 44.79
CA TRP A 124 6.54 12.96 43.56
C TRP A 124 7.60 14.04 43.73
N TRP A 125 7.72 14.60 44.93
CA TRP A 125 8.76 15.60 45.17
C TRP A 125 10.17 15.02 45.05
N ARG A 126 10.31 13.70 45.06
CA ARG A 126 11.64 13.10 44.98
C ARG A 126 11.89 12.28 43.72
N VAL A 127 10.91 11.50 43.25
CA VAL A 127 11.21 10.63 42.13
C VAL A 127 11.17 11.39 40.81
N LEU A 128 10.34 12.42 40.69
CA LEU A 128 10.27 13.18 39.45
C LEU A 128 11.60 13.83 39.10
N PRO A 129 12.30 14.53 40.01
CA PRO A 129 13.65 14.99 39.65
C PRO A 129 14.63 13.84 39.50
N VAL A 130 14.51 12.80 40.33
CA VAL A 130 15.44 11.68 40.26
C VAL A 130 15.22 10.87 38.99
N LYS A 131 13.99 10.45 38.72
CA LYS A 131 13.74 9.55 37.60
C LYS A 131 14.01 10.23 36.27
N PHE A 132 13.58 11.49 36.14
CA PHE A 132 13.88 12.29 34.94
C PHE A 132 15.38 12.38 34.70
N PHE A 133 16.10 13.04 35.61
CA PHE A 133 17.52 13.25 35.42
C PHE A 133 18.32 11.95 35.57
N GLY A 134 17.88 11.04 36.42
CA GLY A 134 18.54 9.75 36.53
C GLY A 134 18.41 8.94 35.26
N GLY A 135 17.20 8.87 34.70
CA GLY A 135 17.00 8.16 33.45
C GLY A 135 17.78 8.76 32.31
N LEU A 136 17.85 10.10 32.27
CA LEU A 136 18.68 10.79 31.28
C LEU A 136 20.09 10.23 31.23
N GLY A 137 20.68 9.94 32.39
CA GLY A 137 22.03 9.40 32.41
C GLY A 137 22.10 7.98 31.93
N THR A 138 21.15 7.14 32.35
CA THR A 138 21.21 5.72 31.98
C THR A 138 20.86 5.53 30.52
N LEU A 139 19.79 6.18 30.04
CA LEU A 139 19.40 6.02 28.65
C LEU A 139 20.27 6.86 27.73
N GLY A 140 20.70 8.04 28.18
CA GLY A 140 21.58 8.86 27.38
C GLY A 140 22.97 8.28 27.22
N GLY A 141 23.39 7.43 28.16
CA GLY A 141 24.64 6.71 28.03
C GLY A 141 24.57 5.48 27.17
N GLY A 142 23.38 5.11 26.70
CA GLY A 142 23.24 4.00 25.78
C GLY A 142 23.07 2.65 26.42
N MET A 143 22.45 2.59 27.60
CA MET A 143 22.17 1.32 28.23
C MET A 143 20.91 0.69 27.63
N VAL A 144 20.77 -0.62 27.81
CA VAL A 144 19.65 -1.35 27.24
C VAL A 144 18.45 -1.20 28.17
N LEU A 145 17.73 -0.09 28.02
CA LEU A 145 16.55 0.18 28.83
C LEU A 145 15.58 1.02 28.01
N GLY A 146 14.30 0.96 28.35
CA GLY A 146 13.28 1.66 27.57
C GLY A 146 12.84 2.93 28.26
N ARG A 147 12.29 3.89 27.52
CA ARG A 147 11.89 5.16 28.18
C ARG A 147 10.53 4.97 28.83
N GLU A 148 9.80 3.94 28.46
CA GLU A 148 8.48 3.74 29.04
C GLU A 148 8.53 3.68 30.56
N GLY A 149 9.52 2.96 31.10
CA GLY A 149 9.69 2.84 32.54
C GLY A 149 9.67 4.19 33.21
N PRO A 150 10.66 5.03 32.89
CA PRO A 150 10.60 6.43 33.37
C PRO A 150 9.28 7.13 33.11
N THR A 151 8.79 7.12 31.85
CA THR A 151 7.64 7.95 31.51
C THR A 151 6.37 7.51 32.22
N VAL A 152 6.22 6.22 32.51
CA VAL A 152 5.02 5.76 33.21
C VAL A 152 5.07 6.19 34.67
N GLN A 153 6.21 5.97 35.34
CA GLN A 153 6.33 6.35 36.74
C GLN A 153 6.36 7.87 36.90
N ILE A 154 7.08 8.57 36.01
CA ILE A 154 7.02 10.03 35.99
C ILE A 154 5.58 10.50 35.83
N GLY A 155 4.86 9.92 34.87
CA GLY A 155 3.51 10.37 34.61
C GLY A 155 2.56 10.08 35.76
N GLY A 156 2.74 8.95 36.43
CA GLY A 156 1.92 8.65 37.60
C GLY A 156 2.15 9.64 38.73
N ASN A 157 3.42 9.90 39.06
CA ASN A 157 3.73 10.87 40.10
C ASN A 157 3.23 12.27 39.74
N ILE A 158 3.28 12.62 38.45
CA ILE A 158 2.71 13.90 38.02
C ILE A 158 1.21 13.91 38.27
N GLY A 159 0.57 12.74 38.18
CA GLY A 159 -0.85 12.66 38.48
C GLY A 159 -1.17 13.00 39.92
N ARG A 160 -0.33 12.54 40.85
CA ARG A 160 -0.55 12.85 42.26
C ARG A 160 -0.08 14.27 42.60
N MET A 161 0.93 14.78 41.90
CA MET A 161 1.41 16.13 42.19
C MET A 161 0.30 17.16 42.01
N VAL A 162 -0.48 17.05 40.93
CA VAL A 162 -1.58 17.99 40.76
C VAL A 162 -2.81 17.55 41.54
N LEU A 163 -2.92 16.25 41.86
CA LEU A 163 -3.86 15.84 42.90
C LEU A 163 -3.59 16.65 44.16
N ASP A 164 -2.32 16.74 44.55
CA ASP A 164 -1.97 17.41 45.80
C ASP A 164 -2.00 18.93 45.64
N ILE A 165 -1.42 19.45 44.56
CA ILE A 165 -1.38 20.90 44.36
C ILE A 165 -2.78 21.49 44.51
N PHE A 166 -3.78 20.84 43.93
CA PHE A 166 -5.16 21.27 44.07
C PHE A 166 -5.91 20.48 45.14
N ARG A 167 -5.21 19.60 45.88
CA ARG A 167 -5.73 18.75 46.95
C ARG A 167 -7.19 18.35 46.72
N LEU A 168 -7.46 17.77 45.55
CA LEU A 168 -8.71 17.05 45.33
C LEU A 168 -8.65 15.72 46.07
N LYS A 169 -9.82 15.24 46.49
CA LYS A 169 -9.84 13.96 47.17
C LYS A 169 -11.13 13.23 46.83
N GLY A 170 -11.25 12.02 47.34
CA GLY A 170 -12.03 10.89 46.88
C GLY A 170 -11.09 9.80 46.41
N ASP A 171 -11.52 8.54 46.57
CA ASP A 171 -10.71 7.43 46.10
C ASP A 171 -10.52 7.50 44.59
N GLU A 172 -11.59 7.83 43.86
CA GLU A 172 -11.51 7.82 42.41
C GLU A 172 -10.56 8.89 41.89
N ALA A 173 -10.66 10.12 42.41
CA ALA A 173 -9.73 11.19 42.02
C ALA A 173 -8.28 10.76 42.17
N ARG A 174 -7.94 10.11 43.29
CA ARG A 174 -6.59 9.62 43.50
C ARG A 174 -6.25 8.50 42.52
N HIS A 175 -7.18 7.56 42.33
CA HIS A 175 -6.91 6.42 41.48
C HIS A 175 -6.92 6.81 40.01
N THR A 176 -7.89 7.64 39.60
CA THR A 176 -7.98 8.06 38.21
C THR A 176 -6.76 8.89 37.83
N LEU A 177 -6.55 10.04 38.49
CA LEU A 177 -5.43 10.92 38.16
C LEU A 177 -4.10 10.19 38.17
N LEU A 178 -3.95 9.18 39.03
CA LEU A 178 -2.74 8.38 39.02
C LEU A 178 -2.73 7.41 37.84
N ALA A 179 -3.89 6.96 37.40
CA ALA A 179 -3.97 6.05 36.25
C ALA A 179 -3.73 6.78 34.94
N THR A 180 -4.38 7.93 34.76
CA THR A 180 -4.25 8.65 33.50
C THR A 180 -2.82 9.15 33.30
N GLY A 181 -2.17 9.57 34.38
CA GLY A 181 -0.77 9.95 34.29
C GLY A 181 0.11 8.80 33.81
N ALA A 182 -0.20 7.58 34.26
CA ALA A 182 0.59 6.43 33.82
C ALA A 182 0.25 6.05 32.38
N ALA A 183 -1.03 6.12 32.02
CA ALA A 183 -1.43 5.83 30.65
C ALA A 183 -0.88 6.88 29.68
N ALA A 184 -0.99 8.16 30.05
CA ALA A 184 -0.37 9.21 29.26
C ALA A 184 1.13 8.99 29.12
N GLY A 185 1.77 8.40 30.14
CA GLY A 185 3.20 8.17 30.08
C GLY A 185 3.58 7.07 29.10
N LEU A 186 2.80 5.98 29.07
CA LEU A 186 3.07 4.91 28.12
C LEU A 186 2.75 5.34 26.69
N ALA A 187 1.62 6.02 26.50
CA ALA A 187 1.26 6.53 25.18
C ALA A 187 2.36 7.40 24.59
N ALA A 188 2.84 8.38 25.36
CA ALA A 188 3.86 9.30 24.86
C ALA A 188 5.19 8.62 24.59
N ALA A 189 5.46 7.49 25.24
CA ALA A 189 6.72 6.78 25.02
C ALA A 189 6.73 5.99 23.72
N PHE A 190 5.57 5.60 23.21
CA PHE A 190 5.47 4.82 21.98
C PHE A 190 4.64 5.49 20.89
N ASN A 191 4.10 6.70 21.14
CA ASN A 191 3.10 7.31 20.28
C ASN A 191 1.94 6.34 20.03
N ALA A 192 1.43 5.78 21.13
CA ALA A 192 0.43 4.72 21.07
C ALA A 192 -0.66 5.01 22.09
N PRO A 193 -1.58 5.92 21.77
CA PRO A 193 -2.65 6.26 22.72
C PRO A 193 -3.52 5.08 23.11
N ALA A 194 -3.91 4.22 22.16
CA ALA A 194 -4.77 3.09 22.47
C ALA A 194 -4.10 2.13 23.45
N ALA A 195 -2.81 1.87 23.27
CA ALA A 195 -2.11 0.98 24.18
C ALA A 195 -2.01 1.56 25.59
N GLY A 196 -1.87 2.88 25.70
CA GLY A 196 -1.83 3.50 27.02
C GLY A 196 -3.10 3.23 27.83
N ILE A 197 -4.26 3.35 27.18
CA ILE A 197 -5.51 3.09 27.89
C ILE A 197 -5.66 1.60 28.17
N LEU A 198 -5.32 0.75 27.20
CA LEU A 198 -5.43 -0.69 27.41
C LEU A 198 -4.50 -1.17 28.51
N PHE A 199 -3.34 -0.53 28.66
CA PHE A 199 -2.39 -0.95 29.69
C PHE A 199 -2.98 -0.77 31.08
N ILE A 200 -3.68 0.35 31.30
CA ILE A 200 -4.35 0.59 32.56
C ILE A 200 -5.48 -0.42 32.75
N ILE A 201 -6.27 -0.62 31.70
CA ILE A 201 -7.43 -1.50 31.80
C ILE A 201 -7.00 -2.94 32.06
N GLU A 202 -5.95 -3.40 31.39
CA GLU A 202 -5.61 -4.82 31.45
C GLU A 202 -4.59 -5.17 32.52
N GLU A 203 -3.62 -4.30 32.81
CA GLU A 203 -2.48 -4.71 33.60
C GLU A 203 -2.29 -3.96 34.91
N MET A 204 -2.54 -2.66 34.96
CA MET A 204 -2.08 -1.86 36.10
C MET A 204 -3.18 -1.40 37.05
N ARG A 205 -4.45 -1.42 36.65
CA ARG A 205 -5.52 -1.27 37.64
C ARG A 205 -5.39 -2.36 38.71
N PRO A 206 -5.84 -2.09 39.95
CA PRO A 206 -5.92 -3.13 41.00
C PRO A 206 -6.65 -4.35 40.52
N GLN A 207 -6.00 -5.51 40.53
CA GLN A 207 -6.54 -6.70 39.80
C GLN A 207 -7.35 -7.70 40.64
N PHE A 208 -7.54 -7.45 41.93
CA PHE A 208 -8.27 -8.36 42.78
C PHE A 208 -9.45 -7.66 43.46
N ARG A 209 -9.80 -6.44 43.04
CA ARG A 209 -10.89 -5.69 43.64
C ARG A 209 -11.41 -4.67 42.64
N TYR A 210 -12.66 -4.25 42.85
CA TYR A 210 -13.22 -3.15 42.06
C TYR A 210 -12.64 -1.82 42.48
N THR A 211 -12.48 -0.92 41.50
CA THR A 211 -12.11 0.47 41.74
C THR A 211 -12.89 1.30 40.73
N LEU A 212 -12.90 2.61 40.95
CA LEU A 212 -13.55 3.50 39.99
C LEU A 212 -12.46 4.36 39.39
N ILE A 213 -11.56 3.73 38.66
CA ILE A 213 -10.77 4.43 37.66
C ILE A 213 -11.71 4.87 36.56
N SER A 214 -11.81 6.18 36.35
CA SER A 214 -12.69 6.71 35.31
C SER A 214 -11.98 6.59 33.97
N ILE A 215 -12.50 5.74 33.09
CA ILE A 215 -11.83 5.47 31.82
C ILE A 215 -11.87 6.69 30.92
N LYS A 216 -12.99 7.44 30.93
CA LYS A 216 -13.09 8.62 30.08
C LYS A 216 -12.09 9.69 30.50
N ALA A 217 -11.73 9.73 31.78
CA ALA A 217 -10.71 10.67 32.22
C ALA A 217 -9.33 10.22 31.80
N VAL A 218 -9.07 8.91 31.85
CA VAL A 218 -7.84 8.37 31.29
C VAL A 218 -7.73 8.71 29.81
N PHE A 219 -8.88 8.64 29.11
CA PHE A 219 -8.95 9.01 27.71
C PHE A 219 -8.47 10.44 27.48
N ILE A 220 -9.03 11.39 28.24
CA ILE A 220 -8.68 12.81 28.08
C ILE A 220 -7.17 13.02 28.21
N GLY A 221 -6.58 12.52 29.30
CA GLY A 221 -5.18 12.76 29.53
C GLY A 221 -4.30 12.13 28.47
N VAL A 222 -4.72 10.99 27.93
CA VAL A 222 -3.98 10.35 26.84
C VAL A 222 -4.01 11.22 25.60
N ILE A 223 -5.17 11.83 25.30
CA ILE A 223 -5.29 12.67 24.11
C ILE A 223 -4.33 13.85 24.18
N MET A 224 -4.37 14.59 25.30
CA MET A 224 -3.53 15.76 25.43
C MET A 224 -2.06 15.40 25.45
N SER A 225 -1.72 14.27 26.08
CA SER A 225 -0.33 13.84 26.12
C SER A 225 0.17 13.40 24.75
N THR A 226 -0.73 12.90 23.91
CA THR A 226 -0.32 12.48 22.57
C THR A 226 -0.33 13.66 21.60
N ILE A 227 -1.14 14.68 21.87
CA ILE A 227 -1.03 15.93 21.14
C ILE A 227 0.30 16.61 21.44
N MET A 228 0.75 16.55 22.70
CA MET A 228 1.98 17.26 23.07
C MET A 228 3.21 16.66 22.40
N TYR A 229 3.27 15.34 22.22
CA TYR A 229 4.46 14.77 21.61
C TYR A 229 4.45 14.88 20.09
N ARG A 230 3.29 14.97 19.47
CA ARG A 230 3.24 15.17 18.02
C ARG A 230 3.41 16.64 17.65
N ILE A 231 3.34 17.53 18.63
CA ILE A 231 3.75 18.91 18.40
C ILE A 231 5.27 19.00 18.21
N PHE A 232 6.03 18.03 18.74
CA PHE A 232 7.49 18.09 18.67
C PHE A 232 8.12 16.91 17.95
N ASN A 233 7.36 16.15 17.16
CA ASN A 233 7.96 14.97 16.54
C ASN A 233 7.25 14.47 15.27
N CYS A 234 6.23 15.19 14.78
CA CYS A 234 5.49 14.70 13.62
C CYS A 234 6.41 14.44 12.43
N GLU A 235 5.88 13.71 11.46
CA GLU A 235 6.50 13.31 10.19
C GLU A 235 7.51 12.18 10.35
N VAL A 236 7.83 11.74 11.57
CA VAL A 236 8.82 10.69 11.78
C VAL A 236 8.22 9.65 12.73
N ALA A 237 8.32 8.39 12.36
CA ALA A 237 7.80 7.28 13.14
C ALA A 237 8.92 6.59 13.89
N LEU A 238 8.58 6.06 15.07
CA LEU A 238 9.57 5.35 15.88
C LEU A 238 10.13 4.14 15.15
N ILE A 239 9.26 3.35 14.52
CA ILE A 239 9.62 2.19 13.72
C ILE A 239 8.70 2.16 12.51
N ASP A 240 9.26 2.18 11.31
CA ASP A 240 8.49 1.99 10.09
C ASP A 240 8.95 0.68 9.46
N VAL A 241 7.99 -0.18 9.18
CA VAL A 241 8.21 -1.56 8.78
C VAL A 241 7.65 -1.83 7.41
N GLY A 242 6.97 -0.86 6.80
CA GLY A 242 6.29 -1.04 5.53
C GLY A 242 5.07 -1.92 5.68
N LYS A 243 4.41 -2.15 4.55
CA LYS A 243 3.29 -3.08 4.50
C LYS A 243 3.83 -4.46 4.09
N LEU A 244 3.70 -5.42 5.00
CA LEU A 244 4.12 -6.78 4.75
C LEU A 244 2.99 -7.58 4.10
N SER A 245 3.24 -8.86 3.86
CA SER A 245 2.26 -9.71 3.21
C SER A 245 1.19 -10.16 4.21
N ASP A 246 0.15 -10.79 3.66
CA ASP A 246 -0.93 -11.33 4.48
C ASP A 246 -0.54 -12.73 4.99
N ALA A 247 -1.43 -13.31 5.79
CA ALA A 247 -1.19 -14.62 6.40
C ALA A 247 -2.28 -15.59 5.99
N PRO A 248 -1.98 -16.56 5.13
CA PRO A 248 -3.02 -17.53 4.74
C PRO A 248 -3.44 -18.40 5.93
N LEU A 249 -4.68 -18.88 5.86
CA LEU A 249 -5.25 -19.66 6.95
C LEU A 249 -4.42 -20.90 7.25
N ASN A 250 -3.88 -21.55 6.21
CA ASN A 250 -3.11 -22.77 6.39
C ASN A 250 -1.71 -22.52 6.95
N THR A 251 -1.37 -21.28 7.28
CA THR A 251 -0.09 -20.97 7.90
C THR A 251 -0.21 -20.59 9.37
N LEU A 252 -1.44 -20.43 9.88
CA LEU A 252 -1.63 -19.97 11.25
C LEU A 252 -1.03 -20.93 12.26
N TRP A 253 -1.02 -22.23 11.96
CA TRP A 253 -0.43 -23.21 12.88
C TRP A 253 1.01 -22.87 13.21
N LEU A 254 1.73 -22.25 12.28
CA LEU A 254 3.13 -21.90 12.52
C LEU A 254 3.26 -20.82 13.58
N TYR A 255 2.29 -19.90 13.65
CA TYR A 255 2.36 -18.84 14.67
C TYR A 255 2.06 -19.38 16.05
N LEU A 256 1.21 -20.41 16.14
CA LEU A 256 0.94 -21.03 17.43
C LEU A 256 2.18 -21.74 17.95
N ILE A 257 2.95 -22.36 17.06
CA ILE A 257 4.22 -22.96 17.45
C ILE A 257 5.16 -21.88 17.97
N LEU A 258 5.25 -20.75 17.26
CA LEU A 258 6.10 -19.66 17.70
C LEU A 258 5.68 -19.14 19.07
N GLY A 259 4.37 -19.05 19.31
CA GLY A 259 3.90 -18.64 20.63
C GLY A 259 4.26 -19.65 21.72
N ILE A 260 4.18 -20.94 21.39
CA ILE A 260 4.55 -21.98 22.36
C ILE A 260 6.00 -21.82 22.78
N ILE A 261 6.88 -21.50 21.81
CA ILE A 261 8.29 -21.26 22.13
C ILE A 261 8.43 -20.06 23.06
N PHE A 262 7.73 -18.97 22.76
CA PHE A 262 7.75 -17.82 23.64
C PHE A 262 7.16 -18.15 24.99
N GLY A 263 6.16 -19.03 25.03
CA GLY A 263 5.54 -19.40 26.30
C GLY A 263 6.48 -20.18 27.19
N ILE A 264 7.45 -20.88 26.61
CA ILE A 264 8.42 -21.61 27.41
C ILE A 264 9.59 -20.72 27.79
N PHE A 265 9.93 -19.74 26.94
CA PHE A 265 11.02 -18.82 27.24
C PHE A 265 10.61 -17.70 28.19
N GLY A 266 9.37 -17.24 28.11
CA GLY A 266 8.86 -16.18 28.94
C GLY A 266 9.19 -16.30 30.41
N PRO A 267 8.70 -17.36 31.06
CA PRO A 267 9.05 -17.55 32.48
C PRO A 267 10.54 -17.70 32.71
N ILE A 268 11.21 -18.52 31.88
CA ILE A 268 12.66 -18.72 32.04
C ILE A 268 13.38 -17.38 32.06
N PHE A 269 12.97 -16.45 31.20
CA PHE A 269 13.55 -15.11 31.20
C PHE A 269 13.15 -14.33 32.45
N ASN A 270 11.91 -14.51 32.91
CA ASN A 270 11.45 -13.83 34.13
C ASN A 270 12.27 -14.25 35.35
N LYS A 271 12.63 -15.53 35.43
CA LYS A 271 13.43 -16.01 36.54
C LYS A 271 14.84 -15.42 36.50
N TRP A 272 15.37 -15.21 35.29
CA TRP A 272 16.73 -14.67 35.15
C TRP A 272 16.82 -13.24 35.68
N VAL A 273 15.89 -12.37 35.26
CA VAL A 273 15.90 -10.98 35.75
C VAL A 273 15.79 -10.94 37.27
N LEU A 274 14.86 -11.72 37.83
CA LEU A 274 14.70 -11.74 39.28
C LEU A 274 15.95 -12.28 39.96
N GLY A 275 16.44 -13.43 39.49
CA GLY A 275 17.65 -14.00 40.06
C GLY A 275 18.86 -13.10 39.88
N MET A 276 18.94 -12.37 38.77
CA MET A 276 20.06 -11.47 38.55
C MET A 276 19.97 -10.24 39.45
N GLN A 277 18.76 -9.84 39.86
CA GLN A 277 18.63 -8.83 40.89
C GLN A 277 19.32 -9.26 42.17
N ASP A 278 19.16 -10.54 42.53
CA ASP A 278 19.83 -11.07 43.72
C ASP A 278 21.33 -11.14 43.52
N LEU A 279 21.77 -11.78 42.42
CA LEU A 279 23.20 -11.95 42.17
C LEU A 279 23.93 -10.61 42.13
N LEU A 280 23.35 -9.62 41.46
CA LEU A 280 24.00 -8.32 41.38
C LEU A 280 24.02 -7.62 42.73
N HIS A 281 23.04 -7.89 43.59
CA HIS A 281 22.99 -7.23 44.89
C HIS A 281 24.15 -7.68 45.79
N ARG A 282 24.50 -8.97 45.75
CA ARG A 282 25.58 -9.47 46.59
C ARG A 282 26.92 -8.88 46.20
N VAL A 283 27.05 -8.37 44.96
CA VAL A 283 28.30 -7.74 44.56
C VAL A 283 28.52 -6.45 45.33
N HIS A 284 27.45 -5.67 45.54
CA HIS A 284 27.55 -4.43 46.29
C HIS A 284 26.91 -4.51 47.67
N GLY A 285 26.19 -5.58 47.98
CA GLY A 285 25.63 -5.76 49.31
C GLY A 285 24.58 -4.73 49.71
N GLY A 286 24.55 -3.58 49.03
CA GLY A 286 23.61 -2.53 49.36
C GLY A 286 24.23 -1.16 49.51
N ASN A 287 25.55 -1.05 49.37
CA ASN A 287 26.27 0.19 49.62
C ASN A 287 26.27 1.09 48.39
N ILE A 288 26.03 2.37 48.64
CA ILE A 288 25.81 3.42 47.65
C ILE A 288 27.00 3.68 46.71
N THR A 289 28.22 3.43 47.17
CA THR A 289 29.44 3.75 46.43
C THR A 289 29.88 2.56 45.60
N LYS A 290 29.79 1.40 46.24
CA LYS A 290 29.97 0.10 45.60
C LYS A 290 28.93 -0.14 44.52
N TRP A 291 27.65 0.21 44.80
CA TRP A 291 26.58 0.08 43.81
C TRP A 291 26.82 1.00 42.62
N VAL A 292 27.12 2.27 42.87
CA VAL A 292 27.25 3.25 41.81
C VAL A 292 28.51 2.98 40.97
N LEU A 293 29.51 2.32 41.54
CA LEU A 293 30.68 1.95 40.76
C LEU A 293 30.46 0.71 39.91
N MET A 294 29.48 -0.13 40.24
CA MET A 294 29.13 -1.22 39.34
C MET A 294 28.14 -0.78 38.28
N GLY A 295 27.31 0.21 38.59
CA GLY A 295 26.49 0.82 37.55
C GLY A 295 27.30 1.54 36.51
N GLY A 296 28.46 2.07 36.90
CA GLY A 296 29.35 2.68 35.93
C GLY A 296 30.06 1.66 35.06
N ALA A 297 30.26 0.45 35.58
CA ALA A 297 30.89 -0.60 34.81
C ALA A 297 29.92 -1.18 33.78
N ILE A 298 28.64 -1.27 34.14
CA ILE A 298 27.64 -1.75 33.18
C ILE A 298 27.25 -0.65 32.22
N GLY A 299 27.30 0.60 32.66
CA GLY A 299 27.09 1.71 31.75
C GLY A 299 28.22 1.90 30.75
N GLY A 300 29.45 1.68 31.17
CA GLY A 300 30.56 1.77 30.26
C GLY A 300 30.63 0.62 29.29
N LEU A 301 30.20 -0.57 29.73
CA LEU A 301 30.10 -1.71 28.82
C LEU A 301 29.21 -1.39 27.63
N CYS A 302 28.06 -0.78 27.87
CA CYS A 302 27.09 -0.56 26.81
C CYS A 302 27.46 0.62 25.92
N GLY A 303 28.09 1.65 26.48
CA GLY A 303 28.65 2.70 25.65
C GLY A 303 29.81 2.22 24.79
N LEU A 304 30.48 1.17 25.23
CA LEU A 304 31.55 0.57 24.45
C LEU A 304 30.99 -0.38 23.40
N LEU A 305 30.09 -1.28 23.81
CA LEU A 305 29.34 -2.09 22.86
C LEU A 305 28.52 -1.22 21.91
N GLY A 306 28.20 0.00 22.33
CA GLY A 306 27.52 0.96 21.48
C GLY A 306 28.29 1.35 20.24
N PHE A 307 29.61 1.14 20.23
CA PHE A 307 30.43 1.38 19.06
C PHE A 307 31.17 0.16 18.54
N VAL A 308 31.30 -0.89 19.33
CA VAL A 308 31.90 -2.12 18.81
C VAL A 308 30.86 -3.04 18.18
N ALA A 309 29.58 -2.87 18.50
CA ALA A 309 28.50 -3.68 17.96
C ALA A 309 27.16 -3.10 18.38
N PRO A 310 26.67 -2.07 17.67
CA PRO A 310 25.49 -1.34 18.14
C PRO A 310 24.28 -2.20 18.46
N ALA A 311 24.06 -3.30 17.72
CA ALA A 311 22.90 -4.15 17.99
C ALA A 311 22.94 -4.76 19.38
N THR A 312 24.10 -4.85 20.02
CA THR A 312 24.20 -5.40 21.36
C THR A 312 23.60 -4.47 22.42
N SER A 313 23.48 -3.18 22.13
CA SER A 313 23.23 -2.16 23.13
C SER A 313 22.09 -1.26 22.67
N GLY A 314 21.80 -0.24 23.47
CA GLY A 314 20.76 0.71 23.15
C GLY A 314 19.37 0.15 23.39
N GLY A 315 18.38 1.02 23.17
CA GLY A 315 17.00 0.60 23.35
C GLY A 315 16.60 -0.55 22.43
N GLY A 316 17.11 -0.56 21.21
CA GLY A 316 16.84 -1.62 20.27
C GLY A 316 15.81 -1.32 19.21
N PHE A 317 15.21 -0.13 19.23
CA PHE A 317 14.23 0.23 18.20
C PHE A 317 14.84 0.28 16.81
N ASN A 318 16.11 0.69 16.68
CA ASN A 318 16.74 0.80 15.37
C ASN A 318 16.77 -0.55 14.65
N LEU A 319 17.10 -1.63 15.37
CA LEU A 319 17.28 -2.94 14.75
C LEU A 319 15.97 -3.61 14.36
N ILE A 320 14.83 -3.11 14.83
CA ILE A 320 13.56 -3.79 14.58
C ILE A 320 13.20 -3.71 13.10
N PRO A 321 13.25 -2.54 12.45
CA PRO A 321 13.03 -2.52 10.99
C PRO A 321 14.02 -3.37 10.21
N ILE A 322 15.28 -3.42 10.64
CA ILE A 322 16.29 -4.21 9.94
C ILE A 322 15.97 -5.70 10.04
N ALA A 323 15.62 -6.16 11.24
CA ALA A 323 15.34 -7.58 11.43
C ALA A 323 14.10 -8.01 10.66
N THR A 324 13.04 -7.20 10.67
CA THR A 324 11.83 -7.56 9.96
C THR A 324 12.08 -7.75 8.48
N ALA A 325 12.89 -6.88 7.88
CA ALA A 325 13.15 -6.95 6.44
C ALA A 325 14.09 -8.09 6.07
N GLY A 326 14.40 -8.99 7.00
CA GLY A 326 15.28 -10.10 6.71
C GLY A 326 16.69 -9.72 6.34
N ASN A 327 17.16 -8.54 6.76
CA ASN A 327 18.47 -8.04 6.42
C ASN A 327 19.56 -8.51 7.38
N PHE A 328 19.23 -9.39 8.31
CA PHE A 328 20.20 -10.02 9.20
C PHE A 328 20.38 -11.46 8.81
N SER A 329 21.60 -11.96 8.95
CA SER A 329 21.81 -13.40 8.81
C SER A 329 21.32 -14.12 10.06
N MET A 330 21.06 -15.42 9.91
CA MET A 330 20.64 -16.21 11.06
C MET A 330 21.74 -16.24 12.12
N GLY A 331 22.99 -16.29 11.66
CA GLY A 331 24.11 -16.17 12.59
C GLY A 331 24.07 -14.88 13.39
N MET A 332 23.84 -13.76 12.70
CA MET A 332 23.79 -12.48 13.41
C MET A 332 22.59 -12.42 14.33
N LEU A 333 21.45 -12.99 13.91
CA LEU A 333 20.27 -13.02 14.77
C LEU A 333 20.54 -13.77 16.07
N VAL A 334 21.26 -14.89 15.99
CA VAL A 334 21.55 -15.67 17.19
C VAL A 334 22.53 -14.91 18.08
N PHE A 335 23.57 -14.32 17.48
CA PHE A 335 24.47 -13.44 18.23
C PHE A 335 23.70 -12.33 18.94
N ILE A 336 22.94 -11.54 18.18
CA ILE A 336 22.20 -10.41 18.75
C ILE A 336 21.31 -10.86 19.89
N PHE A 337 20.61 -11.99 19.72
CA PHE A 337 19.67 -12.44 20.73
C PHE A 337 20.37 -12.71 22.07
N VAL A 338 21.41 -13.55 22.06
CA VAL A 338 22.05 -13.91 23.32
C VAL A 338 22.83 -12.74 23.89
N ALA A 339 23.46 -11.94 23.02
CA ALA A 339 24.07 -10.69 23.47
C ALA A 339 23.04 -9.78 24.14
N ARG A 340 21.90 -9.58 23.48
CA ARG A 340 20.93 -8.63 24.00
C ARG A 340 20.23 -9.16 25.24
N VAL A 341 20.14 -10.49 25.40
CA VAL A 341 19.58 -11.04 26.63
C VAL A 341 20.53 -10.79 27.80
N ILE A 342 21.83 -10.89 27.55
CA ILE A 342 22.82 -10.56 28.58
C ILE A 342 22.77 -9.08 28.93
N THR A 343 22.94 -8.22 27.93
CA THR A 343 22.90 -6.77 28.16
C THR A 343 21.60 -6.33 28.81
N THR A 344 20.47 -6.96 28.46
CA THR A 344 19.20 -6.53 29.00
C THR A 344 19.11 -6.84 30.49
N LEU A 345 19.47 -8.06 30.88
CA LEU A 345 19.47 -8.43 32.30
C LEU A 345 20.44 -7.56 33.08
N LEU A 346 21.65 -7.35 32.55
CA LEU A 346 22.70 -6.65 33.29
C LEU A 346 22.35 -5.19 33.55
N CYS A 347 21.50 -4.59 32.73
CA CYS A 347 21.07 -3.21 32.95
C CYS A 347 19.83 -3.09 33.83
N PHE A 348 18.83 -3.96 33.60
CA PHE A 348 17.58 -3.86 34.34
C PHE A 348 17.68 -4.46 35.73
N SER A 349 18.31 -5.63 35.86
CA SER A 349 18.46 -6.24 37.18
C SER A 349 19.45 -5.49 38.06
N SER A 350 20.29 -4.63 37.47
CA SER A 350 21.21 -3.82 38.27
C SER A 350 20.49 -2.77 39.09
N GLY A 351 19.26 -2.40 38.74
CA GLY A 351 18.54 -1.36 39.42
C GLY A 351 18.58 0.01 38.75
N ALA A 352 19.24 0.12 37.61
CA ALA A 352 19.27 1.39 36.89
C ALA A 352 17.86 1.83 36.54
N PRO A 353 17.57 3.14 36.59
CA PRO A 353 16.25 3.61 36.17
C PRO A 353 16.10 3.46 34.67
N GLY A 354 15.03 2.79 34.27
CA GLY A 354 14.79 2.46 32.88
C GLY A 354 13.95 1.21 32.79
N GLY A 355 13.17 1.13 31.72
CA GLY A 355 12.22 0.04 31.58
C GLY A 355 12.82 -1.22 30.99
N ILE A 356 12.09 -2.31 31.21
CA ILE A 356 12.36 -3.57 30.51
C ILE A 356 11.41 -3.74 29.33
N PHE A 357 10.33 -2.97 29.27
CA PHE A 357 9.24 -3.17 28.32
C PHE A 357 9.74 -3.12 26.87
N ALA A 358 10.32 -1.98 26.48
CA ALA A 358 10.80 -1.85 25.10
C ALA A 358 11.92 -2.81 24.72
N PRO A 359 12.92 -3.09 25.57
CA PRO A 359 13.93 -4.10 25.18
C PRO A 359 13.36 -5.46 24.82
N MET A 360 12.25 -5.89 25.41
CA MET A 360 11.68 -7.18 25.07
C MET A 360 10.92 -7.15 23.75
N LEU A 361 10.56 -5.97 23.25
CA LEU A 361 10.12 -5.87 21.87
C LEU A 361 11.24 -6.24 20.93
N ALA A 362 12.44 -5.70 21.17
CA ALA A 362 13.59 -6.05 20.34
C ALA A 362 13.88 -7.53 20.40
N LEU A 363 13.91 -8.11 21.60
CA LEU A 363 14.16 -9.53 21.72
C LEU A 363 13.05 -10.34 21.05
N GLY A 364 11.82 -9.83 21.07
CA GLY A 364 10.71 -10.56 20.47
C GLY A 364 10.77 -10.67 18.96
N THR A 365 11.10 -9.58 18.27
CA THR A 365 11.15 -9.65 16.82
C THR A 365 12.39 -10.39 16.35
N VAL A 366 13.52 -10.17 17.02
CA VAL A 366 14.73 -10.84 16.55
C VAL A 366 14.57 -12.36 16.59
N LEU A 367 13.97 -12.91 17.63
CA LEU A 367 13.68 -14.35 17.62
C LEU A 367 12.55 -14.65 16.64
N GLY A 368 11.58 -13.73 16.55
CA GLY A 368 10.53 -13.88 15.55
C GLY A 368 11.08 -14.07 14.14
N THR A 369 12.02 -13.19 13.74
CA THR A 369 12.59 -13.32 12.40
C THR A 369 13.34 -14.64 12.25
N ALA A 370 14.06 -15.06 13.29
CA ALA A 370 14.78 -16.33 13.22
C ALA A 370 13.84 -17.48 12.98
N PHE A 371 12.73 -17.52 13.74
CA PHE A 371 11.68 -18.50 13.46
C PHE A 371 11.12 -18.30 12.06
N GLY A 372 11.05 -17.05 11.60
CA GLY A 372 10.55 -16.80 10.26
C GLY A 372 11.48 -17.33 9.18
N MET A 373 12.78 -17.16 9.36
CA MET A 373 13.74 -17.59 8.35
C MET A 373 13.78 -19.11 8.21
N VAL A 374 13.67 -19.84 9.31
CA VAL A 374 13.61 -21.30 9.22
C VAL A 374 12.31 -21.74 8.56
N ALA A 375 11.20 -21.08 8.92
CA ALA A 375 9.90 -21.46 8.35
C ALA A 375 9.84 -21.23 6.85
N VAL A 376 10.49 -20.19 6.34
CA VAL A 376 10.27 -19.83 4.96
C VAL A 376 10.89 -20.89 4.05
N GLU A 377 11.96 -21.53 4.49
CA GLU A 377 12.70 -22.52 3.71
C GLU A 377 12.42 -23.95 4.14
N LEU A 378 11.54 -24.15 5.13
CA LEU A 378 10.94 -25.46 5.36
C LEU A 378 9.60 -25.59 4.68
N PHE A 379 9.00 -24.48 4.28
CA PHE A 379 7.70 -24.47 3.60
C PHE A 379 7.73 -23.45 2.47
N PRO A 380 8.39 -23.78 1.36
CA PRO A 380 8.30 -22.90 0.19
C PRO A 380 6.91 -22.83 -0.42
N GLN A 381 6.06 -23.82 -0.14
CA GLN A 381 4.69 -23.79 -0.63
C GLN A 381 3.84 -22.75 0.08
N TYR A 382 4.30 -22.26 1.24
CA TYR A 382 3.57 -21.24 1.97
C TYR A 382 3.91 -19.83 1.50
N HIS A 383 5.01 -19.66 0.77
CA HIS A 383 5.42 -18.37 0.23
C HIS A 383 5.53 -17.32 1.35
N LEU A 384 6.27 -17.67 2.39
CA LEU A 384 6.29 -16.87 3.60
C LEU A 384 7.28 -15.72 3.47
N GLU A 385 7.12 -14.74 4.34
CA GLU A 385 8.09 -13.69 4.55
C GLU A 385 8.44 -13.68 6.04
N ALA A 386 9.73 -13.72 6.35
CA ALA A 386 10.17 -13.78 7.74
C ALA A 386 9.61 -12.62 8.55
N GLY A 387 9.38 -11.47 7.92
CA GLY A 387 8.90 -10.31 8.65
C GLY A 387 7.59 -10.52 9.36
N THR A 388 6.68 -11.31 8.79
CA THR A 388 5.37 -11.50 9.42
C THR A 388 5.51 -12.19 10.78
N PHE A 389 6.49 -13.08 10.93
CA PHE A 389 6.73 -13.71 12.23
C PHE A 389 7.60 -12.84 13.11
N ALA A 390 8.29 -11.86 12.53
CA ALA A 390 8.89 -10.78 13.31
C ALA A 390 7.82 -9.96 14.02
N ILE A 391 6.79 -9.55 13.27
CA ILE A 391 5.72 -8.75 13.85
C ILE A 391 4.96 -9.54 14.91
N ALA A 392 4.76 -10.84 14.67
CA ALA A 392 4.02 -11.65 15.62
C ALA A 392 4.80 -11.91 16.89
N GLY A 393 6.14 -12.00 16.79
CA GLY A 393 6.96 -12.20 17.98
C GLY A 393 7.25 -10.94 18.74
N MET A 394 7.07 -9.78 18.10
CA MET A 394 7.36 -8.49 18.72
C MET A 394 6.67 -8.34 20.08
N GLY A 395 5.37 -8.58 20.13
CA GLY A 395 4.62 -8.51 21.36
C GLY A 395 4.52 -9.82 22.12
N ALA A 396 5.27 -10.84 21.70
CA ALA A 396 5.12 -12.17 22.27
C ALA A 396 5.88 -12.30 23.59
N LEU A 397 7.05 -11.70 23.70
CA LEU A 397 7.78 -11.76 24.97
C LEU A 397 7.05 -10.95 26.04
N LEU A 398 6.45 -9.83 25.65
CA LEU A 398 5.54 -9.11 26.54
C LEU A 398 4.41 -10.03 27.02
N ALA A 399 3.83 -10.79 26.10
CA ALA A 399 2.70 -11.65 26.45
C ALA A 399 3.12 -12.80 27.37
N ALA A 400 4.32 -13.34 27.16
CA ALA A 400 4.77 -14.46 27.99
C ALA A 400 5.36 -13.98 29.31
N SER A 401 6.08 -12.86 29.29
CA SER A 401 6.76 -12.34 30.47
C SER A 401 5.88 -11.40 31.28
N ILE A 402 5.40 -10.33 30.66
CA ILE A 402 4.53 -9.38 31.37
C ILE A 402 3.11 -9.95 31.51
N ARG A 403 2.72 -10.82 30.59
CA ARG A 403 1.36 -11.38 30.51
C ARG A 403 0.31 -10.28 30.55
N ALA A 404 0.52 -9.27 29.71
CA ALA A 404 -0.50 -8.32 29.29
C ALA A 404 -0.61 -8.44 27.76
N PRO A 405 -1.24 -9.51 27.26
CA PRO A 405 -1.20 -9.76 25.81
C PRO A 405 -2.02 -8.78 25.00
N LEU A 406 -3.14 -8.30 25.52
CA LEU A 406 -3.96 -7.36 24.76
C LEU A 406 -3.24 -6.02 24.58
N THR A 407 -2.48 -5.56 25.58
CA THR A 407 -1.66 -4.38 25.34
C THR A 407 -0.59 -4.62 24.27
N GLY A 408 0.15 -5.73 24.37
CA GLY A 408 1.24 -5.97 23.43
C GLY A 408 0.82 -5.94 21.97
N ILE A 409 -0.30 -6.60 21.64
CA ILE A 409 -0.70 -6.71 20.24
C ILE A 409 -1.29 -5.39 19.74
N ILE A 410 -2.05 -4.69 20.59
CA ILE A 410 -2.57 -3.40 20.17
C ILE A 410 -1.44 -2.37 20.11
N LEU A 411 -0.43 -2.50 20.98
CA LEU A 411 0.72 -1.61 20.91
C LEU A 411 1.55 -1.91 19.67
N VAL A 412 1.84 -3.18 19.41
CA VAL A 412 2.61 -3.56 18.23
C VAL A 412 1.88 -3.12 16.96
N LEU A 413 0.55 -3.28 16.94
CA LEU A 413 -0.22 -2.86 15.78
C LEU A 413 -0.22 -1.34 15.65
N GLU A 414 -0.22 -0.64 16.79
CA GLU A 414 -0.14 0.81 16.75
C GLU A 414 1.18 1.29 16.18
N MET A 415 2.26 0.51 16.35
CA MET A 415 3.58 0.90 15.91
C MET A 415 3.96 0.37 14.54
N THR A 416 3.36 -0.74 14.10
CA THR A 416 3.73 -1.33 12.81
C THR A 416 2.68 -1.18 11.72
N ASP A 417 1.42 -0.97 12.08
CA ASP A 417 0.37 -0.64 11.11
C ASP A 417 0.27 -1.70 10.01
N ASN A 418 0.21 -2.97 10.42
CA ASN A 418 -0.08 -4.08 9.52
C ASN A 418 -1.25 -4.89 10.11
N TYR A 419 -2.45 -4.32 10.06
CA TYR A 419 -3.61 -4.95 10.67
C TYR A 419 -3.88 -6.34 10.11
N GLN A 420 -3.50 -6.60 8.86
CA GLN A 420 -3.78 -7.89 8.26
C GLN A 420 -3.14 -9.06 9.01
N LEU A 421 -2.24 -8.78 9.94
CA LEU A 421 -1.59 -9.81 10.75
C LEU A 421 -2.19 -9.95 12.14
N ILE A 422 -3.38 -9.39 12.39
CA ILE A 422 -3.90 -9.39 13.77
C ILE A 422 -4.17 -10.81 14.24
N LEU A 423 -4.70 -11.67 13.37
CA LEU A 423 -4.95 -13.05 13.77
C LEU A 423 -3.67 -13.78 14.13
N PRO A 424 -2.64 -13.79 13.30
CA PRO A 424 -1.38 -14.41 13.74
C PRO A 424 -0.75 -13.74 14.96
N MET A 425 -0.85 -12.41 15.08
CA MET A 425 -0.34 -11.75 16.28
C MET A 425 -1.12 -12.17 17.51
N ILE A 426 -2.43 -12.31 17.37
CA ILE A 426 -3.28 -12.78 18.47
C ILE A 426 -2.93 -14.21 18.83
N ILE A 427 -2.66 -15.05 17.82
CA ILE A 427 -2.43 -16.47 18.05
C ILE A 427 -1.09 -16.68 18.74
N THR A 428 -0.07 -15.93 18.32
CA THR A 428 1.24 -16.06 18.96
C THR A 428 1.25 -15.45 20.35
N GLY A 429 0.38 -14.47 20.60
CA GLY A 429 0.27 -13.91 21.94
C GLY A 429 -0.34 -14.86 22.94
N LEU A 430 -1.43 -15.52 22.57
CA LEU A 430 -2.11 -16.40 23.53
C LEU A 430 -1.35 -17.70 23.72
N GLY A 431 -0.75 -18.24 22.66
CA GLY A 431 0.15 -19.37 22.83
C GLY A 431 1.28 -19.07 23.79
N ALA A 432 1.78 -17.84 23.76
CA ALA A 432 2.81 -17.42 24.71
C ALA A 432 2.25 -17.34 26.12
N THR A 433 1.10 -16.66 26.29
CA THR A 433 0.52 -16.51 27.61
C THR A 433 -0.16 -17.78 28.12
N LEU A 434 -0.38 -18.77 27.24
CA LEU A 434 -0.91 -20.05 27.70
C LEU A 434 0.20 -20.93 28.25
N LEU A 435 1.33 -21.01 27.54
CA LEU A 435 2.41 -21.87 27.98
C LEU A 435 3.24 -21.23 29.08
N ALA A 436 3.22 -19.89 29.18
CA ALA A 436 3.81 -19.24 30.35
C ALA A 436 3.06 -19.62 31.61
N GLN A 437 1.73 -19.70 31.53
CA GLN A 437 0.93 -20.14 32.67
C GLN A 437 1.17 -21.61 32.97
N PHE A 438 1.16 -22.46 31.94
CA PHE A 438 1.27 -23.90 32.15
C PHE A 438 2.68 -24.36 32.47
N THR A 439 3.68 -23.49 32.37
CA THR A 439 5.04 -23.80 32.79
C THR A 439 5.42 -23.10 34.09
N GLY A 440 4.43 -22.63 34.85
CA GLY A 440 4.67 -22.03 36.14
C GLY A 440 5.44 -20.72 36.10
N GLY A 441 4.96 -19.76 35.32
CA GLY A 441 5.47 -18.40 35.34
C GLY A 441 4.43 -17.46 35.91
N LYS A 442 4.88 -16.25 36.22
CA LYS A 442 3.99 -15.24 36.77
C LYS A 442 4.29 -13.90 36.06
N PRO A 443 3.29 -13.02 36.04
CA PRO A 443 3.52 -11.68 35.45
C PRO A 443 4.66 -10.97 36.15
N LEU A 444 5.67 -10.58 35.37
CA LEU A 444 6.90 -10.01 35.92
C LEU A 444 6.63 -8.82 36.83
N TYR A 445 5.78 -7.89 36.38
CA TYR A 445 5.51 -6.69 37.18
C TYR A 445 4.88 -7.05 38.51
N SER A 446 3.97 -8.03 38.51
CA SER A 446 3.36 -8.47 39.76
C SER A 446 4.35 -9.23 40.62
N ALA A 447 5.29 -9.95 40.00
CA ALA A 447 6.30 -10.66 40.76
C ALA A 447 7.32 -9.72 41.39
N ILE A 448 7.49 -8.53 40.83
CA ILE A 448 8.43 -7.56 41.38
C ILE A 448 7.77 -6.72 42.48
N LEU A 449 6.48 -6.42 42.31
CA LEU A 449 5.74 -5.80 43.40
C LEU A 449 5.62 -6.74 44.60
N ALA A 450 5.40 -8.03 44.33
CA ALA A 450 5.32 -9.01 45.41
C ALA A 450 6.61 -9.05 46.22
N ARG A 451 7.75 -9.17 45.54
CA ARG A 451 9.03 -9.23 46.26
C ARG A 451 9.35 -7.90 46.92
N THR A 452 8.83 -6.79 46.40
CA THR A 452 9.03 -5.50 47.05
C THR A 452 8.16 -5.39 48.30
N LEU A 453 6.91 -5.84 48.23
CA LEU A 453 6.04 -5.83 49.40
C LEU A 453 6.44 -6.89 50.42
N ALA A 454 7.24 -7.88 50.01
CA ALA A 454 7.65 -8.93 50.93
C ALA A 454 8.74 -8.44 51.88
N LYS A 455 9.71 -7.68 51.35
CA LYS A 455 10.82 -7.19 52.17
C LYS A 455 10.43 -5.96 52.98
N GLN A 456 9.34 -5.28 52.62
CA GLN A 456 8.75 -4.22 53.42
C GLN A 456 8.00 -4.78 54.64
N GLU A 457 8.23 -6.06 54.95
CA GLU A 457 7.55 -6.73 56.04
C GLU A 457 8.49 -7.69 56.74
N ALA A 458 9.31 -8.40 55.96
CA ALA A 458 10.34 -9.26 56.53
C ALA A 458 11.36 -8.50 57.37
N GLU A 459 11.35 -7.16 57.30
CA GLU A 459 12.14 -6.31 58.17
C GLU A 459 11.44 -6.05 59.51
N GLN A 460 10.51 -6.91 59.91
CA GLN A 460 9.78 -6.73 61.16
C GLN A 460 9.71 -8.03 61.94
N ARG B 17 -3.72 -6.68 54.79
CA ARG B 17 -4.03 -6.91 53.38
C ARG B 17 -2.76 -7.11 52.58
N ARG B 18 -1.70 -6.42 52.99
CA ARG B 18 -0.34 -6.57 52.48
C ARG B 18 0.03 -8.04 52.30
N ARG B 19 -0.38 -8.90 53.23
CA ARG B 19 -0.11 -10.33 53.09
C ARG B 19 -1.06 -10.97 52.08
N GLN B 20 -2.34 -10.59 52.10
CA GLN B 20 -3.29 -11.12 51.14
C GLN B 20 -2.91 -10.75 49.72
N LEU B 21 -2.54 -9.48 49.51
CA LEU B 21 -2.07 -9.03 48.20
C LEU B 21 -0.87 -9.84 47.71
N ILE B 22 0.13 -10.02 48.57
CA ILE B 22 1.38 -10.65 48.17
C ILE B 22 1.13 -12.04 47.59
N ARG B 23 0.13 -12.75 48.10
CA ARG B 23 -0.19 -14.07 47.61
C ARG B 23 -1.33 -14.05 46.60
N GLN B 24 -2.01 -12.91 46.41
CA GLN B 24 -2.79 -12.72 45.20
C GLN B 24 -1.89 -12.45 44.00
N LEU B 25 -0.89 -11.57 44.17
CA LEU B 25 0.00 -11.19 43.08
C LEU B 25 0.83 -12.35 42.56
N LEU B 26 1.29 -13.20 43.49
CA LEU B 26 2.12 -14.39 43.14
C LEU B 26 1.21 -15.49 42.59
N GLU B 27 -0.11 -15.31 42.73
CA GLU B 27 -1.09 -16.32 42.23
C GLU B 27 -2.06 -15.64 41.25
N ARG B 28 -1.52 -14.94 40.26
CA ARG B 28 -2.34 -14.25 39.26
C ARG B 28 -2.28 -14.89 37.87
N ASP B 29 -3.40 -14.76 37.15
CA ASP B 29 -3.61 -15.33 35.80
C ASP B 29 -3.29 -16.82 35.78
N LYS B 30 -4.13 -17.57 36.50
CA LYS B 30 -4.00 -19.02 36.59
C LYS B 30 -5.33 -19.69 36.29
N THR B 31 -5.92 -19.35 35.14
CA THR B 31 -7.26 -19.82 34.79
C THR B 31 -7.28 -21.34 34.73
N PRO B 32 -8.26 -22.00 35.37
CA PRO B 32 -8.34 -23.46 35.29
C PRO B 32 -8.48 -23.95 33.85
N LEU B 33 -7.73 -25.01 33.54
CA LEU B 33 -7.70 -25.55 32.18
C LEU B 33 -9.09 -25.94 31.69
N ALA B 34 -9.96 -26.43 32.60
CA ALA B 34 -11.30 -26.84 32.19
C ALA B 34 -12.04 -25.69 31.51
N ILE B 35 -11.84 -24.46 32.00
CA ILE B 35 -12.51 -23.32 31.42
C ILE B 35 -11.92 -22.96 30.06
N LEU B 36 -10.60 -23.04 29.92
CA LEU B 36 -9.97 -22.65 28.67
C LEU B 36 -10.34 -23.61 27.54
N PHE B 37 -10.36 -24.91 27.83
CA PHE B 37 -10.81 -25.87 26.83
C PHE B 37 -12.26 -25.60 26.42
N MET B 38 -13.13 -25.34 27.39
CA MET B 38 -14.52 -25.09 27.08
C MET B 38 -14.72 -23.70 26.46
N ALA B 39 -13.79 -22.77 26.69
CA ALA B 39 -13.79 -21.52 25.96
C ALA B 39 -13.48 -21.76 24.48
N ALA B 40 -12.59 -22.72 24.20
CA ALA B 40 -12.32 -23.09 22.82
C ALA B 40 -13.57 -23.67 22.17
N VAL B 41 -14.33 -24.47 22.91
CA VAL B 41 -15.50 -25.11 22.33
C VAL B 41 -16.60 -24.10 22.04
N VAL B 42 -16.86 -23.17 22.96
CA VAL B 42 -17.96 -22.22 22.76
C VAL B 42 -17.67 -21.30 21.58
N GLY B 43 -16.42 -20.82 21.47
CA GLY B 43 -16.08 -19.97 20.34
C GLY B 43 -16.24 -20.67 19.01
N THR B 44 -15.88 -21.95 18.95
CA THR B 44 -16.06 -22.73 17.73
C THR B 44 -17.54 -22.80 17.35
N LEU B 45 -18.41 -23.09 18.32
CA LEU B 45 -19.84 -23.19 18.03
C LEU B 45 -20.45 -21.83 17.75
N VAL B 46 -19.99 -20.78 18.41
CA VAL B 46 -20.47 -19.44 18.12
C VAL B 46 -20.10 -19.03 16.70
N GLY B 47 -18.86 -19.34 16.28
CA GLY B 47 -18.47 -19.02 14.93
C GLY B 47 -19.35 -19.70 13.90
N LEU B 48 -19.51 -21.03 14.04
CA LEU B 48 -20.37 -21.77 13.11
C LEU B 48 -21.78 -21.21 13.08
N ALA B 49 -22.34 -20.89 14.24
CA ALA B 49 -23.67 -20.30 14.29
C ALA B 49 -23.71 -18.96 13.58
N ALA B 50 -22.72 -18.10 13.84
CA ALA B 50 -22.70 -16.78 13.23
C ALA B 50 -22.53 -16.86 11.72
N VAL B 51 -21.66 -17.75 11.23
CA VAL B 51 -21.52 -17.92 9.79
C VAL B 51 -22.84 -18.40 9.19
N ALA B 52 -23.41 -19.46 9.77
CA ALA B 52 -24.67 -19.98 9.25
C ALA B 52 -25.77 -18.92 9.28
N PHE B 53 -25.81 -18.11 10.33
CA PHE B 53 -26.76 -17.01 10.38
C PHE B 53 -26.49 -16.01 9.26
N ASP B 54 -25.22 -15.72 9.00
CA ASP B 54 -24.87 -14.76 7.95
C ASP B 54 -25.24 -15.28 6.56
N LYS B 55 -24.90 -16.55 6.27
CA LYS B 55 -25.22 -17.12 4.97
C LYS B 55 -26.73 -17.26 4.78
N GLY B 56 -27.46 -17.54 5.86
CA GLY B 56 -28.91 -17.62 5.77
C GLY B 56 -29.53 -16.28 5.41
N VAL B 57 -29.10 -15.21 6.07
CA VAL B 57 -29.70 -13.91 5.80
C VAL B 57 -29.41 -13.52 4.36
N ALA B 58 -28.20 -13.82 3.88
CA ALA B 58 -27.84 -13.57 2.49
C ALA B 58 -28.63 -14.45 1.52
N TRP B 59 -28.87 -15.71 1.89
CA TRP B 59 -29.64 -16.56 1.01
C TRP B 59 -31.07 -16.02 0.83
N LEU B 60 -31.68 -15.54 1.92
CA LEU B 60 -32.99 -14.90 1.84
C LEU B 60 -32.88 -13.56 1.10
N GLN B 61 -31.69 -12.95 1.16
CA GLN B 61 -31.41 -11.66 0.52
C GLN B 61 -31.65 -11.70 -0.98
N ASN B 62 -31.26 -12.79 -1.66
CA ASN B 62 -31.41 -12.87 -3.11
C ASN B 62 -32.60 -13.73 -3.56
N GLN B 63 -32.97 -14.76 -2.78
CA GLN B 63 -34.28 -15.41 -2.95
C GLN B 63 -35.36 -14.34 -3.10
N ARG B 64 -35.29 -13.34 -2.24
CA ARG B 64 -36.20 -12.22 -2.32
C ARG B 64 -35.87 -11.33 -3.50
N MET B 65 -34.58 -11.21 -3.85
CA MET B 65 -34.20 -10.45 -5.03
C MET B 65 -34.59 -11.17 -6.31
N GLY B 66 -34.35 -12.48 -6.38
CA GLY B 66 -34.72 -13.23 -7.57
C GLY B 66 -36.22 -13.24 -7.80
N ALA B 67 -37.00 -13.11 -6.72
CA ALA B 67 -38.43 -12.91 -6.89
C ALA B 67 -38.71 -11.58 -7.57
N LEU B 68 -37.93 -10.54 -7.24
CA LEU B 68 -38.08 -9.24 -7.88
C LEU B 68 -37.80 -9.30 -9.39
N VAL B 69 -37.37 -10.44 -9.93
CA VAL B 69 -37.04 -10.48 -11.35
C VAL B 69 -38.11 -11.13 -12.23
N HIS B 70 -38.82 -12.14 -11.70
CA HIS B 70 -40.01 -12.65 -12.40
C HIS B 70 -41.19 -11.72 -12.29
N THR B 71 -40.98 -10.55 -11.71
CA THR B 71 -42.06 -9.60 -11.52
C THR B 71 -41.69 -8.17 -11.94
N ALA B 72 -40.57 -7.97 -12.63
CA ALA B 72 -40.02 -6.63 -12.81
C ALA B 72 -40.73 -5.77 -13.86
N ASP B 73 -41.71 -6.32 -14.59
CA ASP B 73 -42.48 -5.46 -15.49
C ASP B 73 -43.60 -4.72 -14.77
N ASN B 74 -44.55 -5.45 -14.18
CA ASN B 74 -45.70 -4.84 -13.52
C ASN B 74 -45.24 -4.08 -12.29
N TYR B 75 -44.92 -2.80 -12.46
CA TYR B 75 -44.47 -1.97 -11.34
C TYR B 75 -45.37 -2.04 -10.12
N PRO B 76 -46.71 -2.06 -10.22
CA PRO B 76 -47.51 -2.31 -9.00
C PRO B 76 -47.26 -3.69 -8.40
N LEU B 77 -47.32 -4.75 -9.22
CA LEU B 77 -47.02 -6.11 -8.76
C LEU B 77 -45.67 -6.19 -8.04
N LEU B 78 -44.65 -5.47 -8.51
CA LEU B 78 -43.31 -5.64 -7.95
C LEU B 78 -43.16 -4.98 -6.60
N LEU B 79 -43.74 -3.79 -6.44
CA LEU B 79 -43.82 -3.17 -5.13
C LEU B 79 -44.73 -3.97 -4.22
N THR B 80 -45.57 -4.82 -4.81
CA THR B 80 -46.34 -5.77 -4.03
C THR B 80 -45.44 -6.94 -3.61
N VAL B 81 -44.74 -7.57 -4.56
CA VAL B 81 -43.94 -8.73 -4.16
C VAL B 81 -42.84 -8.32 -3.19
N ALA B 82 -42.41 -7.05 -3.22
CA ALA B 82 -41.42 -6.59 -2.25
C ALA B 82 -42.01 -6.50 -0.84
N PHE B 83 -43.21 -5.94 -0.70
CA PHE B 83 -43.80 -5.76 0.62
C PHE B 83 -44.11 -7.10 1.29
N LEU B 84 -44.88 -7.92 0.57
CA LEU B 84 -45.34 -9.26 1.03
C LEU B 84 -44.15 -10.18 1.36
N ALA B 85 -43.18 -10.30 0.45
CA ALA B 85 -42.06 -11.22 0.73
C ALA B 85 -41.35 -10.85 2.04
N SER B 86 -41.21 -9.55 2.31
CA SER B 86 -40.59 -9.08 3.55
C SER B 86 -41.56 -9.06 4.73
N ALA B 87 -42.85 -8.81 4.49
CA ALA B 87 -43.82 -8.84 5.58
C ALA B 87 -43.92 -10.22 6.20
N VAL B 88 -44.03 -11.26 5.36
CA VAL B 88 -44.11 -12.63 5.86
C VAL B 88 -42.88 -12.99 6.66
N LEU B 89 -41.69 -12.73 6.10
CA LEU B 89 -40.45 -13.03 6.81
C LEU B 89 -40.37 -12.28 8.14
N ALA B 90 -40.81 -11.02 8.15
CA ALA B 90 -40.84 -10.27 9.40
C ALA B 90 -41.83 -10.90 10.37
N MET B 91 -43.07 -11.14 9.92
CA MET B 91 -44.08 -11.77 10.78
C MET B 91 -43.57 -13.08 11.35
N PHE B 92 -42.74 -13.78 10.58
CA PHE B 92 -42.14 -15.07 11.03
C PHE B 92 -41.15 -14.83 12.18
N GLY B 93 -40.56 -13.62 12.25
CA GLY B 93 -39.61 -13.33 13.30
C GLY B 93 -40.29 -12.79 14.52
N TYR B 94 -41.27 -11.89 14.32
CA TYR B 94 -42.03 -11.38 15.46
C TYR B 94 -42.77 -12.50 16.19
N PHE B 95 -43.36 -13.42 15.43
CA PHE B 95 -44.11 -14.52 16.02
C PHE B 95 -43.19 -15.40 16.87
N LEU B 96 -42.05 -15.82 16.31
CA LEU B 96 -41.19 -16.77 16.99
C LEU B 96 -40.59 -16.25 18.30
N VAL B 97 -40.58 -14.94 18.52
CA VAL B 97 -40.07 -14.37 19.77
C VAL B 97 -41.19 -14.10 20.76
N ARG B 98 -42.34 -13.66 20.28
CA ARG B 98 -43.44 -13.37 21.20
C ARG B 98 -44.11 -14.64 21.73
N LYS B 99 -44.00 -15.75 21.02
CA LYS B 99 -44.70 -16.96 21.47
C LYS B 99 -43.80 -17.93 22.25
N TYR B 100 -42.49 -18.00 21.95
CA TYR B 100 -41.61 -18.97 22.61
C TYR B 100 -40.41 -18.35 23.34
N ALA B 101 -40.08 -17.08 23.12
CA ALA B 101 -38.90 -16.51 23.76
C ALA B 101 -38.97 -15.00 23.81
N PRO B 102 -39.73 -14.44 24.74
CA PRO B 102 -39.93 -12.98 24.76
C PRO B 102 -38.66 -12.16 24.93
N GLU B 103 -37.65 -12.71 25.60
CA GLU B 103 -36.40 -11.97 25.84
C GLU B 103 -35.44 -12.05 24.66
N ALA B 104 -35.86 -12.66 23.55
CA ALA B 104 -35.08 -12.67 22.32
C ALA B 104 -35.48 -11.55 21.38
N GLY B 105 -36.34 -10.64 21.82
CA GLY B 105 -36.66 -9.48 21.01
C GLY B 105 -35.65 -8.37 21.18
N GLY B 106 -35.69 -7.42 20.25
CA GLY B 106 -34.73 -6.33 20.28
C GLY B 106 -33.31 -6.84 20.12
N SER B 107 -32.38 -6.16 20.78
CA SER B 107 -30.95 -6.44 20.62
C SER B 107 -30.57 -7.80 21.21
N GLY B 108 -30.69 -7.95 22.53
CA GLY B 108 -30.29 -9.14 23.23
C GLY B 108 -28.98 -9.00 23.98
N ILE B 109 -28.20 -7.98 23.64
CA ILE B 109 -27.00 -7.59 24.36
C ILE B 109 -27.34 -7.25 25.81
N PRO B 110 -28.33 -6.40 26.09
CA PRO B 110 -28.65 -6.11 27.49
C PRO B 110 -29.15 -7.32 28.26
N GLU B 111 -29.89 -8.22 27.60
CA GLU B 111 -30.29 -9.45 28.28
C GLU B 111 -29.07 -10.30 28.65
N ILE B 112 -28.05 -10.27 27.80
CA ILE B 112 -26.83 -11.03 28.06
C ILE B 112 -26.01 -10.34 29.15
N GLU B 113 -26.13 -9.03 29.29
CA GLU B 113 -25.47 -8.34 30.40
C GLU B 113 -26.19 -8.57 31.72
N GLY B 114 -27.52 -8.63 31.68
CA GLY B 114 -28.27 -9.06 32.85
C GLY B 114 -27.80 -10.39 33.37
N ALA B 115 -27.62 -11.36 32.47
CA ALA B 115 -27.16 -12.68 32.87
C ALA B 115 -25.81 -12.62 33.56
N LEU B 116 -24.91 -11.75 33.09
CA LEU B 116 -23.58 -11.66 33.67
C LEU B 116 -23.56 -11.02 35.05
N GLU B 117 -24.60 -10.25 35.38
CA GLU B 117 -24.79 -9.76 36.74
C GLU B 117 -25.77 -10.62 37.51
N ASP B 118 -26.07 -11.82 36.99
CA ASP B 118 -26.94 -12.77 37.67
C ASP B 118 -28.31 -12.16 37.91
N GLN B 119 -28.83 -11.50 36.87
CA GLN B 119 -30.07 -10.76 36.97
C GLN B 119 -31.07 -11.10 35.88
N ARG B 120 -30.76 -12.05 35.01
CA ARG B 120 -31.64 -12.50 33.97
C ARG B 120 -31.30 -13.95 33.69
N PRO B 121 -32.28 -14.80 33.39
CA PRO B 121 -31.96 -16.17 32.99
C PRO B 121 -31.61 -16.22 31.51
N VAL B 122 -30.71 -17.14 31.17
CA VAL B 122 -30.36 -17.37 29.78
C VAL B 122 -30.96 -18.70 29.36
N ARG B 123 -32.15 -18.65 28.76
CA ARG B 123 -32.90 -19.85 28.39
C ARG B 123 -32.43 -20.31 27.02
N TRP B 124 -31.25 -20.95 27.00
CA TRP B 124 -30.63 -21.32 25.73
C TRP B 124 -31.45 -22.35 24.97
N TRP B 125 -32.20 -23.19 25.67
CA TRP B 125 -33.05 -24.18 25.00
C TRP B 125 -34.15 -23.52 24.17
N ARG B 126 -34.43 -22.25 24.41
CA ARG B 126 -35.47 -21.53 23.68
C ARG B 126 -34.93 -20.37 22.85
N VAL B 127 -33.90 -19.67 23.34
CA VAL B 127 -33.44 -18.47 22.65
C VAL B 127 -32.60 -18.82 21.43
N LEU B 128 -31.85 -19.93 21.48
CA LEU B 128 -31.03 -20.31 20.33
C LEU B 128 -31.86 -20.61 19.09
N PRO B 129 -32.90 -21.45 19.13
CA PRO B 129 -33.72 -21.60 17.92
C PRO B 129 -34.52 -20.36 17.58
N VAL B 130 -35.01 -19.65 18.59
CA VAL B 130 -35.89 -18.51 18.34
C VAL B 130 -35.13 -17.36 17.67
N LYS B 131 -34.04 -16.90 18.29
CA LYS B 131 -33.37 -15.71 17.76
C LYS B 131 -32.68 -16.01 16.43
N PHE B 132 -32.09 -17.21 16.30
CA PHE B 132 -31.51 -17.65 15.03
C PHE B 132 -32.58 -17.57 13.94
N PHE B 133 -33.62 -18.38 14.06
CA PHE B 133 -34.64 -18.41 13.02
C PHE B 133 -35.46 -17.13 12.99
N GLY B 134 -35.68 -16.51 14.16
CA GLY B 134 -36.35 -15.22 14.17
C GLY B 134 -35.57 -14.14 13.47
N GLY B 135 -34.26 -14.07 13.75
CA GLY B 135 -33.42 -13.08 13.10
C GLY B 135 -33.32 -13.28 11.59
N LEU B 136 -33.25 -14.54 11.16
CA LEU B 136 -33.26 -14.84 9.72
C LEU B 136 -34.41 -14.14 9.01
N GLY B 137 -35.60 -14.16 9.61
CA GLY B 137 -36.74 -13.50 9.00
C GLY B 137 -36.62 -11.99 9.06
N THR B 138 -36.14 -11.47 10.20
CA THR B 138 -36.06 -10.03 10.39
C THR B 138 -34.96 -9.42 9.54
N LEU B 139 -33.76 -10.00 9.58
CA LEU B 139 -32.66 -9.45 8.79
C LEU B 139 -32.74 -9.88 7.34
N GLY B 140 -33.22 -11.10 7.07
CA GLY B 140 -33.40 -11.55 5.71
C GLY B 140 -34.49 -10.83 4.96
N GLY B 141 -35.45 -10.25 5.67
CA GLY B 141 -36.46 -9.42 5.03
C GLY B 141 -36.02 -8.01 4.75
N GLY B 142 -34.82 -7.62 5.20
CA GLY B 142 -34.26 -6.32 4.87
C GLY B 142 -34.63 -5.19 5.80
N MET B 143 -34.86 -5.46 7.08
CA MET B 143 -35.15 -4.41 8.04
C MET B 143 -33.83 -3.78 8.49
N VAL B 144 -33.90 -2.55 9.00
CA VAL B 144 -32.66 -1.90 9.40
C VAL B 144 -32.27 -2.32 10.82
N LEU B 145 -31.59 -3.47 10.90
CA LEU B 145 -31.10 -3.99 12.16
C LEU B 145 -29.84 -4.78 11.86
N GLY B 146 -29.01 -4.93 12.87
CA GLY B 146 -27.72 -5.54 12.72
C GLY B 146 -27.63 -6.97 13.23
N ARG B 147 -26.63 -7.68 12.70
CA ARG B 147 -26.36 -9.04 13.12
C ARG B 147 -25.79 -9.10 14.53
N GLU B 148 -25.20 -8.01 15.02
CA GLU B 148 -24.57 -8.00 16.34
C GLU B 148 -25.52 -8.48 17.43
N GLY B 149 -26.77 -7.99 17.42
CA GLY B 149 -27.75 -8.36 18.39
C GLY B 149 -27.93 -9.87 18.51
N PRO B 150 -28.40 -10.49 17.44
CA PRO B 150 -28.50 -11.96 17.41
C PRO B 150 -27.24 -12.68 17.82
N THR B 151 -26.10 -12.38 17.17
CA THR B 151 -24.92 -13.20 17.36
C THR B 151 -24.38 -13.12 18.78
N VAL B 152 -24.51 -11.98 19.46
CA VAL B 152 -24.00 -11.90 20.83
C VAL B 152 -24.92 -12.67 21.78
N GLN B 153 -26.24 -12.45 21.69
CA GLN B 153 -27.12 -13.19 22.61
C GLN B 153 -27.14 -14.67 22.24
N ILE B 154 -27.19 -14.99 20.95
CA ILE B 154 -27.01 -16.37 20.52
C ILE B 154 -25.70 -16.91 21.07
N GLY B 155 -24.62 -16.15 20.92
CA GLY B 155 -23.32 -16.62 21.38
C GLY B 155 -23.26 -16.77 22.89
N GLY B 156 -23.90 -15.86 23.62
CA GLY B 156 -23.98 -15.99 25.06
C GLY B 156 -24.74 -17.22 25.48
N ASN B 157 -25.90 -17.46 24.87
CA ASN B 157 -26.71 -18.63 25.19
C ASN B 157 -25.95 -19.92 24.92
N ILE B 158 -25.14 -19.95 23.86
CA ILE B 158 -24.30 -21.13 23.62
C ILE B 158 -23.28 -21.29 24.74
N GLY B 159 -22.83 -20.18 25.32
CA GLY B 159 -21.91 -20.27 26.44
C GLY B 159 -22.53 -20.98 27.64
N ARG B 160 -23.83 -20.74 27.89
CA ARG B 160 -24.56 -21.41 28.95
C ARG B 160 -24.96 -22.83 28.54
N MET B 161 -25.15 -23.07 27.25
CA MET B 161 -25.44 -24.43 26.79
C MET B 161 -24.31 -25.40 27.11
N VAL B 162 -23.06 -24.99 26.86
CA VAL B 162 -21.91 -25.84 27.14
C VAL B 162 -21.54 -25.73 28.62
N LEU B 163 -22.09 -24.69 29.24
CA LEU B 163 -21.94 -24.49 30.71
C LEU B 163 -22.83 -25.52 31.42
N ASP B 164 -23.96 -25.90 30.78
CA ASP B 164 -24.85 -26.90 31.36
C ASP B 164 -24.53 -28.31 30.87
N ILE B 165 -24.27 -28.49 29.58
CA ILE B 165 -24.06 -29.83 29.01
C ILE B 165 -23.01 -30.63 29.79
N PHE B 166 -21.88 -29.99 30.13
CA PHE B 166 -20.79 -30.62 30.87
C PHE B 166 -20.80 -30.27 32.36
N ARG B 167 -21.88 -29.68 32.83
CA ARG B 167 -22.10 -29.29 34.22
C ARG B 167 -20.85 -28.77 34.91
N LEU B 168 -20.19 -27.79 34.31
CA LEU B 168 -19.21 -27.03 35.07
C LEU B 168 -19.95 -25.99 35.90
N LYS B 169 -19.41 -25.69 37.07
CA LYS B 169 -19.96 -24.60 37.87
C LYS B 169 -18.83 -24.03 38.72
N GLY B 170 -19.20 -23.05 39.54
CA GLY B 170 -18.28 -22.03 40.01
C GLY B 170 -18.78 -20.74 39.41
N ASP B 171 -18.59 -19.62 40.10
CA ASP B 171 -19.04 -18.35 39.53
C ASP B 171 -18.35 -18.05 38.21
N GLU B 172 -17.03 -18.29 38.10
CA GLU B 172 -16.38 -17.87 36.85
C GLU B 172 -16.86 -18.69 35.66
N ALA B 173 -16.90 -20.03 35.80
CA ALA B 173 -17.38 -20.88 34.72
C ALA B 173 -18.69 -20.36 34.14
N ARG B 174 -19.58 -19.90 35.01
CA ARG B 174 -20.82 -19.28 34.57
C ARG B 174 -20.54 -17.95 33.88
N HIS B 175 -19.68 -17.12 34.47
CA HIS B 175 -19.47 -15.77 33.95
C HIS B 175 -18.57 -15.74 32.71
N THR B 176 -17.44 -16.44 32.74
CA THR B 176 -16.53 -16.42 31.60
C THR B 176 -17.17 -17.06 30.38
N LEU B 177 -17.56 -18.34 30.49
CA LEU B 177 -18.14 -19.05 29.35
C LEU B 177 -19.30 -18.29 28.73
N LEU B 178 -20.05 -17.54 29.53
CA LEU B 178 -21.08 -16.68 28.98
C LEU B 178 -20.50 -15.41 28.37
N ALA B 179 -19.38 -14.93 28.90
CA ALA B 179 -18.74 -13.74 28.35
C ALA B 179 -18.04 -14.03 27.03
N THR B 180 -17.29 -15.14 26.96
CA THR B 180 -16.56 -15.44 25.73
C THR B 180 -17.51 -15.73 24.58
N GLY B 181 -18.64 -16.39 24.88
CA GLY B 181 -19.65 -16.59 23.84
C GLY B 181 -20.18 -15.28 23.30
N ALA B 182 -20.31 -14.28 24.15
CA ALA B 182 -20.79 -12.97 23.72
C ALA B 182 -19.72 -12.22 22.92
N ALA B 183 -18.46 -12.30 23.37
CA ALA B 183 -17.38 -11.67 22.63
C ALA B 183 -17.16 -12.34 21.29
N ALA B 184 -17.14 -13.68 21.28
CA ALA B 184 -17.08 -14.43 20.02
C ALA B 184 -18.22 -14.04 19.09
N GLY B 185 -19.37 -13.66 19.65
CA GLY B 185 -20.48 -13.28 18.81
C GLY B 185 -20.29 -11.91 18.16
N LEU B 186 -19.71 -10.96 18.90
CA LEU B 186 -19.42 -9.66 18.31
C LEU B 186 -18.28 -9.75 17.32
N ALA B 187 -17.21 -10.46 17.67
CA ALA B 187 -16.09 -10.65 16.75
C ALA B 187 -16.55 -11.23 15.42
N ALA B 188 -17.30 -12.33 15.47
CA ALA B 188 -17.76 -12.98 14.24
C ALA B 188 -18.74 -12.12 13.46
N ALA B 189 -19.43 -11.19 14.12
CA ALA B 189 -20.39 -10.33 13.43
C ALA B 189 -19.72 -9.22 12.65
N PHE B 190 -18.52 -8.81 13.03
CA PHE B 190 -17.81 -7.73 12.35
C PHE B 190 -16.44 -8.13 11.82
N ASN B 191 -16.02 -9.39 12.00
CA ASN B 191 -14.64 -9.81 11.75
C ASN B 191 -13.67 -8.89 12.49
N ALA B 192 -13.93 -8.70 13.78
CA ALA B 192 -13.20 -7.75 14.61
C ALA B 192 -12.89 -8.40 15.94
N PRO B 193 -11.86 -9.26 15.99
CA PRO B 193 -11.54 -9.93 17.26
C PRO B 193 -11.18 -8.97 18.38
N ALA B 194 -10.39 -7.93 18.10
CA ALA B 194 -10.00 -6.98 19.15
C ALA B 194 -11.21 -6.27 19.74
N ALA B 195 -12.17 -5.88 18.89
CA ALA B 195 -13.37 -5.22 19.38
C ALA B 195 -14.22 -6.17 20.22
N GLY B 196 -14.23 -7.46 19.88
CA GLY B 196 -14.98 -8.43 20.67
C GLY B 196 -14.51 -8.48 22.12
N ILE B 197 -13.20 -8.49 22.33
CA ILE B 197 -12.66 -8.54 23.68
C ILE B 197 -12.88 -7.22 24.41
N LEU B 198 -12.64 -6.10 23.72
CA LEU B 198 -12.81 -4.80 24.34
C LEU B 198 -14.25 -4.57 24.77
N PHE B 199 -15.21 -5.10 24.03
CA PHE B 199 -16.62 -4.90 24.37
C PHE B 199 -16.96 -5.55 25.71
N ILE B 200 -16.39 -6.73 25.98
CA ILE B 200 -16.66 -7.42 27.24
C ILE B 200 -16.10 -6.63 28.42
N ILE B 201 -14.81 -6.26 28.35
CA ILE B 201 -14.15 -5.60 29.47
C ILE B 201 -14.73 -4.21 29.72
N GLU B 202 -15.07 -3.47 28.67
CA GLU B 202 -15.45 -2.07 28.82
C GLU B 202 -16.94 -1.89 29.05
N GLU B 203 -17.78 -2.73 28.43
CA GLU B 203 -19.20 -2.45 28.48
C GLU B 203 -19.99 -3.60 29.08
N MET B 204 -19.58 -4.84 28.86
CA MET B 204 -20.44 -5.96 29.17
C MET B 204 -20.07 -6.68 30.45
N ARG B 205 -18.86 -6.48 30.98
CA ARG B 205 -18.58 -6.88 32.36
C ARG B 205 -19.55 -6.23 33.34
N PRO B 206 -19.88 -6.90 34.45
CA PRO B 206 -20.52 -6.18 35.57
C PRO B 206 -19.68 -4.97 35.93
N GLN B 207 -20.30 -3.79 35.98
CA GLN B 207 -19.54 -2.55 35.97
C GLN B 207 -19.57 -1.80 37.28
N PHE B 208 -19.97 -2.45 38.37
CA PHE B 208 -19.91 -1.83 39.69
C PHE B 208 -19.33 -2.76 40.74
N ARG B 209 -18.82 -3.92 40.35
CA ARG B 209 -18.27 -4.86 41.31
C ARG B 209 -17.25 -5.75 40.62
N TYR B 210 -16.37 -6.33 41.41
CA TYR B 210 -15.40 -7.26 40.86
C TYR B 210 -16.09 -8.53 40.39
N THR B 211 -15.54 -9.09 39.32
CA THR B 211 -15.97 -10.38 38.80
C THR B 211 -14.76 -11.12 38.28
N LEU B 212 -14.96 -12.42 38.01
CA LEU B 212 -13.85 -13.30 37.56
C LEU B 212 -13.97 -13.64 36.06
N ILE B 213 -14.22 -12.65 35.21
CA ILE B 213 -14.26 -12.91 33.74
C ILE B 213 -12.82 -13.15 33.30
N SER B 214 -12.46 -14.41 32.99
CA SER B 214 -11.07 -14.70 32.66
C SER B 214 -10.79 -14.19 31.24
N ILE B 215 -9.91 -13.19 31.14
CA ILE B 215 -9.65 -12.56 29.85
C ILE B 215 -8.96 -13.54 28.91
N LYS B 216 -8.07 -14.39 29.45
CA LYS B 216 -7.37 -15.35 28.61
C LYS B 216 -8.34 -16.37 27.99
N ALA B 217 -9.44 -16.66 28.67
CA ALA B 217 -10.45 -17.55 28.09
C ALA B 217 -11.28 -16.86 27.03
N VAL B 218 -11.61 -15.58 27.24
CA VAL B 218 -12.30 -14.80 26.22
C VAL B 218 -11.46 -14.73 24.96
N PHE B 219 -10.14 -14.59 25.11
CA PHE B 219 -9.24 -14.58 23.96
C PHE B 219 -9.38 -15.86 23.15
N ILE B 220 -9.32 -17.01 23.83
CA ILE B 220 -9.40 -18.31 23.14
C ILE B 220 -10.67 -18.39 22.30
N GLY B 221 -11.82 -18.10 22.91
CA GLY B 221 -13.08 -18.25 22.20
C GLY B 221 -13.23 -17.27 21.04
N VAL B 222 -12.66 -16.08 21.18
CA VAL B 222 -12.76 -15.09 20.10
C VAL B 222 -11.99 -15.55 18.87
N ILE B 223 -10.78 -16.08 19.06
CA ILE B 223 -9.98 -16.52 17.91
C ILE B 223 -10.66 -17.66 17.18
N MET B 224 -11.17 -18.65 17.92
CA MET B 224 -11.79 -19.81 17.29
C MET B 224 -13.04 -19.41 16.52
N SER B 225 -13.80 -18.44 17.03
CA SER B 225 -15.02 -18.01 16.36
C SER B 225 -14.73 -17.23 15.09
N THR B 226 -13.66 -16.44 15.07
CA THR B 226 -13.35 -15.69 13.85
C THR B 226 -12.48 -16.48 12.90
N ILE B 227 -11.75 -17.48 13.38
CA ILE B 227 -11.10 -18.41 12.45
C ILE B 227 -12.15 -19.13 11.64
N MET B 228 -13.26 -19.51 12.28
CA MET B 228 -14.35 -20.16 11.57
C MET B 228 -15.01 -19.19 10.60
N TYR B 229 -15.01 -17.89 10.93
CA TYR B 229 -15.58 -16.90 10.01
C TYR B 229 -14.64 -16.61 8.85
N ARG B 230 -13.33 -16.82 9.03
CA ARG B 230 -12.42 -16.67 7.91
C ARG B 230 -12.31 -17.91 7.05
N ILE B 231 -12.80 -19.06 7.54
CA ILE B 231 -12.86 -20.23 6.68
C ILE B 231 -13.96 -20.08 5.63
N PHE B 232 -14.98 -19.25 5.91
CA PHE B 232 -16.12 -19.10 5.01
C PHE B 232 -16.34 -17.66 4.56
N ASN B 233 -15.31 -16.79 4.62
CA ASN B 233 -15.52 -15.40 4.23
C ASN B 233 -14.26 -14.67 3.77
N CYS B 234 -13.11 -15.32 3.70
CA CYS B 234 -11.87 -14.64 3.35
C CYS B 234 -11.94 -14.01 1.96
N GLU B 235 -10.99 -13.10 1.71
CA GLU B 235 -10.78 -12.40 0.44
C GLU B 235 -11.82 -11.30 0.20
N VAL B 236 -12.83 -11.22 1.06
CA VAL B 236 -13.88 -10.20 0.94
C VAL B 236 -14.07 -9.57 2.30
N ALA B 237 -14.06 -8.24 2.34
CA ALA B 237 -14.21 -7.49 3.58
C ALA B 237 -15.61 -6.92 3.69
N LEU B 238 -16.10 -6.81 4.93
CA LEU B 238 -17.42 -6.23 5.17
C LEU B 238 -17.50 -4.81 4.66
N ILE B 239 -16.46 -4.02 4.91
CA ILE B 239 -16.42 -2.62 4.50
C ILE B 239 -15.01 -2.34 3.99
N ASP B 240 -14.90 -1.90 2.74
CA ASP B 240 -13.63 -1.49 2.16
C ASP B 240 -13.69 -0.01 1.81
N VAL B 241 -12.75 0.75 2.34
CA VAL B 241 -12.77 2.20 2.28
C VAL B 241 -11.52 2.77 1.62
N GLY B 242 -10.53 1.95 1.33
CA GLY B 242 -9.26 2.43 0.83
C GLY B 242 -8.48 3.13 1.93
N LYS B 243 -7.32 3.65 1.53
CA LYS B 243 -6.49 4.46 2.42
C LYS B 243 -6.86 5.92 2.25
N LEU B 244 -7.37 6.53 3.31
CA LEU B 244 -7.70 7.95 3.28
C LEU B 244 -6.47 8.77 3.62
N SER B 245 -6.63 10.10 3.64
CA SER B 245 -5.52 10.97 3.94
C SER B 245 -5.26 11.03 5.44
N ASP B 246 -4.16 11.68 5.81
CA ASP B 246 -3.83 11.87 7.21
C ASP B 246 -4.56 13.10 7.75
N ALA B 247 -4.40 13.37 9.03
CA ALA B 247 -5.07 14.50 9.67
C ALA B 247 -4.04 15.43 10.31
N PRO B 248 -3.79 16.60 9.72
CA PRO B 248 -2.83 17.53 10.32
C PRO B 248 -3.31 18.07 11.65
N LEU B 249 -2.34 18.46 12.49
CA LEU B 249 -2.66 18.93 13.85
C LEU B 249 -3.62 20.12 13.83
N ASN B 250 -3.45 21.03 12.86
CA ASN B 250 -4.29 22.22 12.79
C ASN B 250 -5.70 21.91 12.30
N THR B 251 -6.02 20.63 12.09
CA THR B 251 -7.34 20.18 11.69
C THR B 251 -8.10 19.48 12.81
N LEU B 252 -7.42 19.13 13.90
CA LEU B 252 -8.05 18.33 14.95
C LEU B 252 -9.23 19.05 15.60
N TRP B 253 -9.16 20.38 15.74
CA TRP B 253 -10.27 21.12 16.35
C TRP B 253 -11.58 20.88 15.61
N LEU B 254 -11.53 20.60 14.31
CA LEU B 254 -12.76 20.32 13.57
C LEU B 254 -13.39 19.02 14.01
N TYR B 255 -12.57 18.04 14.40
CA TYR B 255 -13.13 16.78 14.88
C TYR B 255 -13.71 16.91 16.27
N LEU B 256 -13.18 17.84 17.08
CA LEU B 256 -13.77 18.09 18.40
C LEU B 256 -15.16 18.70 18.27
N ILE B 257 -15.35 19.58 17.28
CA ILE B 257 -16.67 20.13 17.01
C ILE B 257 -17.64 19.03 16.58
N LEU B 258 -17.19 18.14 15.69
CA LEU B 258 -18.04 17.05 15.23
C LEU B 258 -18.48 16.15 16.38
N GLY B 259 -17.57 15.86 17.31
CA GLY B 259 -17.96 15.09 18.49
C GLY B 259 -18.98 15.82 19.34
N ILE B 260 -18.86 17.13 19.43
CA ILE B 260 -19.82 17.94 20.18
C ILE B 260 -21.21 17.81 19.59
N ILE B 261 -21.31 17.79 18.26
CA ILE B 261 -22.61 17.59 17.61
C ILE B 261 -23.15 16.20 17.93
N PHE B 262 -22.29 15.18 17.83
CA PHE B 262 -22.70 13.83 18.20
C PHE B 262 -23.04 13.73 19.68
N GLY B 263 -22.34 14.50 20.53
CA GLY B 263 -22.56 14.39 21.95
C GLY B 263 -23.92 14.88 22.42
N ILE B 264 -24.50 15.87 21.72
CA ILE B 264 -25.83 16.32 22.10
C ILE B 264 -26.93 15.56 21.36
N PHE B 265 -26.62 15.00 20.18
CA PHE B 265 -27.62 14.22 19.46
C PHE B 265 -27.75 12.82 20.04
N GLY B 266 -26.66 12.26 20.59
CA GLY B 266 -26.66 10.96 21.21
C GLY B 266 -27.82 10.72 22.16
N PRO B 267 -27.90 11.52 23.23
CA PRO B 267 -29.02 11.36 24.17
C PRO B 267 -30.38 11.58 23.53
N ILE B 268 -30.53 12.62 22.69
CA ILE B 268 -31.80 12.87 22.00
C ILE B 268 -32.25 11.61 21.26
N PHE B 269 -31.32 10.93 20.61
CA PHE B 269 -31.64 9.67 19.94
C PHE B 269 -31.99 8.59 20.95
N ASN B 270 -31.32 8.60 22.12
CA ASN B 270 -31.62 7.65 23.17
C ASN B 270 -33.05 7.83 23.70
N LYS B 271 -33.50 9.07 23.82
CA LYS B 271 -34.88 9.28 24.25
C LYS B 271 -35.85 8.74 23.21
N TRP B 272 -35.51 8.87 21.94
CA TRP B 272 -36.38 8.41 20.86
C TRP B 272 -36.52 6.89 20.87
N VAL B 273 -35.40 6.15 20.97
CA VAL B 273 -35.48 4.70 21.00
C VAL B 273 -36.33 4.23 22.17
N LEU B 274 -36.11 4.80 23.35
CA LEU B 274 -36.90 4.43 24.52
C LEU B 274 -38.37 4.83 24.36
N GLY B 275 -38.61 6.09 24.01
CA GLY B 275 -39.98 6.55 23.85
C GLY B 275 -40.74 5.83 22.75
N MET B 276 -40.04 5.45 21.68
CA MET B 276 -40.71 4.73 20.60
C MET B 276 -41.04 3.30 20.99
N GLN B 277 -40.26 2.72 21.92
CA GLN B 277 -40.65 1.44 22.52
C GLN B 277 -42.02 1.56 23.18
N ASP B 278 -42.24 2.65 23.91
CA ASP B 278 -43.52 2.87 24.57
C ASP B 278 -44.63 3.09 23.55
N LEU B 279 -44.43 4.02 22.62
CA LEU B 279 -45.44 4.34 21.62
C LEU B 279 -45.83 3.10 20.82
N LEU B 280 -44.84 2.30 20.43
CA LEU B 280 -45.12 1.09 19.65
C LEU B 280 -45.88 0.05 20.45
N HIS B 281 -45.68 0.01 21.77
CA HIS B 281 -46.41 -0.98 22.57
C HIS B 281 -47.90 -0.64 22.64
N ARG B 282 -48.24 0.65 22.74
CA ARG B 282 -49.64 1.04 22.89
C ARG B 282 -50.48 0.72 21.66
N VAL B 283 -49.88 0.65 20.48
CA VAL B 283 -50.65 0.25 19.29
C VAL B 283 -51.06 -1.21 19.40
N HIS B 284 -50.19 -2.05 20.01
CA HIS B 284 -50.50 -3.46 20.18
C HIS B 284 -50.81 -3.86 21.61
N GLY B 285 -50.68 -2.96 22.57
CA GLY B 285 -51.01 -3.24 23.96
C GLY B 285 -50.28 -4.44 24.56
N GLY B 286 -49.83 -5.34 23.68
CA GLY B 286 -49.04 -6.49 24.09
C GLY B 286 -49.46 -7.87 23.63
N ASN B 287 -50.59 -8.11 22.97
CA ASN B 287 -50.91 -9.51 22.66
C ASN B 287 -50.42 -9.82 21.25
N ILE B 288 -49.96 -11.06 21.08
CA ILE B 288 -49.12 -11.52 19.97
C ILE B 288 -49.65 -11.26 18.54
N THR B 289 -50.95 -11.12 18.31
CA THR B 289 -51.40 -11.09 16.91
C THR B 289 -51.43 -9.70 16.30
N LYS B 290 -51.90 -8.69 17.04
CA LYS B 290 -51.70 -7.30 16.63
C LYS B 290 -50.22 -6.95 16.52
N TRP B 291 -49.39 -7.45 17.43
CA TRP B 291 -47.96 -7.14 17.42
C TRP B 291 -47.27 -7.63 16.15
N VAL B 292 -47.41 -8.91 15.83
CA VAL B 292 -46.68 -9.44 14.68
C VAL B 292 -47.27 -8.94 13.37
N LEU B 293 -48.53 -8.52 13.35
CA LEU B 293 -49.08 -7.93 12.14
C LEU B 293 -48.61 -6.50 11.94
N MET B 294 -48.14 -5.84 13.01
CA MET B 294 -47.48 -4.55 12.85
C MET B 294 -46.00 -4.72 12.53
N GLY B 295 -45.39 -5.82 12.99
CA GLY B 295 -44.06 -6.16 12.55
C GLY B 295 -43.99 -6.51 11.08
N GLY B 296 -45.07 -7.09 10.55
CA GLY B 296 -45.13 -7.33 9.13
C GLY B 296 -45.36 -6.06 8.32
N ALA B 297 -45.99 -5.05 8.92
CA ALA B 297 -46.26 -3.83 8.19
C ALA B 297 -45.02 -2.97 8.00
N ILE B 298 -44.17 -2.87 9.03
CA ILE B 298 -42.89 -2.17 8.88
C ILE B 298 -41.84 -3.11 8.26
N GLY B 299 -42.02 -4.43 8.43
CA GLY B 299 -41.16 -5.37 7.71
C GLY B 299 -41.39 -5.29 6.21
N GLY B 300 -42.66 -5.12 5.81
CA GLY B 300 -42.94 -4.88 4.39
C GLY B 300 -42.59 -3.47 3.98
N LEU B 301 -42.68 -2.53 4.92
CA LEU B 301 -42.27 -1.15 4.67
C LEU B 301 -40.82 -1.08 4.18
N CYS B 302 -39.91 -1.76 4.87
CA CYS B 302 -38.50 -1.66 4.55
C CYS B 302 -38.13 -2.55 3.37
N GLY B 303 -38.83 -3.66 3.17
CA GLY B 303 -38.65 -4.44 1.97
C GLY B 303 -39.07 -3.72 0.71
N LEU B 304 -39.96 -2.73 0.83
CA LEU B 304 -40.36 -1.92 -0.33
C LEU B 304 -39.34 -0.82 -0.60
N LEU B 305 -39.03 -0.03 0.43
CA LEU B 305 -37.93 0.92 0.32
C LEU B 305 -36.60 0.26 0.02
N GLY B 306 -36.49 -1.06 0.27
CA GLY B 306 -35.22 -1.71 -0.02
C GLY B 306 -34.79 -1.55 -1.47
N PHE B 307 -35.73 -1.29 -2.38
CA PHE B 307 -35.37 -0.99 -3.76
C PHE B 307 -36.05 0.22 -4.38
N VAL B 308 -36.99 0.87 -3.71
CA VAL B 308 -37.42 2.20 -4.16
C VAL B 308 -36.42 3.23 -3.64
N ALA B 309 -35.60 2.88 -2.64
CA ALA B 309 -34.55 3.71 -2.07
C ALA B 309 -33.68 2.89 -1.13
N PRO B 310 -32.78 2.06 -1.65
CA PRO B 310 -32.04 1.11 -0.80
C PRO B 310 -31.29 1.74 0.37
N ALA B 311 -30.73 2.94 0.20
CA ALA B 311 -29.97 3.56 1.28
C ALA B 311 -30.82 3.83 2.51
N THR B 312 -32.14 3.93 2.34
CA THR B 312 -33.04 4.14 3.48
C THR B 312 -33.14 2.91 4.36
N SER B 313 -32.83 1.73 3.84
CA SER B 313 -33.19 0.47 4.46
C SER B 313 -31.95 -0.42 4.55
N GLY B 314 -32.15 -1.65 5.05
CA GLY B 314 -31.06 -2.59 5.19
C GLY B 314 -30.15 -2.27 6.38
N GLY B 315 -29.17 -3.14 6.58
CA GLY B 315 -28.23 -2.93 7.67
C GLY B 315 -27.48 -1.62 7.56
N GLY B 316 -27.16 -1.19 6.34
CA GLY B 316 -26.49 0.07 6.11
C GLY B 316 -25.02 -0.02 5.79
N PHE B 317 -24.44 -1.22 5.81
CA PHE B 317 -23.05 -1.36 5.38
C PHE B 317 -22.88 -0.96 3.93
N ASN B 318 -23.93 -1.12 3.13
CA ASN B 318 -23.87 -0.80 1.71
C ASN B 318 -23.47 0.67 1.47
N LEU B 319 -24.05 1.60 2.24
CA LEU B 319 -23.86 3.01 1.88
C LEU B 319 -22.52 3.55 2.33
N ILE B 320 -21.85 2.88 3.26
CA ILE B 320 -20.74 3.50 3.97
C ILE B 320 -19.56 3.73 3.04
N PRO B 321 -19.12 2.75 2.24
CA PRO B 321 -18.08 3.07 1.25
C PRO B 321 -18.51 4.17 0.29
N ILE B 322 -19.79 4.20 -0.08
CA ILE B 322 -20.29 5.24 -0.98
C ILE B 322 -20.26 6.60 -0.28
N ALA B 323 -20.72 6.66 0.97
CA ALA B 323 -20.75 7.93 1.69
C ALA B 323 -19.34 8.43 1.97
N THR B 324 -18.42 7.55 2.36
CA THR B 324 -17.06 7.96 2.67
C THR B 324 -16.39 8.62 1.47
N ALA B 325 -16.57 8.05 0.28
CA ALA B 325 -15.90 8.55 -0.91
C ALA B 325 -16.53 9.84 -1.45
N GLY B 326 -17.43 10.45 -0.69
CA GLY B 326 -18.07 11.68 -1.12
C GLY B 326 -18.92 11.53 -2.36
N ASN B 327 -19.40 10.33 -2.62
CA ASN B 327 -20.21 10.04 -3.81
C ASN B 327 -21.67 10.33 -3.59
N PHE B 328 -22.04 10.87 -2.44
CA PHE B 328 -23.38 11.33 -2.18
C PHE B 328 -23.37 12.86 -2.21
N SER B 329 -24.46 13.41 -2.76
CA SER B 329 -24.80 14.83 -2.72
C SER B 329 -25.30 15.17 -1.31
N MET B 330 -25.09 16.42 -0.90
CA MET B 330 -25.47 16.85 0.45
C MET B 330 -26.98 16.76 0.67
N GLY B 331 -27.78 17.05 -0.36
CA GLY B 331 -29.21 16.86 -0.25
C GLY B 331 -29.57 15.44 0.12
N MET B 332 -28.97 14.47 -0.57
CA MET B 332 -29.29 13.07 -0.29
C MET B 332 -28.80 12.65 1.10
N LEU B 333 -27.62 13.14 1.51
CA LEU B 333 -27.07 12.73 2.80
C LEU B 333 -28.04 13.03 3.94
N VAL B 334 -28.66 14.20 3.91
CA VAL B 334 -29.63 14.53 4.95
C VAL B 334 -30.89 13.71 4.77
N PHE B 335 -31.35 13.52 3.52
CA PHE B 335 -32.44 12.59 3.27
C PHE B 335 -32.17 11.23 3.87
N ILE B 336 -31.06 10.60 3.47
CA ILE B 336 -30.72 9.28 4.02
C ILE B 336 -30.66 9.33 5.54
N PHE B 337 -30.06 10.39 6.10
CA PHE B 337 -29.93 10.48 7.56
C PHE B 337 -31.31 10.52 8.23
N VAL B 338 -32.17 11.45 7.80
CA VAL B 338 -33.46 11.60 8.47
C VAL B 338 -34.37 10.42 8.16
N ALA B 339 -34.30 9.89 6.94
CA ALA B 339 -34.98 8.63 6.65
C ALA B 339 -34.47 7.51 7.55
N ARG B 340 -33.15 7.35 7.65
CA ARG B 340 -32.60 6.18 8.33
C ARG B 340 -32.80 6.24 9.84
N VAL B 341 -32.88 7.43 10.43
CA VAL B 341 -33.20 7.49 11.85
C VAL B 341 -34.66 7.10 12.06
N ILE B 342 -35.54 7.47 11.13
CA ILE B 342 -36.92 7.00 11.18
C ILE B 342 -36.97 5.49 11.04
N THR B 343 -36.35 4.98 9.97
CA THR B 343 -36.31 3.53 9.77
C THR B 343 -35.69 2.82 10.96
N THR B 344 -34.67 3.43 11.59
CA THR B 344 -33.93 2.72 12.64
C THR B 344 -34.78 2.52 13.87
N LEU B 345 -35.46 3.56 14.35
CA LEU B 345 -36.27 3.45 15.56
C LEU B 345 -37.42 2.46 15.36
N LEU B 346 -38.18 2.62 14.28
CA LEU B 346 -39.40 1.83 14.12
C LEU B 346 -39.12 0.34 13.95
N CYS B 347 -37.91 -0.03 13.54
CA CYS B 347 -37.54 -1.44 13.46
C CYS B 347 -36.99 -1.97 14.78
N PHE B 348 -36.15 -1.20 15.46
CA PHE B 348 -35.56 -1.70 16.70
C PHE B 348 -36.53 -1.59 17.88
N SER B 349 -37.22 -0.45 17.99
CA SER B 349 -38.17 -0.29 19.10
C SER B 349 -39.41 -1.16 18.94
N SER B 350 -39.64 -1.73 17.76
CA SER B 350 -40.76 -2.65 17.57
C SER B 350 -40.58 -3.95 18.34
N GLY B 351 -39.35 -4.27 18.74
CA GLY B 351 -39.07 -5.53 19.40
C GLY B 351 -38.57 -6.61 18.48
N ALA B 352 -38.39 -6.31 17.20
CA ALA B 352 -37.88 -7.28 16.26
C ALA B 352 -36.49 -7.75 16.70
N PRO B 353 -36.17 -9.04 16.53
CA PRO B 353 -34.82 -9.50 16.87
C PRO B 353 -33.79 -8.94 15.90
N GLY B 354 -32.78 -8.28 16.44
CA GLY B 354 -31.78 -7.62 15.65
C GLY B 354 -31.20 -6.45 16.43
N GLY B 355 -29.93 -6.14 16.15
CA GLY B 355 -29.25 -5.10 16.88
C GLY B 355 -29.51 -3.71 16.33
N ILE B 356 -29.21 -2.72 17.18
CA ILE B 356 -29.15 -1.32 16.77
C ILE B 356 -27.71 -0.87 16.53
N PHE B 357 -26.73 -1.66 16.97
CA PHE B 357 -25.32 -1.27 16.95
C PHE B 357 -24.86 -0.92 15.54
N ALA B 358 -24.98 -1.87 14.61
CA ALA B 358 -24.55 -1.62 13.24
C ALA B 358 -25.34 -0.52 12.54
N PRO B 359 -26.68 -0.41 12.68
CA PRO B 359 -27.37 0.73 12.05
C PRO B 359 -26.84 2.09 12.47
N MET B 360 -26.35 2.23 13.70
CA MET B 360 -25.82 3.51 14.16
C MET B 360 -24.41 3.77 13.64
N LEU B 361 -23.72 2.74 13.17
CA LEU B 361 -22.50 2.98 12.39
C LEU B 361 -22.86 3.70 11.09
N ALA B 362 -23.91 3.23 10.41
CA ALA B 362 -24.32 3.89 9.18
C ALA B 362 -24.69 5.33 9.42
N LEU B 363 -25.50 5.61 10.45
CA LEU B 363 -25.89 6.98 10.75
C LEU B 363 -24.69 7.83 11.10
N GLY B 364 -23.70 7.24 11.77
CA GLY B 364 -22.50 7.98 12.12
C GLY B 364 -21.72 8.41 10.89
N THR B 365 -21.62 7.55 9.89
CA THR B 365 -20.89 7.89 8.67
C THR B 365 -21.63 8.92 7.85
N VAL B 366 -22.95 8.79 7.76
CA VAL B 366 -23.74 9.77 7.01
C VAL B 366 -23.65 11.15 7.65
N LEU B 367 -23.67 11.24 8.98
CA LEU B 367 -23.51 12.54 9.63
C LEU B 367 -22.09 13.05 9.52
N GLY B 368 -21.10 12.16 9.65
CA GLY B 368 -19.72 12.56 9.46
C GLY B 368 -19.46 13.18 8.09
N THR B 369 -19.93 12.50 7.04
CA THR B 369 -19.67 12.98 5.68
C THR B 369 -20.28 14.36 5.45
N ALA B 370 -21.49 14.59 5.98
CA ALA B 370 -22.12 15.91 5.84
C ALA B 370 -21.28 16.99 6.50
N PHE B 371 -20.81 16.74 7.72
CA PHE B 371 -19.91 17.68 8.38
C PHE B 371 -18.61 17.83 7.59
N GLY B 372 -18.13 16.74 7.00
CA GLY B 372 -16.90 16.82 6.22
C GLY B 372 -17.05 17.66 4.97
N MET B 373 -18.18 17.53 4.28
CA MET B 373 -18.39 18.31 3.06
C MET B 373 -18.46 19.79 3.38
N VAL B 374 -19.06 20.14 4.51
CA VAL B 374 -19.09 21.54 4.93
C VAL B 374 -17.68 22.01 5.27
N ALA B 375 -16.90 21.17 5.95
CA ALA B 375 -15.53 21.53 6.30
C ALA B 375 -14.67 21.71 5.06
N VAL B 376 -14.92 20.92 4.00
CA VAL B 376 -14.04 20.94 2.83
C VAL B 376 -14.16 22.27 2.08
N GLU B 377 -15.33 22.89 2.11
CA GLU B 377 -15.64 24.18 1.47
C GLU B 377 -15.74 25.38 2.40
N LEU B 378 -15.45 25.24 3.70
CA LEU B 378 -15.10 26.44 4.46
C LEU B 378 -13.60 26.60 4.63
N PHE B 379 -12.81 25.55 4.42
CA PHE B 379 -11.36 25.59 4.65
C PHE B 379 -10.63 24.87 3.53
N PRO B 380 -10.49 25.52 2.36
CA PRO B 380 -9.65 24.93 1.31
C PRO B 380 -8.18 24.89 1.67
N GLN B 381 -7.73 25.71 2.64
CA GLN B 381 -6.34 25.68 3.07
C GLN B 381 -6.01 24.43 3.87
N TYR B 382 -7.02 23.70 4.36
CA TYR B 382 -6.79 22.48 5.12
C TYR B 382 -6.61 21.26 4.24
N HIS B 383 -6.97 21.35 2.96
CA HIS B 383 -6.84 20.25 2.00
C HIS B 383 -7.53 18.99 2.52
N LEU B 384 -8.79 19.15 2.92
CA LEU B 384 -9.49 18.10 3.64
C LEU B 384 -10.11 17.10 2.68
N GLU B 385 -10.43 15.93 3.23
CA GLU B 385 -11.21 14.90 2.56
C GLU B 385 -12.41 14.60 3.45
N ALA B 386 -13.61 14.66 2.87
CA ALA B 386 -14.81 14.40 3.65
C ALA B 386 -14.77 13.01 4.30
N GLY B 387 -14.11 12.06 3.65
CA GLY B 387 -14.08 10.70 4.18
C GLY B 387 -13.49 10.59 5.56
N THR B 388 -12.49 11.43 5.87
CA THR B 388 -11.87 11.36 7.20
C THR B 388 -12.86 11.71 8.30
N PHE B 389 -13.82 12.60 8.01
CA PHE B 389 -14.85 12.89 8.99
C PHE B 389 -15.99 11.88 8.95
N ALA B 390 -16.14 11.14 7.85
CA ALA B 390 -16.98 9.95 7.84
C ALA B 390 -16.44 8.88 8.78
N ILE B 391 -15.14 8.59 8.67
CA ILE B 391 -14.52 7.56 9.49
C ILE B 391 -14.57 7.95 10.96
N ALA B 392 -14.38 9.24 11.25
CA ALA B 392 -14.39 9.69 12.63
C ALA B 392 -15.79 9.68 13.23
N GLY B 393 -16.81 9.92 12.40
CA GLY B 393 -18.18 9.88 12.88
C GLY B 393 -18.78 8.49 12.94
N MET B 394 -18.18 7.54 12.22
CA MET B 394 -18.70 6.17 12.17
C MET B 394 -18.94 5.61 13.57
N GLY B 395 -17.95 5.69 14.44
CA GLY B 395 -18.07 5.22 15.79
C GLY B 395 -18.53 6.26 16.80
N ALA B 396 -18.96 7.44 16.34
CA ALA B 396 -19.23 8.53 17.28
C ALA B 396 -20.59 8.38 17.94
N LEU B 397 -21.61 7.93 17.20
CA LEU B 397 -22.91 7.71 17.84
C LEU B 397 -22.86 6.51 18.78
N LEU B 398 -22.05 5.49 18.44
CA LEU B 398 -21.74 4.43 19.40
C LEU B 398 -21.22 5.03 20.70
N ALA B 399 -20.30 5.99 20.60
CA ALA B 399 -19.73 6.62 21.78
C ALA B 399 -20.74 7.49 22.51
N ALA B 400 -21.62 8.17 21.75
CA ALA B 400 -22.56 9.09 22.39
C ALA B 400 -23.77 8.36 22.97
N SER B 401 -24.26 7.34 22.27
CA SER B 401 -25.45 6.61 22.72
C SER B 401 -25.09 5.42 23.61
N ILE B 402 -24.27 4.51 23.09
CA ILE B 402 -23.89 3.32 23.84
C ILE B 402 -22.86 3.66 24.92
N ARG B 403 -22.07 4.72 24.69
CA ARG B 403 -20.97 5.10 25.57
C ARG B 403 -20.02 3.94 25.84
N ALA B 404 -19.63 3.26 24.76
CA ALA B 404 -18.47 2.37 24.74
C ALA B 404 -17.49 2.90 23.70
N PRO B 405 -16.79 4.00 24.00
CA PRO B 405 -15.99 4.65 22.96
C PRO B 405 -14.74 3.86 22.58
N LEU B 406 -14.11 3.16 23.53
CA LEU B 406 -12.91 2.42 23.20
C LEU B 406 -13.21 1.23 22.29
N THR B 407 -14.34 0.56 22.53
CA THR B 407 -14.80 -0.47 21.59
C THR B 407 -15.11 0.14 20.23
N GLY B 408 -15.90 1.21 20.22
CA GLY B 408 -16.27 1.86 18.96
C GLY B 408 -15.07 2.24 18.12
N ILE B 409 -14.03 2.79 18.76
CA ILE B 409 -12.86 3.27 18.03
C ILE B 409 -12.04 2.11 17.49
N ILE B 410 -11.89 1.05 18.30
CA ILE B 410 -11.13 -0.11 17.84
C ILE B 410 -11.92 -0.93 16.84
N LEU B 411 -13.25 -0.93 16.94
CA LEU B 411 -14.07 -1.64 15.96
C LEU B 411 -14.00 -0.95 14.61
N VAL B 412 -14.19 0.38 14.59
CA VAL B 412 -14.10 1.12 13.34
C VAL B 412 -12.72 0.95 12.70
N LEU B 413 -11.68 0.97 13.53
CA LEU B 413 -10.33 0.83 13.00
C LEU B 413 -10.08 -0.58 12.48
N GLU B 414 -10.64 -1.58 13.16
CA GLU B 414 -10.49 -2.96 12.69
C GLU B 414 -11.18 -3.17 11.35
N MET B 415 -12.24 -2.40 11.07
CA MET B 415 -13.01 -2.60 9.85
C MET B 415 -12.59 -1.70 8.70
N THR B 416 -12.03 -0.51 8.97
CA THR B 416 -11.63 0.40 7.90
C THR B 416 -10.12 0.52 7.72
N ASP B 417 -9.32 0.18 8.73
CA ASP B 417 -7.86 0.09 8.59
C ASP B 417 -7.26 1.41 8.10
N ASN B 418 -7.59 2.49 8.79
CA ASN B 418 -6.97 3.79 8.59
C ASN B 418 -6.39 4.26 9.92
N TYR B 419 -5.31 3.60 10.36
CA TYR B 419 -4.74 3.91 11.66
C TYR B 419 -4.30 5.36 11.77
N GLN B 420 -3.88 5.98 10.66
CA GLN B 420 -3.40 7.36 10.70
C GLN B 420 -4.47 8.34 11.16
N LEU B 421 -5.74 7.92 11.24
CA LEU B 421 -6.82 8.76 11.72
C LEU B 421 -7.15 8.49 13.18
N ILE B 422 -6.24 7.85 13.91
CA ILE B 422 -6.56 7.43 15.28
C ILE B 422 -6.84 8.65 16.16
N LEU B 423 -6.06 9.72 16.03
CA LEU B 423 -6.30 10.90 16.86
C LEU B 423 -7.64 11.57 16.52
N PRO B 424 -7.95 11.88 15.26
CA PRO B 424 -9.30 12.44 15.00
C PRO B 424 -10.42 11.50 15.43
N MET B 425 -10.25 10.20 15.26
CA MET B 425 -11.27 9.27 15.72
C MET B 425 -11.39 9.29 17.24
N ILE B 426 -10.25 9.40 17.93
CA ILE B 426 -10.25 9.47 19.39
C ILE B 426 -10.88 10.78 19.88
N ILE B 427 -10.61 11.89 19.19
CA ILE B 427 -11.03 13.20 19.68
C ILE B 427 -12.54 13.38 19.53
N THR B 428 -13.11 13.02 18.37
CA THR B 428 -14.56 13.18 18.24
C THR B 428 -15.30 12.11 19.02
N GLY B 429 -14.67 10.96 19.26
CA GLY B 429 -15.30 9.96 20.12
C GLY B 429 -15.40 10.48 21.54
N LEU B 430 -14.35 11.14 22.03
CA LEU B 430 -14.39 11.67 23.39
C LEU B 430 -15.26 12.91 23.47
N GLY B 431 -15.21 13.75 22.43
CA GLY B 431 -16.16 14.86 22.36
C GLY B 431 -17.60 14.40 22.40
N ALA B 432 -17.89 13.27 21.77
CA ALA B 432 -19.24 12.71 21.81
C ALA B 432 -19.60 12.24 23.22
N THR B 433 -18.71 11.45 23.84
CA THR B 433 -18.99 10.95 25.18
C THR B 433 -18.83 12.01 26.26
N LEU B 434 -18.27 13.18 25.93
CA LEU B 434 -18.18 14.26 26.89
C LEU B 434 -19.50 15.02 26.99
N LEU B 435 -20.08 15.40 25.85
CA LEU B 435 -21.30 16.20 25.86
C LEU B 435 -22.55 15.35 26.06
N ALA B 436 -22.49 14.06 25.75
CA ALA B 436 -23.60 13.18 26.08
C ALA B 436 -23.83 13.10 27.58
N GLN B 437 -22.75 13.06 28.35
CA GLN B 437 -22.90 13.05 29.80
C GLN B 437 -23.40 14.40 30.32
N PHE B 438 -22.80 15.49 29.84
CA PHE B 438 -23.12 16.82 30.36
C PHE B 438 -24.46 17.36 29.86
N THR B 439 -25.12 16.68 28.93
CA THR B 439 -26.49 16.99 28.55
C THR B 439 -27.48 15.96 29.09
N GLY B 440 -27.09 15.19 30.10
CA GLY B 440 -27.99 14.25 30.73
C GLY B 440 -28.41 13.10 29.83
N GLY B 441 -27.42 12.36 29.32
CA GLY B 441 -27.66 11.13 28.60
C GLY B 441 -27.20 9.95 29.42
N LYS B 442 -27.62 8.77 28.98
CA LYS B 442 -27.29 7.54 29.68
C LYS B 442 -26.88 6.47 28.66
N PRO B 443 -26.03 5.53 29.06
CA PRO B 443 -25.70 4.41 28.16
C PRO B 443 -26.96 3.64 27.79
N LEU B 444 -27.25 3.56 26.49
CA LEU B 444 -28.51 2.99 26.04
C LEU B 444 -28.71 1.57 26.57
N TYR B 445 -27.67 0.74 26.47
CA TYR B 445 -27.79 -0.65 26.91
C TYR B 445 -28.10 -0.75 28.40
N SER B 446 -27.48 0.12 29.21
CA SER B 446 -27.78 0.12 30.63
C SER B 446 -29.16 0.72 30.92
N ALA B 447 -29.59 1.69 30.11
CA ALA B 447 -30.87 2.32 30.36
C ALA B 447 -32.04 1.41 30.02
N ILE B 448 -31.86 0.47 29.09
CA ILE B 448 -32.97 -0.42 28.75
C ILE B 448 -32.99 -1.66 29.65
N LEU B 449 -31.82 -2.14 30.09
CA LEU B 449 -31.80 -3.20 31.09
C LEU B 449 -32.39 -2.70 32.40
N ALA B 450 -32.10 -1.44 32.76
CA ALA B 450 -32.69 -0.83 33.93
C ALA B 450 -34.21 -0.84 33.83
N ARG B 451 -34.75 -0.39 32.69
CA ARG B 451 -36.20 -0.37 32.52
C ARG B 451 -36.77 -1.78 32.46
N THR B 452 -35.97 -2.76 32.04
CA THR B 452 -36.44 -4.14 32.02
C THR B 452 -36.51 -4.71 33.44
N LEU B 453 -35.48 -4.46 34.24
CA LEU B 453 -35.50 -4.90 35.63
C LEU B 453 -36.39 -4.02 36.50
N ALA B 454 -36.78 -2.83 36.02
CA ALA B 454 -37.60 -1.95 36.84
C ALA B 454 -39.06 -2.38 36.82
N LYS B 455 -39.62 -2.71 35.65
CA LYS B 455 -41.03 -3.07 35.62
C LYS B 455 -41.26 -4.50 36.09
N GLN B 456 -40.26 -5.37 35.96
CA GLN B 456 -40.40 -6.73 36.45
C GLN B 456 -40.46 -6.76 37.97
N GLU B 457 -39.76 -5.85 38.64
CA GLU B 457 -39.69 -5.84 40.10
C GLU B 457 -40.56 -4.76 40.73
N ALA B 458 -40.98 -3.75 39.98
CA ALA B 458 -41.91 -2.76 40.53
C ALA B 458 -43.36 -3.19 40.32
N GLU B 459 -43.79 -3.32 39.07
CA GLU B 459 -45.14 -3.79 38.75
C GLU B 459 -45.09 -5.25 38.31
N GLN B 460 -44.74 -6.11 39.26
CA GLN B 460 -44.74 -7.54 39.03
C GLN B 460 -46.18 -8.06 39.08
N GLU C 1 -9.18 -4.27 -17.45
CA GLU C 1 -9.05 -5.71 -17.27
C GLU C 1 -7.75 -6.07 -16.57
N VAL C 2 -7.64 -7.33 -16.14
CA VAL C 2 -6.37 -7.90 -15.72
C VAL C 2 -5.75 -8.56 -16.95
N ARG C 3 -4.55 -8.12 -17.31
CA ARG C 3 -3.97 -8.51 -18.58
C ARG C 3 -2.47 -8.77 -18.44
N LEU C 4 -2.03 -9.92 -18.94
CA LEU C 4 -0.62 -10.27 -19.02
C LEU C 4 -0.28 -10.55 -20.47
N LEU C 5 0.75 -9.87 -20.98
CA LEU C 5 1.17 -10.01 -22.37
C LEU C 5 2.65 -10.40 -22.39
N GLU C 6 2.91 -11.68 -22.66
CA GLU C 6 4.27 -12.15 -22.82
C GLU C 6 4.81 -11.78 -24.20
N SER C 7 6.12 -11.57 -24.26
CA SER C 7 6.77 -11.21 -25.52
C SER C 7 8.22 -11.72 -25.49
N GLY C 8 8.87 -11.61 -26.65
CA GLY C 8 10.28 -11.94 -26.75
C GLY C 8 10.59 -13.36 -27.17
N GLY C 9 9.59 -14.13 -27.60
CA GLY C 9 9.79 -15.52 -27.98
C GLY C 9 9.84 -15.68 -29.51
N GLY C 10 10.69 -16.59 -29.95
CA GLY C 10 10.81 -16.87 -31.38
C GLY C 10 11.84 -17.93 -31.70
N LEU C 11 12.58 -17.72 -32.78
CA LEU C 11 13.57 -18.67 -33.27
C LEU C 11 14.95 -18.27 -32.77
N VAL C 12 15.61 -19.17 -32.03
CA VAL C 12 17.01 -19.01 -31.66
C VAL C 12 17.73 -20.34 -31.82
N GLN C 13 19.05 -20.27 -32.02
CA GLN C 13 19.88 -21.42 -32.30
C GLN C 13 20.17 -22.20 -31.03
N PRO C 14 20.42 -23.51 -31.16
CA PRO C 14 20.79 -24.31 -29.98
C PRO C 14 22.08 -23.79 -29.35
N GLY C 15 22.08 -23.74 -28.02
CA GLY C 15 23.20 -23.21 -27.27
C GLY C 15 23.15 -21.72 -27.04
N GLY C 16 22.27 -21.01 -27.73
CA GLY C 16 22.10 -19.58 -27.52
C GLY C 16 21.28 -19.29 -26.28
N SER C 17 20.85 -18.03 -26.18
CA SER C 17 20.07 -17.57 -25.04
C SER C 17 18.98 -16.63 -25.51
N LEU C 18 18.01 -16.39 -24.63
CA LEU C 18 16.88 -15.51 -24.93
C LEU C 18 16.46 -14.79 -23.66
N LYS C 19 15.60 -13.78 -23.82
CA LYS C 19 15.05 -13.03 -22.70
C LYS C 19 13.57 -12.76 -23.00
N LEU C 20 12.69 -13.52 -22.36
CA LEU C 20 11.26 -13.29 -22.49
C LEU C 20 10.81 -12.21 -21.51
N SER C 21 9.75 -11.50 -21.88
CA SER C 21 9.21 -10.42 -21.08
C SER C 21 7.69 -10.56 -20.99
N CYS C 22 7.14 -10.16 -19.84
CA CYS C 22 5.70 -10.24 -19.58
C CYS C 22 5.25 -8.89 -19.04
N ALA C 23 4.44 -8.16 -19.80
CA ALA C 23 3.97 -6.83 -19.44
C ALA C 23 2.62 -6.94 -18.74
N ALA C 24 2.56 -6.46 -17.49
CA ALA C 24 1.36 -6.54 -16.69
C ALA C 24 0.61 -5.21 -16.72
N SER C 25 -0.72 -5.29 -16.78
CA SER C 25 -1.58 -4.11 -16.81
C SER C 25 -2.86 -4.40 -16.05
N GLY C 26 -3.40 -3.36 -15.41
CA GLY C 26 -4.70 -3.45 -14.80
C GLY C 26 -4.74 -3.98 -13.39
N PHE C 27 -3.63 -3.92 -12.66
CA PHE C 27 -3.58 -4.33 -11.26
C PHE C 27 -2.25 -3.90 -10.67
N ASP C 28 -2.23 -3.77 -9.35
CA ASP C 28 -0.97 -3.54 -8.64
C ASP C 28 -0.03 -4.69 -8.94
N TYR C 29 0.96 -4.47 -9.82
CA TYR C 29 1.87 -5.56 -10.19
C TYR C 29 2.79 -5.93 -9.03
N SER C 30 3.11 -4.97 -8.16
CA SER C 30 3.71 -5.31 -6.88
C SER C 30 2.68 -6.08 -6.05
N ARG C 31 3.04 -6.45 -4.81
CA ARG C 31 2.11 -7.15 -3.92
C ARG C 31 1.80 -8.58 -4.38
N TYR C 32 2.15 -8.91 -5.62
CA TYR C 32 1.84 -10.20 -6.22
C TYR C 32 3.13 -10.98 -6.50
N TRP C 33 3.08 -12.29 -6.26
CA TRP C 33 4.09 -13.19 -6.80
C TRP C 33 3.81 -13.44 -8.27
N MET C 34 4.87 -13.47 -9.08
CA MET C 34 4.76 -13.80 -10.48
C MET C 34 5.47 -15.13 -10.75
N SER C 35 5.05 -15.80 -11.82
CA SER C 35 5.52 -17.15 -12.08
C SER C 35 5.51 -17.43 -13.57
N TRP C 36 6.47 -18.24 -14.01
CA TRP C 36 6.57 -18.70 -15.38
C TRP C 36 6.22 -20.18 -15.46
N VAL C 37 5.56 -20.57 -16.54
CA VAL C 37 5.20 -21.96 -16.78
C VAL C 37 5.15 -22.18 -18.29
N ARG C 38 5.70 -23.30 -18.75
CA ARG C 38 5.79 -23.56 -20.17
C ARG C 38 5.05 -24.84 -20.52
N GLN C 39 4.71 -24.96 -21.79
CA GLN C 39 3.97 -26.11 -22.31
C GLN C 39 4.62 -26.54 -23.62
N ALA C 40 5.38 -27.62 -23.57
CA ALA C 40 6.01 -28.15 -24.78
C ALA C 40 4.94 -28.62 -25.76
N PRO C 41 5.21 -28.55 -27.08
CA PRO C 41 4.17 -28.78 -28.08
C PRO C 41 3.43 -30.10 -27.92
N GLY C 42 2.18 -30.03 -27.46
CA GLY C 42 1.39 -31.23 -27.27
C GLY C 42 1.71 -32.02 -26.03
N LYS C 43 2.16 -31.35 -24.97
CA LYS C 43 2.49 -32.03 -23.72
C LYS C 43 1.87 -31.28 -22.55
N GLY C 44 2.30 -31.61 -21.32
CA GLY C 44 1.71 -31.01 -20.14
C GLY C 44 2.37 -29.69 -19.76
N LEU C 45 1.70 -28.99 -18.83
CA LEU C 45 2.24 -27.76 -18.28
C LEU C 45 3.31 -28.08 -17.24
N LYS C 46 4.40 -27.32 -17.27
CA LYS C 46 5.51 -27.53 -16.36
C LYS C 46 5.98 -26.20 -15.81
N TRP C 47 6.17 -26.14 -14.49
CA TRP C 47 6.46 -24.90 -13.80
C TRP C 47 7.94 -24.53 -13.95
N ILE C 48 8.20 -23.28 -14.30
CA ILE C 48 9.57 -22.78 -14.41
C ILE C 48 10.04 -22.29 -13.05
N GLY C 49 9.37 -21.29 -12.50
CA GLY C 49 9.80 -20.68 -11.26
C GLY C 49 8.86 -19.56 -10.86
N GLU C 50 9.18 -18.93 -9.74
CA GLU C 50 8.37 -17.86 -9.18
C GLU C 50 9.27 -16.80 -8.56
N ILE C 51 8.74 -15.59 -8.44
CA ILE C 51 9.45 -14.46 -7.86
C ILE C 51 8.49 -13.65 -7.01
N ASN C 52 8.93 -13.29 -5.82
CA ASN C 52 8.15 -12.46 -4.91
C ASN C 52 8.14 -11.01 -5.37
N PRO C 53 7.32 -10.17 -4.72
CA PRO C 53 7.30 -8.74 -5.09
C PRO C 53 8.63 -8.00 -4.94
N VAL C 54 9.42 -8.29 -3.91
CA VAL C 54 10.66 -7.55 -3.66
C VAL C 54 11.90 -8.30 -4.14
N SER C 55 11.72 -9.38 -4.90
CA SER C 55 12.81 -10.16 -5.51
C SER C 55 13.75 -10.77 -4.46
N SER C 56 13.32 -10.83 -3.20
CA SER C 56 14.15 -11.39 -2.13
C SER C 56 14.25 -12.91 -2.23
N THR C 57 13.14 -13.57 -2.56
CA THR C 57 13.11 -15.00 -2.79
C THR C 57 12.75 -15.30 -4.25
N ILE C 58 13.48 -16.25 -4.85
CA ILE C 58 13.25 -16.69 -6.22
C ILE C 58 13.46 -18.19 -6.26
N ASN C 59 12.41 -18.94 -6.61
CA ASN C 59 12.49 -20.39 -6.69
C ASN C 59 12.38 -20.85 -8.13
N TYR C 60 13.03 -21.97 -8.42
CA TYR C 60 13.00 -22.57 -9.74
C TYR C 60 12.64 -24.04 -9.62
N THR C 61 12.16 -24.61 -10.73
CA THR C 61 11.97 -26.05 -10.80
C THR C 61 13.34 -26.73 -10.68
N PRO C 62 13.37 -27.99 -10.23
CA PRO C 62 14.65 -28.71 -10.20
C PRO C 62 15.33 -28.75 -11.56
N SER C 63 16.18 -27.76 -11.85
CA SER C 63 16.82 -27.66 -13.15
C SER C 63 18.04 -26.74 -13.04
N LEU C 64 19.21 -27.35 -12.90
CA LEU C 64 20.58 -26.81 -13.01
C LEU C 64 20.75 -25.29 -12.96
N LYS C 65 21.75 -24.87 -12.18
CA LYS C 65 21.90 -23.52 -11.60
C LYS C 65 21.36 -22.36 -12.42
N ASP C 66 22.18 -21.77 -13.33
CA ASP C 66 21.83 -20.52 -13.99
C ASP C 66 21.25 -20.72 -15.39
N LYS C 67 20.58 -21.84 -15.63
CA LYS C 67 19.87 -22.02 -16.89
C LYS C 67 18.74 -21.01 -17.02
N PHE C 68 17.88 -20.94 -16.01
CA PHE C 68 16.81 -19.95 -15.93
C PHE C 68 17.23 -18.82 -15.01
N ILE C 69 16.84 -17.60 -15.36
CA ILE C 69 17.01 -16.44 -14.50
C ILE C 69 15.71 -15.63 -14.53
N ILE C 70 14.90 -15.77 -13.48
CA ILE C 70 13.68 -14.99 -13.36
C ILE C 70 13.99 -13.71 -12.62
N SER C 71 13.46 -12.60 -13.14
CA SER C 71 13.63 -11.31 -12.50
C SER C 71 12.46 -10.42 -12.86
N ARG C 72 12.26 -9.40 -12.04
CA ARG C 72 11.19 -8.42 -12.26
C ARG C 72 11.74 -7.03 -12.05
N ASP C 73 11.01 -6.05 -12.58
CA ASP C 73 11.21 -4.65 -12.24
C ASP C 73 9.82 -4.08 -12.01
N ASN C 74 9.45 -3.92 -10.74
CA ASN C 74 8.10 -3.45 -10.42
C ASN C 74 7.84 -2.05 -10.95
N ALA C 75 8.89 -1.31 -11.29
CA ALA C 75 8.70 0.07 -11.76
C ALA C 75 8.08 0.10 -13.15
N LYS C 76 8.64 -0.68 -14.09
CA LYS C 76 8.15 -0.68 -15.47
C LYS C 76 7.04 -1.70 -15.72
N ASP C 77 6.58 -2.39 -14.67
CA ASP C 77 5.37 -3.21 -14.69
C ASP C 77 5.56 -4.53 -15.45
N THR C 78 6.78 -5.06 -15.54
CA THR C 78 6.99 -6.26 -16.33
C THR C 78 7.87 -7.28 -15.60
N LEU C 79 7.72 -8.53 -16.00
CA LEU C 79 8.46 -9.68 -15.48
C LEU C 79 9.32 -10.27 -16.59
N TYR C 80 10.46 -10.85 -16.21
CA TYR C 80 11.43 -11.33 -17.19
C TYR C 80 11.82 -12.78 -16.90
N LEU C 81 12.27 -13.45 -17.95
CA LEU C 81 12.79 -14.82 -17.85
C LEU C 81 13.89 -15.00 -18.89
N GLN C 82 15.09 -15.35 -18.44
CA GLN C 82 16.21 -15.64 -19.32
C GLN C 82 16.45 -17.15 -19.34
N ILE C 83 16.59 -17.72 -20.53
CA ILE C 83 17.01 -19.11 -20.69
C ILE C 83 18.37 -19.12 -21.36
N SER C 84 19.30 -19.87 -20.80
CA SER C 84 20.66 -19.97 -21.31
C SER C 84 20.92 -21.38 -21.81
N LYS C 85 21.91 -21.50 -22.70
CA LYS C 85 22.31 -22.77 -23.30
C LYS C 85 21.09 -23.57 -23.73
N VAL C 86 20.18 -22.91 -24.45
CA VAL C 86 18.90 -23.49 -24.75
C VAL C 86 19.07 -24.65 -25.73
N ARG C 87 18.32 -25.72 -25.50
CA ARG C 87 18.29 -26.88 -26.37
C ARG C 87 16.85 -27.08 -26.84
N SER C 88 16.64 -28.13 -27.65
CA SER C 88 15.32 -28.34 -28.25
C SER C 88 14.25 -28.67 -27.21
N GLU C 89 14.65 -29.18 -26.04
CA GLU C 89 13.67 -29.45 -24.99
C GLU C 89 13.02 -28.17 -24.47
N ASP C 90 13.65 -27.02 -24.68
CA ASP C 90 13.09 -25.74 -24.27
C ASP C 90 12.16 -25.14 -25.31
N THR C 91 11.94 -25.82 -26.43
CA THR C 91 10.93 -25.39 -27.40
C THR C 91 9.55 -25.58 -26.79
N ALA C 92 8.85 -24.48 -26.53
CA ALA C 92 7.59 -24.56 -25.81
C ALA C 92 6.87 -23.22 -25.89
N LEU C 93 5.59 -23.24 -25.53
CA LEU C 93 4.81 -22.04 -25.31
C LEU C 93 4.99 -21.61 -23.86
N TYR C 94 5.41 -20.36 -23.65
CA TYR C 94 5.82 -19.88 -22.34
C TYR C 94 4.76 -18.97 -21.76
N TYR C 95 4.19 -19.37 -20.63
CA TYR C 95 3.12 -18.64 -19.97
C TYR C 95 3.66 -17.85 -18.79
N CYS C 96 3.14 -16.64 -18.62
CA CYS C 96 3.42 -15.79 -17.46
C CYS C 96 2.15 -15.70 -16.63
N ALA C 97 2.26 -15.95 -15.34
CA ALA C 97 1.08 -16.13 -14.49
C ALA C 97 1.22 -15.34 -13.19
N ARG C 98 0.11 -14.74 -12.77
CA ARG C 98 0.01 -14.09 -11.47
C ARG C 98 -0.46 -15.09 -10.43
N LEU C 99 0.21 -15.11 -9.27
CA LEU C 99 -0.06 -16.10 -8.24
C LEU C 99 -0.99 -15.54 -7.18
N TYR C 100 -1.81 -16.42 -6.61
CA TYR C 100 -2.60 -16.09 -5.43
C TYR C 100 -2.98 -17.39 -4.73
N TYR C 101 -3.98 -17.32 -3.86
CA TYR C 101 -4.31 -18.42 -2.97
C TYR C 101 -5.73 -18.24 -2.46
N GLY C 102 -6.32 -19.35 -2.00
CA GLY C 102 -7.59 -19.37 -1.31
C GLY C 102 -7.38 -19.61 0.16
N TYR C 103 -7.33 -20.88 0.58
CA TYR C 103 -7.01 -21.20 1.97
C TYR C 103 -5.52 -21.06 2.24
N GLY C 104 -4.69 -21.00 1.21
CA GLY C 104 -3.25 -20.88 1.40
C GLY C 104 -2.47 -21.89 0.61
N TYR C 105 -3.15 -22.69 -0.21
CA TYR C 105 -2.50 -23.63 -1.12
C TYR C 105 -2.52 -22.98 -2.50
N TRP C 106 -1.38 -22.42 -2.90
CA TRP C 106 -1.33 -21.42 -3.95
C TRP C 106 -1.72 -22.01 -5.31
N TYR C 107 -2.35 -21.17 -6.13
CA TYR C 107 -2.76 -21.53 -7.48
C TYR C 107 -2.22 -20.47 -8.45
N PHE C 108 -2.36 -20.76 -9.75
CA PHE C 108 -1.96 -19.83 -10.80
C PHE C 108 -3.18 -19.01 -11.19
N ASP C 109 -3.27 -17.79 -10.67
CA ASP C 109 -4.50 -17.03 -10.71
C ASP C 109 -4.87 -16.61 -12.13
N VAL C 110 -4.05 -15.76 -12.75
CA VAL C 110 -4.34 -15.23 -14.08
C VAL C 110 -3.15 -15.48 -14.99
N TRP C 111 -3.45 -15.89 -16.23
CA TRP C 111 -2.44 -16.26 -17.21
C TRP C 111 -2.40 -15.23 -18.34
N GLY C 112 -1.26 -15.22 -19.05
CA GLY C 112 -1.15 -14.49 -20.30
C GLY C 112 -1.39 -15.40 -21.49
N ALA C 113 -1.31 -14.81 -22.68
CA ALA C 113 -1.52 -15.57 -23.90
C ALA C 113 -0.35 -16.51 -24.19
N GLY C 114 0.86 -16.05 -23.92
CA GLY C 114 2.06 -16.85 -24.08
C GLY C 114 2.89 -16.38 -25.27
N THR C 115 4.14 -16.86 -25.30
CA THR C 115 5.01 -16.72 -26.45
C THR C 115 5.64 -18.07 -26.76
N THR C 116 5.77 -18.37 -28.05
CA THR C 116 6.37 -19.61 -28.49
C THR C 116 7.86 -19.42 -28.69
N VAL C 117 8.64 -20.34 -28.16
CA VAL C 117 10.10 -20.37 -28.34
C VAL C 117 10.41 -21.58 -29.19
N THR C 118 11.09 -21.37 -30.32
CA THR C 118 11.51 -22.44 -31.20
C THR C 118 13.03 -22.49 -31.21
N VAL C 119 13.60 -23.62 -30.81
CA VAL C 119 15.03 -23.82 -30.74
C VAL C 119 15.42 -24.75 -31.86
N SER C 120 16.06 -24.21 -32.90
CA SER C 120 16.42 -24.98 -34.07
C SER C 120 17.57 -24.29 -34.78
N SER C 121 18.40 -25.08 -35.46
CA SER C 121 19.45 -24.54 -36.31
C SER C 121 18.99 -24.35 -37.76
N ALA C 122 17.76 -24.73 -38.08
CA ALA C 122 17.21 -24.45 -39.39
C ALA C 122 17.02 -22.95 -39.58
N LYS C 123 17.06 -22.52 -40.84
CA LYS C 123 17.03 -21.10 -41.18
C LYS C 123 15.61 -20.65 -41.48
N THR C 124 15.32 -19.40 -41.12
CA THR C 124 14.07 -18.77 -41.53
C THR C 124 13.96 -18.76 -43.05
N THR C 125 12.91 -19.38 -43.58
CA THR C 125 12.63 -19.34 -45.01
C THR C 125 11.18 -18.97 -45.24
N PRO C 126 10.89 -18.29 -46.35
CA PRO C 126 9.51 -17.86 -46.61
C PRO C 126 8.71 -18.97 -47.27
N PRO C 127 7.39 -18.89 -47.25
CA PRO C 127 6.56 -19.93 -47.87
C PRO C 127 6.29 -19.68 -49.34
N SER C 128 6.07 -20.77 -50.05
CA SER C 128 5.50 -20.74 -51.40
C SER C 128 4.05 -21.20 -51.29
N VAL C 129 3.13 -20.37 -51.76
CA VAL C 129 1.70 -20.69 -51.68
C VAL C 129 1.23 -21.06 -53.08
N TYR C 130 0.54 -22.20 -53.17
CA TYR C 130 0.06 -22.73 -54.44
C TYR C 130 -1.45 -22.91 -54.37
N PRO C 131 -2.19 -22.43 -55.38
CA PRO C 131 -3.64 -22.58 -55.34
C PRO C 131 -4.06 -23.99 -55.73
N LEU C 132 -5.08 -24.51 -55.06
CA LEU C 132 -5.60 -25.85 -55.31
C LEU C 132 -7.04 -25.73 -55.78
N ALA C 133 -7.22 -25.79 -57.09
CA ALA C 133 -8.49 -25.77 -57.80
C ALA C 133 -8.94 -27.18 -58.14
N PRO C 134 -10.24 -27.42 -58.25
CA PRO C 134 -10.72 -28.75 -58.64
C PRO C 134 -10.20 -29.11 -60.02
N GLY C 135 -10.05 -30.42 -60.25
CA GLY C 135 -9.53 -30.94 -61.50
C GLY C 135 -10.26 -30.44 -62.73
N SER C 136 -9.63 -30.62 -63.90
CA SER C 136 -10.19 -30.11 -65.15
C SER C 136 -11.64 -30.56 -65.34
N ALA C 137 -11.88 -31.86 -65.28
CA ALA C 137 -13.23 -32.41 -65.37
C ALA C 137 -13.76 -32.68 -63.96
N ALA C 138 -13.97 -31.60 -63.23
CA ALA C 138 -14.45 -31.69 -61.86
C ALA C 138 -15.93 -32.00 -61.81
N ALA C 139 -16.33 -32.74 -60.77
CA ALA C 139 -17.74 -33.07 -60.55
C ALA C 139 -18.41 -31.89 -59.87
N ALA C 140 -18.91 -30.96 -60.70
CA ALA C 140 -19.54 -29.74 -60.20
C ALA C 140 -20.77 -30.06 -59.37
N ALA C 141 -20.61 -30.14 -58.06
CA ALA C 141 -21.70 -30.48 -57.16
C ALA C 141 -22.30 -29.21 -56.56
N SER C 142 -23.13 -29.38 -55.54
CA SER C 142 -23.73 -28.23 -54.87
C SER C 142 -22.67 -27.39 -54.17
N MET C 143 -21.83 -28.03 -53.38
CA MET C 143 -20.72 -27.35 -52.71
C MET C 143 -19.43 -27.58 -53.49
N VAL C 144 -18.57 -26.57 -53.49
CA VAL C 144 -17.26 -26.65 -54.10
C VAL C 144 -16.21 -26.46 -53.00
N THR C 145 -15.24 -27.35 -52.94
CA THR C 145 -14.17 -27.29 -51.97
C THR C 145 -12.89 -26.88 -52.70
N LEU C 146 -12.32 -25.76 -52.29
CA LEU C 146 -11.07 -25.25 -52.83
C LEU C 146 -10.02 -25.26 -51.71
N GLY C 147 -8.85 -24.74 -52.02
CA GLY C 147 -7.80 -24.67 -51.03
C GLY C 147 -6.53 -24.11 -51.61
N CYS C 148 -5.58 -23.84 -50.73
CA CYS C 148 -4.25 -23.43 -51.16
C CYS C 148 -3.19 -24.06 -50.26
N LEU C 149 -2.06 -24.38 -50.87
CA LEU C 149 -1.00 -25.16 -50.26
C LEU C 149 0.17 -24.24 -49.95
N VAL C 150 0.47 -24.08 -48.66
CA VAL C 150 1.54 -23.21 -48.19
C VAL C 150 2.72 -24.09 -47.81
N LYS C 151 3.76 -24.09 -48.66
CA LYS C 151 4.77 -25.13 -48.67
C LYS C 151 6.15 -24.58 -48.36
N GLY C 152 6.92 -25.33 -47.57
CA GLY C 152 8.33 -25.06 -47.35
C GLY C 152 8.66 -23.79 -46.60
N TYR C 153 8.15 -23.64 -45.39
CA TYR C 153 8.43 -22.46 -44.59
C TYR C 153 9.04 -22.85 -43.25
N PHE C 154 9.65 -21.86 -42.58
CA PHE C 154 10.23 -22.05 -41.26
C PHE C 154 10.54 -20.69 -40.66
N PRO C 155 10.22 -20.46 -39.38
CA PRO C 155 9.50 -21.40 -38.51
C PRO C 155 8.00 -21.14 -38.52
N GLU C 156 7.28 -21.76 -37.60
CA GLU C 156 5.89 -21.42 -37.39
C GLU C 156 5.80 -20.07 -36.68
N PRO C 157 4.68 -19.35 -36.85
CA PRO C 157 3.47 -19.73 -37.58
C PRO C 157 3.25 -18.99 -38.90
N VAL C 158 2.29 -19.51 -39.67
CA VAL C 158 1.67 -18.75 -40.75
C VAL C 158 0.20 -18.59 -40.40
N THR C 159 -0.41 -17.55 -40.94
CA THR C 159 -1.85 -17.35 -40.85
C THR C 159 -2.41 -17.25 -42.25
N VAL C 160 -3.58 -17.84 -42.47
CA VAL C 160 -4.23 -17.81 -43.78
C VAL C 160 -5.70 -17.50 -43.59
N THR C 161 -6.18 -16.44 -44.24
CA THR C 161 -7.58 -16.10 -44.30
C THR C 161 -8.05 -16.14 -45.74
N TRP C 162 -9.36 -16.17 -45.94
CA TRP C 162 -9.94 -16.26 -47.26
C TRP C 162 -10.78 -15.03 -47.57
N ASN C 163 -10.46 -14.38 -48.70
CA ASN C 163 -11.00 -13.07 -49.06
C ASN C 163 -10.94 -12.11 -47.88
N SER C 164 -9.77 -12.02 -47.27
CA SER C 164 -9.51 -11.08 -46.17
C SER C 164 -10.39 -11.36 -44.95
N GLY C 165 -10.86 -12.60 -44.82
CA GLY C 165 -11.66 -13.00 -43.68
C GLY C 165 -13.16 -12.89 -43.86
N SER C 166 -13.63 -12.57 -45.07
CA SER C 166 -15.07 -12.50 -45.30
C SER C 166 -15.72 -13.88 -45.26
N LEU C 167 -15.10 -14.87 -45.90
CA LEU C 167 -15.63 -16.24 -45.85
C LEU C 167 -14.95 -16.98 -44.72
N ALA C 168 -15.57 -16.94 -43.55
CA ALA C 168 -15.11 -17.68 -42.38
C ALA C 168 -15.80 -19.02 -42.23
N ALA C 169 -17.04 -19.15 -42.69
CA ALA C 169 -17.73 -20.44 -42.66
C ALA C 169 -17.16 -21.36 -43.72
N GLY C 170 -17.07 -22.65 -43.39
CA GLY C 170 -16.51 -23.62 -44.31
C GLY C 170 -15.01 -23.57 -44.46
N VAL C 171 -14.31 -23.00 -43.48
CA VAL C 171 -12.85 -22.89 -43.51
C VAL C 171 -12.25 -23.95 -42.59
N HIS C 172 -11.25 -24.66 -43.09
CA HIS C 172 -10.39 -25.49 -42.25
C HIS C 172 -8.95 -25.25 -42.66
N THR C 173 -8.10 -24.91 -41.69
CA THR C 173 -6.66 -24.85 -41.90
C THR C 173 -6.03 -25.97 -41.09
N PHE C 174 -5.28 -26.81 -41.75
CA PHE C 174 -4.77 -27.98 -41.06
C PHE C 174 -3.45 -27.67 -40.37
N PRO C 175 -3.15 -28.35 -39.26
CA PRO C 175 -1.86 -28.14 -38.60
C PRO C 175 -0.68 -28.42 -39.53
N ALA C 176 0.40 -27.67 -39.31
CA ALA C 176 1.59 -27.78 -40.14
C ALA C 176 2.33 -29.08 -39.87
N VAL C 177 2.89 -29.66 -40.92
CA VAL C 177 3.75 -30.83 -40.81
C VAL C 177 5.17 -30.40 -41.16
N LEU C 178 6.12 -30.76 -40.29
CA LEU C 178 7.52 -30.46 -40.54
C LEU C 178 8.21 -31.67 -41.17
N GLN C 179 9.05 -31.39 -42.16
CA GLN C 179 9.88 -32.40 -42.80
C GLN C 179 11.05 -31.70 -43.47
N ALA C 180 12.25 -32.23 -43.26
CA ALA C 180 13.48 -31.69 -43.83
C ALA C 180 13.65 -30.22 -43.47
N ALA C 181 13.43 -29.90 -42.19
CA ALA C 181 13.58 -28.55 -41.64
C ALA C 181 12.70 -27.53 -42.36
N LEU C 182 11.52 -27.97 -42.81
CA LEU C 182 10.58 -27.10 -43.48
C LEU C 182 9.17 -27.53 -43.10
N TYR C 183 8.25 -26.58 -43.16
CA TYR C 183 6.87 -26.81 -42.76
C TYR C 183 5.96 -26.72 -43.97
N THR C 184 4.88 -27.49 -43.94
CA THR C 184 3.84 -27.45 -44.94
C THR C 184 2.49 -27.52 -44.25
N LEU C 185 1.55 -26.68 -44.70
CA LEU C 185 0.15 -26.82 -44.29
C LEU C 185 -0.73 -26.46 -45.48
N SER C 186 -2.00 -26.85 -45.36
CA SER C 186 -3.00 -26.55 -46.36
C SER C 186 -4.23 -25.96 -45.68
N SER C 187 -5.00 -25.20 -46.45
CA SER C 187 -6.23 -24.59 -45.97
C SER C 187 -7.34 -24.90 -46.97
N SER C 188 -8.52 -25.25 -46.46
CA SER C 188 -9.64 -25.65 -47.30
C SER C 188 -10.83 -24.75 -47.06
N VAL C 189 -11.50 -24.34 -48.14
CA VAL C 189 -12.75 -23.58 -48.03
C VAL C 189 -13.80 -24.23 -48.89
N THR C 190 -14.97 -24.44 -48.30
CA THR C 190 -16.12 -24.97 -48.98
C THR C 190 -17.09 -23.82 -49.24
N VAL C 191 -17.56 -23.72 -50.48
CA VAL C 191 -18.28 -22.55 -50.97
C VAL C 191 -19.34 -23.06 -51.93
N PRO C 192 -20.54 -22.49 -51.95
CA PRO C 192 -21.56 -22.95 -52.89
C PRO C 192 -21.11 -22.81 -54.33
N SER C 193 -21.66 -23.67 -55.18
CA SER C 193 -21.29 -23.68 -56.59
C SER C 193 -21.65 -22.37 -57.28
N SER C 194 -22.65 -21.65 -56.77
CA SER C 194 -23.06 -20.40 -57.39
C SER C 194 -22.09 -19.27 -57.12
N SER C 195 -21.17 -19.43 -56.17
CA SER C 195 -20.20 -18.38 -55.87
C SER C 195 -18.89 -18.54 -56.63
N TRP C 196 -18.45 -19.78 -56.86
CA TRP C 196 -17.22 -20.02 -57.60
C TRP C 196 -17.48 -20.96 -58.77
N PRO C 197 -16.90 -20.69 -59.95
CA PRO C 197 -16.00 -19.57 -60.22
C PRO C 197 -16.74 -18.31 -60.64
N SER C 198 -18.00 -18.18 -60.22
CA SER C 198 -18.69 -16.91 -60.35
C SER C 198 -17.85 -15.79 -59.78
N GLU C 199 -17.77 -15.68 -58.47
CA GLU C 199 -16.99 -14.65 -57.79
C GLU C 199 -15.54 -15.11 -57.68
N THR C 200 -14.72 -14.28 -57.02
CA THR C 200 -13.31 -14.56 -56.80
C THR C 200 -13.11 -15.01 -55.36
N VAL C 201 -12.42 -16.13 -55.19
CA VAL C 201 -12.06 -16.64 -53.88
C VAL C 201 -10.54 -16.53 -53.75
N THR C 202 -10.08 -15.84 -52.71
CA THR C 202 -8.68 -15.56 -52.49
C THR C 202 -8.25 -16.15 -51.15
N CYS C 203 -7.02 -16.66 -51.09
CA CYS C 203 -6.42 -17.07 -49.83
C CYS C 203 -5.23 -16.15 -49.56
N ASN C 204 -5.35 -15.36 -48.50
CA ASN C 204 -4.27 -14.49 -48.06
C ASN C 204 -3.41 -15.24 -47.07
N VAL C 205 -2.09 -15.17 -47.26
CA VAL C 205 -1.14 -15.96 -46.47
C VAL C 205 -0.06 -15.03 -45.94
N ALA C 206 0.12 -15.01 -44.62
CA ALA C 206 1.10 -14.15 -43.98
C ALA C 206 2.10 -15.01 -43.18
N HIS C 207 3.39 -14.75 -43.39
CA HIS C 207 4.46 -15.40 -42.65
C HIS C 207 5.38 -14.30 -42.13
N PRO C 208 5.09 -13.76 -40.95
CA PRO C 208 5.86 -12.59 -40.48
C PRO C 208 7.33 -12.86 -40.23
N ALA C 209 7.73 -14.11 -40.00
CA ALA C 209 9.14 -14.40 -39.74
C ALA C 209 10.00 -14.09 -40.96
N SER C 210 9.44 -14.19 -42.16
CA SER C 210 10.14 -13.82 -43.39
C SER C 210 9.54 -12.57 -44.03
N SER C 211 8.72 -11.83 -43.29
CA SER C 211 8.08 -10.61 -43.79
C SER C 211 7.28 -10.88 -45.07
N THR C 212 6.55 -11.97 -45.07
CA THR C 212 5.85 -12.45 -46.27
C THR C 212 4.35 -12.23 -46.13
N LYS C 213 3.80 -11.37 -46.97
CA LYS C 213 2.37 -11.31 -47.24
C LYS C 213 2.16 -11.64 -48.71
N VAL C 214 1.20 -12.51 -49.00
CA VAL C 214 0.92 -12.86 -50.38
C VAL C 214 -0.53 -13.31 -50.49
N ASP C 215 -1.16 -12.96 -51.61
CA ASP C 215 -2.51 -13.39 -51.94
C ASP C 215 -2.47 -14.28 -53.17
N LYS C 216 -3.29 -15.33 -53.18
CA LYS C 216 -3.38 -16.23 -54.31
C LYS C 216 -4.84 -16.48 -54.63
N LYS C 217 -5.32 -15.84 -55.70
CA LYS C 217 -6.62 -16.13 -56.28
C LYS C 217 -6.68 -17.56 -56.77
N ILE C 218 -7.85 -18.19 -56.61
CA ILE C 218 -8.08 -19.54 -57.08
C ILE C 218 -8.89 -19.47 -58.36
N VAL C 219 -8.32 -19.96 -59.46
CA VAL C 219 -8.99 -19.94 -60.76
C VAL C 219 -9.16 -21.36 -61.26
N PRO C 220 -10.20 -21.65 -62.04
CA PRO C 220 -10.40 -23.03 -62.51
C PRO C 220 -9.34 -23.43 -63.51
N ARG C 221 -9.06 -24.72 -63.55
CA ARG C 221 -7.96 -25.25 -64.36
C ARG C 221 -8.42 -25.47 -65.80
N ALA C 222 -7.45 -25.85 -66.64
CA ALA C 222 -7.64 -25.99 -68.08
C ALA C 222 -8.11 -24.68 -68.71
N ASP D 1 9.42 -35.09 -7.13
CA ASP D 1 8.20 -34.29 -7.24
C ASP D 1 7.00 -35.20 -7.12
N ILE D 2 5.83 -34.59 -6.92
CA ILE D 2 4.60 -35.36 -6.86
C ILE D 2 3.98 -35.44 -8.25
N VAL D 3 3.68 -36.66 -8.69
CA VAL D 3 3.12 -36.89 -10.01
C VAL D 3 1.60 -37.04 -9.87
N LEU D 4 0.87 -36.20 -10.58
CA LEU D 4 -0.59 -36.33 -10.68
C LEU D 4 -0.93 -36.71 -12.11
N THR D 5 -1.51 -37.90 -12.29
CA THR D 5 -1.95 -38.37 -13.59
C THR D 5 -3.48 -38.34 -13.62
N GLN D 6 -4.03 -37.78 -14.69
CA GLN D 6 -5.47 -37.61 -14.82
C GLN D 6 -6.07 -38.77 -15.62
N SER D 7 -7.31 -39.13 -15.26
CA SER D 7 -7.84 -40.45 -15.58
C SER D 7 -8.00 -40.72 -17.07
N PRO D 8 -8.88 -40.02 -17.80
CA PRO D 8 -9.10 -40.39 -19.20
C PRO D 8 -8.50 -39.35 -20.14
N ALA D 9 -7.21 -39.49 -20.47
CA ALA D 9 -6.46 -38.54 -21.28
C ALA D 9 -7.30 -37.97 -22.41
N ILE D 10 -8.10 -38.82 -23.05
CA ILE D 10 -9.07 -38.39 -24.06
C ILE D 10 -10.39 -39.07 -23.72
N MET D 11 -11.50 -38.36 -23.98
CA MET D 11 -12.82 -38.99 -23.96
C MET D 11 -13.83 -37.99 -24.48
N SER D 12 -15.01 -38.50 -24.83
CA SER D 12 -16.07 -37.72 -25.46
C SER D 12 -17.38 -37.96 -24.72
N ALA D 13 -18.26 -36.95 -24.74
CA ALA D 13 -19.52 -37.04 -24.04
C ALA D 13 -20.55 -36.16 -24.73
N ALA D 14 -21.80 -36.65 -24.78
CA ALA D 14 -22.86 -35.90 -25.42
C ALA D 14 -23.31 -34.76 -24.51
N PRO D 15 -23.86 -33.68 -25.09
CA PRO D 15 -24.38 -32.59 -24.27
C PRO D 15 -25.54 -33.04 -23.40
N GLY D 16 -25.77 -32.28 -22.33
CA GLY D 16 -26.83 -32.62 -21.38
C GLY D 16 -26.62 -33.95 -20.69
N ASP D 17 -25.37 -34.35 -20.48
CA ASP D 17 -25.04 -35.59 -19.80
C ASP D 17 -23.88 -35.34 -18.84
N LYS D 18 -23.79 -36.17 -17.80
CA LYS D 18 -22.90 -35.92 -16.68
C LYS D 18 -21.52 -36.49 -16.98
N VAL D 19 -20.49 -35.64 -16.87
CA VAL D 19 -19.12 -36.03 -17.11
C VAL D 19 -18.41 -36.19 -15.77
N THR D 20 -17.24 -36.83 -15.80
CA THR D 20 -16.42 -36.98 -14.60
C THR D 20 -15.02 -37.41 -15.02
N MET D 21 -14.04 -36.53 -14.78
CA MET D 21 -12.63 -36.85 -14.92
C MET D 21 -11.98 -36.90 -13.53
N THR D 22 -10.82 -37.55 -13.46
CA THR D 22 -10.18 -37.87 -12.20
C THR D 22 -8.73 -37.39 -12.22
N CYS D 23 -8.22 -37.02 -11.04
CA CYS D 23 -6.82 -36.66 -10.83
C CYS D 23 -6.32 -37.45 -9.62
N SER D 24 -5.17 -38.11 -9.76
CA SER D 24 -4.65 -38.99 -8.71
C SER D 24 -3.15 -38.78 -8.55
N ALA D 25 -2.67 -39.02 -7.32
CA ALA D 25 -1.38 -38.51 -6.88
C ALA D 25 -0.45 -39.63 -6.42
N SER D 26 0.85 -39.41 -6.62
CA SER D 26 1.85 -40.38 -6.17
C SER D 26 1.95 -40.40 -4.65
N SER D 27 1.93 -39.23 -4.01
CA SER D 27 1.73 -39.09 -2.58
C SER D 27 0.30 -38.60 -2.34
N SER D 28 0.01 -38.13 -1.14
CA SER D 28 -1.31 -37.56 -0.85
C SER D 28 -1.23 -36.04 -0.86
N VAL D 29 -2.25 -35.40 -1.43
CA VAL D 29 -2.24 -33.97 -1.70
C VAL D 29 -3.45 -33.30 -1.05
N SER D 30 -3.42 -31.97 -1.03
CA SER D 30 -4.44 -31.15 -0.39
C SER D 30 -4.81 -30.01 -1.32
N TYR D 31 -6.13 -29.79 -1.45
CA TYR D 31 -6.71 -28.62 -2.10
C TYR D 31 -6.17 -28.46 -3.52
N ILE D 32 -6.80 -29.16 -4.46
CA ILE D 32 -6.35 -29.24 -5.84
C ILE D 32 -7.07 -28.16 -6.63
N HIS D 33 -6.37 -27.58 -7.61
CA HIS D 33 -6.94 -26.58 -8.49
C HIS D 33 -7.11 -27.17 -9.89
N TRP D 34 -8.10 -26.66 -10.61
CA TRP D 34 -8.41 -27.12 -11.96
C TRP D 34 -8.44 -25.93 -12.91
N TYR D 35 -7.84 -26.12 -14.08
CA TYR D 35 -7.81 -25.09 -15.13
C TYR D 35 -8.42 -25.64 -16.40
N GLN D 36 -9.17 -24.79 -17.09
CA GLN D 36 -9.76 -25.11 -18.38
C GLN D 36 -9.02 -24.37 -19.47
N GLN D 37 -8.54 -25.09 -20.48
CA GLN D 37 -7.82 -24.51 -21.60
C GLN D 37 -8.51 -24.90 -22.91
N LYS D 38 -8.94 -23.90 -23.66
CA LYS D 38 -9.33 -24.09 -25.05
C LYS D 38 -8.14 -23.80 -25.95
N SER D 39 -8.13 -24.43 -27.12
CA SER D 39 -7.02 -24.25 -28.04
C SER D 39 -6.98 -22.82 -28.55
N GLY D 40 -5.79 -22.20 -28.46
CA GLY D 40 -5.61 -20.82 -28.85
C GLY D 40 -5.77 -19.81 -27.74
N THR D 41 -6.24 -20.23 -26.56
CA THR D 41 -6.49 -19.32 -25.45
C THR D 41 -5.65 -19.72 -24.24
N SER D 42 -5.49 -18.76 -23.34
CA SER D 42 -4.77 -19.00 -22.11
C SER D 42 -5.55 -19.95 -21.21
N PRO D 43 -4.86 -20.71 -20.36
CA PRO D 43 -5.56 -21.47 -19.32
C PRO D 43 -6.30 -20.52 -18.38
N LYS D 44 -7.45 -20.97 -17.90
CA LYS D 44 -8.29 -20.18 -17.01
C LYS D 44 -8.50 -20.94 -15.72
N ARG D 45 -8.25 -20.27 -14.59
CA ARG D 45 -8.54 -20.86 -13.30
C ARG D 45 -10.02 -21.22 -13.23
N TRP D 46 -10.32 -22.48 -12.93
CA TRP D 46 -11.67 -23.01 -13.00
C TRP D 46 -12.19 -23.42 -11.62
N ILE D 47 -11.57 -24.40 -10.98
CA ILE D 47 -11.95 -24.86 -9.64
C ILE D 47 -10.70 -24.84 -8.78
N TYR D 48 -10.81 -24.28 -7.57
CA TYR D 48 -9.65 -24.16 -6.71
C TYR D 48 -9.95 -24.68 -5.31
N ASP D 49 -8.88 -25.05 -4.61
CA ASP D 49 -8.96 -25.68 -3.29
C ASP D 49 -10.04 -26.77 -3.27
N THR D 50 -9.91 -27.73 -4.20
CA THR D 50 -10.72 -28.94 -4.32
C THR D 50 -12.10 -28.70 -4.93
N SER D 51 -12.85 -27.72 -4.44
CA SER D 51 -14.27 -27.67 -4.82
C SER D 51 -14.87 -26.29 -5.00
N LYS D 52 -14.12 -25.20 -4.82
CA LYS D 52 -14.70 -23.87 -4.98
C LYS D 52 -14.52 -23.38 -6.42
N LEU D 53 -15.57 -22.76 -6.94
CA LEU D 53 -15.59 -22.31 -8.33
C LEU D 53 -15.21 -20.84 -8.44
N THR D 54 -14.41 -20.52 -9.45
CA THR D 54 -14.03 -19.15 -9.76
C THR D 54 -15.25 -18.37 -10.24
N SER D 55 -15.25 -17.07 -9.96
CA SER D 55 -16.25 -16.16 -10.49
C SER D 55 -16.42 -16.34 -11.99
N GLY D 56 -17.62 -16.73 -12.42
CA GLY D 56 -17.96 -16.92 -13.81
C GLY D 56 -18.23 -18.36 -14.19
N VAL D 57 -17.59 -19.31 -13.51
CA VAL D 57 -17.71 -20.73 -13.83
C VAL D 57 -19.14 -21.19 -13.53
N PRO D 58 -19.86 -21.71 -14.52
CA PRO D 58 -21.25 -22.14 -14.28
C PRO D 58 -21.34 -23.22 -13.21
N VAL D 59 -22.50 -23.31 -12.57
CA VAL D 59 -22.70 -24.18 -11.43
C VAL D 59 -22.80 -25.66 -11.82
N ARG D 60 -22.86 -25.96 -13.12
CA ARG D 60 -22.80 -27.36 -13.54
C ARG D 60 -21.46 -27.99 -13.14
N PHE D 61 -20.40 -27.18 -13.08
CA PHE D 61 -19.09 -27.64 -12.66
C PHE D 61 -19.07 -27.91 -11.16
N SER D 62 -18.25 -28.89 -10.77
CA SER D 62 -18.07 -29.21 -9.36
C SER D 62 -16.81 -30.05 -9.19
N GLY D 63 -16.18 -29.92 -8.04
CA GLY D 63 -14.99 -30.70 -7.73
C GLY D 63 -15.10 -31.46 -6.42
N SER D 64 -14.34 -32.53 -6.27
CA SER D 64 -14.38 -33.33 -5.05
C SER D 64 -13.10 -34.14 -4.93
N GLY D 65 -12.86 -34.67 -3.74
CA GLY D 65 -11.82 -35.66 -3.57
C GLY D 65 -11.16 -35.57 -2.21
N SER D 66 -10.20 -36.47 -2.00
CA SER D 66 -9.54 -36.64 -0.72
C SER D 66 -8.14 -37.22 -0.96
N GLY D 67 -7.22 -36.82 -0.08
CA GLY D 67 -5.88 -37.39 -0.02
C GLY D 67 -5.18 -37.63 -1.35
N THR D 68 -5.54 -38.73 -2.01
CA THR D 68 -4.81 -39.21 -3.17
C THR D 68 -5.63 -39.28 -4.46
N SER D 69 -6.94 -39.03 -4.40
CA SER D 69 -7.79 -39.12 -5.58
C SER D 69 -8.86 -38.03 -5.52
N TYR D 70 -8.95 -37.24 -6.59
CA TYR D 70 -9.85 -36.10 -6.69
C TYR D 70 -10.45 -36.08 -8.11
N SER D 71 -11.51 -35.30 -8.27
CA SER D 71 -12.27 -35.36 -9.52
C SER D 71 -12.99 -34.04 -9.80
N LEU D 72 -13.25 -33.79 -11.08
CA LEU D 72 -14.14 -32.74 -11.54
C LEU D 72 -15.30 -33.37 -12.29
N THR D 73 -16.51 -32.87 -12.06
CA THR D 73 -17.69 -33.33 -12.75
C THR D 73 -18.48 -32.14 -13.28
N ILE D 74 -19.32 -32.41 -14.27
CA ILE D 74 -20.27 -31.44 -14.81
C ILE D 74 -21.61 -32.16 -14.89
N ASN D 75 -22.53 -31.81 -14.00
CA ASN D 75 -23.89 -32.32 -14.12
C ASN D 75 -24.55 -31.69 -15.33
N THR D 76 -24.93 -32.52 -16.30
CA THR D 76 -25.34 -32.10 -17.64
C THR D 76 -24.22 -31.32 -18.31
N MET D 77 -23.55 -31.93 -19.29
CA MET D 77 -22.48 -31.28 -20.01
C MET D 77 -23.03 -30.45 -21.16
N GLU D 78 -22.41 -29.30 -21.40
CA GLU D 78 -22.76 -28.42 -22.49
C GLU D 78 -21.68 -28.43 -23.55
N ALA D 79 -21.98 -27.81 -24.71
CA ALA D 79 -21.02 -27.80 -25.81
C ALA D 79 -19.82 -26.92 -25.49
N GLU D 80 -20.05 -25.75 -24.87
CA GLU D 80 -18.97 -24.85 -24.50
C GLU D 80 -18.00 -25.47 -23.50
N ASP D 81 -18.35 -26.62 -22.92
CA ASP D 81 -17.47 -27.31 -21.99
C ASP D 81 -16.35 -28.05 -22.68
N ALA D 82 -16.35 -28.10 -24.01
CA ALA D 82 -15.31 -28.78 -24.77
C ALA D 82 -13.99 -28.02 -24.62
N ALA D 83 -13.04 -28.65 -23.91
CA ALA D 83 -11.71 -28.10 -23.70
C ALA D 83 -10.83 -29.12 -22.99
N THR D 84 -9.64 -28.72 -22.58
CA THR D 84 -8.73 -29.58 -21.83
C THR D 84 -8.66 -29.09 -20.39
N TYR D 85 -8.78 -30.01 -19.44
CA TYR D 85 -8.84 -29.69 -18.02
C TYR D 85 -7.60 -30.24 -17.33
N TYR D 86 -6.81 -29.35 -16.72
CA TYR D 86 -5.58 -29.70 -16.03
C TYR D 86 -5.81 -29.55 -14.53
N CYS D 87 -5.58 -30.63 -13.78
CA CYS D 87 -5.50 -30.53 -12.33
C CYS D 87 -4.10 -30.10 -11.92
N GLN D 88 -4.01 -29.43 -10.77
CA GLN D 88 -2.74 -28.89 -10.33
C GLN D 88 -2.68 -28.95 -8.81
N GLN D 89 -1.47 -29.19 -8.29
CA GLN D 89 -1.23 -29.28 -6.87
C GLN D 89 -0.24 -28.21 -6.45
N TRP D 90 -0.37 -27.75 -5.19
CA TRP D 90 0.72 -27.05 -4.53
C TRP D 90 0.73 -27.39 -3.03
N SER D 91 0.09 -28.49 -2.64
CA SER D 91 0.24 -29.01 -1.28
C SER D 91 1.70 -29.19 -0.93
N SER D 92 2.49 -29.69 -1.86
CA SER D 92 3.92 -29.92 -1.68
C SER D 92 4.69 -29.13 -2.74
N HIS D 93 5.98 -28.95 -2.48
CA HIS D 93 6.85 -28.19 -3.35
C HIS D 93 7.89 -29.11 -3.98
N PRO D 94 8.12 -29.03 -5.29
CA PRO D 94 7.45 -28.04 -6.15
C PRO D 94 6.09 -28.49 -6.69
N GLN D 95 5.30 -27.50 -7.07
CA GLN D 95 3.98 -27.71 -7.64
C GLN D 95 4.07 -28.47 -8.96
N THR D 96 3.00 -29.20 -9.28
CA THR D 96 2.95 -30.02 -10.47
C THR D 96 1.55 -30.01 -11.06
N PHE D 97 1.48 -30.07 -12.38
CA PHE D 97 0.22 -30.19 -13.11
C PHE D 97 -0.03 -31.65 -13.50
N GLY D 98 -1.29 -31.93 -13.83
CA GLY D 98 -1.60 -33.20 -14.44
C GLY D 98 -1.38 -33.20 -15.93
N GLY D 99 -1.29 -34.40 -16.50
CA GLY D 99 -1.11 -34.52 -17.94
C GLY D 99 -2.26 -33.94 -18.74
N GLY D 100 -3.41 -33.76 -18.12
CA GLY D 100 -4.58 -33.20 -18.79
C GLY D 100 -5.47 -34.27 -19.39
N THR D 101 -6.77 -34.00 -19.35
CA THR D 101 -7.77 -34.81 -20.05
C THR D 101 -8.46 -33.91 -21.07
N LYS D 102 -8.24 -34.20 -22.35
CA LYS D 102 -9.04 -33.61 -23.40
C LYS D 102 -10.42 -34.26 -23.40
N LEU D 103 -11.44 -33.43 -23.60
CA LEU D 103 -12.84 -33.87 -23.49
C LEU D 103 -13.66 -33.10 -24.50
N GLU D 104 -14.13 -33.78 -25.53
CA GLU D 104 -14.82 -33.14 -26.65
C GLU D 104 -16.24 -33.65 -26.79
N ILE D 105 -16.98 -33.05 -27.72
CA ILE D 105 -18.39 -33.38 -27.95
C ILE D 105 -18.50 -34.69 -28.72
N LEU D 106 -19.55 -35.46 -28.42
CA LEU D 106 -19.97 -36.60 -29.23
C LEU D 106 -21.27 -36.24 -29.95
N ARG D 107 -21.34 -36.60 -31.23
CA ARG D 107 -22.54 -36.40 -32.02
C ARG D 107 -22.69 -37.60 -32.97
N ALA D 108 -23.68 -37.52 -33.85
CA ALA D 108 -23.93 -38.62 -34.78
C ALA D 108 -22.79 -38.78 -35.77
N ASP D 109 -22.65 -39.99 -36.29
CA ASP D 109 -21.60 -40.28 -37.26
C ASP D 109 -21.80 -39.47 -38.54
N ALA D 110 -20.69 -39.14 -39.20
CA ALA D 110 -20.72 -38.36 -40.43
C ALA D 110 -19.68 -38.90 -41.40
N ALA D 111 -20.08 -39.08 -42.65
CA ALA D 111 -19.15 -39.53 -43.68
C ALA D 111 -18.30 -38.37 -44.19
N PRO D 112 -17.05 -38.64 -44.57
CA PRO D 112 -16.19 -37.56 -45.07
C PRO D 112 -16.61 -37.11 -46.47
N THR D 113 -16.43 -35.82 -46.73
CA THR D 113 -16.57 -35.25 -48.05
C THR D 113 -15.18 -35.15 -48.67
N VAL D 114 -14.91 -36.03 -49.64
CA VAL D 114 -13.57 -36.19 -50.20
C VAL D 114 -13.41 -35.27 -51.41
N SER D 115 -12.21 -34.69 -51.53
CA SER D 115 -11.87 -33.83 -52.66
C SER D 115 -10.39 -34.00 -52.96
N ILE D 116 -10.06 -34.13 -54.24
CA ILE D 116 -8.68 -34.25 -54.66
C ILE D 116 -8.35 -33.11 -55.62
N PHE D 117 -7.11 -32.64 -55.54
CA PHE D 117 -6.64 -31.49 -56.30
C PHE D 117 -5.33 -31.86 -56.99
N PRO D 118 -5.19 -31.58 -58.29
CA PRO D 118 -3.93 -31.86 -58.96
C PRO D 118 -2.90 -30.83 -58.60
N PRO D 119 -1.62 -31.12 -58.81
CA PRO D 119 -0.59 -30.09 -58.61
C PRO D 119 -0.86 -28.86 -59.48
N SER D 120 -0.76 -27.70 -58.87
CA SER D 120 -0.94 -26.46 -59.61
C SER D 120 0.16 -26.29 -60.64
N SER D 121 -0.15 -25.54 -61.71
CA SER D 121 0.88 -25.24 -62.70
C SER D 121 1.99 -24.41 -62.09
N GLU D 122 1.70 -23.65 -61.02
CA GLU D 122 2.74 -22.87 -60.36
C GLU D 122 3.80 -23.77 -59.75
N GLN D 123 3.37 -24.82 -59.03
CA GLN D 123 4.33 -25.71 -58.38
C GLN D 123 5.10 -26.54 -59.39
N LEU D 124 4.45 -26.93 -60.49
CA LEU D 124 5.11 -27.80 -61.46
C LEU D 124 6.28 -27.12 -62.14
N THR D 125 6.14 -25.84 -62.49
CA THR D 125 7.26 -25.11 -63.07
C THR D 125 8.45 -25.03 -62.11
N SER D 126 8.17 -25.07 -60.80
CA SER D 126 9.24 -25.10 -59.81
C SER D 126 9.93 -26.45 -59.73
N GLY D 127 9.33 -27.50 -60.30
CA GLY D 127 9.92 -28.83 -60.28
C GLY D 127 9.32 -29.80 -59.29
N GLY D 128 8.39 -29.37 -58.46
CA GLY D 128 7.75 -30.26 -57.51
C GLY D 128 6.30 -30.53 -57.87
N ALA D 129 5.70 -31.55 -57.27
CA ALA D 129 4.33 -31.91 -57.58
C ALA D 129 3.67 -32.47 -56.33
N SER D 130 2.70 -31.74 -55.79
CA SER D 130 1.97 -32.14 -54.60
C SER D 130 0.52 -32.41 -54.99
N VAL D 131 0.05 -33.63 -54.75
CA VAL D 131 -1.36 -33.95 -54.91
C VAL D 131 -1.99 -34.02 -53.53
N VAL D 132 -3.12 -33.34 -53.38
CA VAL D 132 -3.70 -33.02 -52.08
C VAL D 132 -5.12 -33.59 -52.01
N CYS D 133 -5.45 -34.15 -50.86
CA CYS D 133 -6.71 -34.82 -50.62
C CYS D 133 -7.38 -34.29 -49.37
N PHE D 134 -8.50 -33.59 -49.51
CA PHE D 134 -9.23 -33.08 -48.36
C PHE D 134 -10.35 -34.04 -47.98
N LEU D 135 -10.29 -34.55 -46.75
CA LEU D 135 -11.35 -35.36 -46.14
C LEU D 135 -12.00 -34.51 -45.07
N ASN D 136 -13.19 -33.96 -45.35
CA ASN D 136 -13.73 -32.90 -44.54
C ASN D 136 -15.05 -33.29 -43.89
N ASN D 137 -15.19 -32.94 -42.61
CA ASN D 137 -16.42 -32.97 -41.84
C ASN D 137 -16.93 -34.39 -41.57
N PHE D 138 -16.25 -35.11 -40.67
CA PHE D 138 -16.62 -36.48 -40.36
C PHE D 138 -16.45 -36.76 -38.87
N TYR D 139 -17.25 -37.72 -38.38
CA TYR D 139 -17.19 -38.25 -37.01
C TYR D 139 -17.43 -39.75 -37.15
N PRO D 140 -16.61 -40.60 -36.52
CA PRO D 140 -15.41 -40.31 -35.72
C PRO D 140 -14.18 -39.99 -36.57
N LYS D 141 -13.06 -39.61 -35.94
CA LYS D 141 -11.86 -39.23 -36.69
C LYS D 141 -11.10 -40.43 -37.20
N ASP D 142 -11.24 -41.59 -36.55
CA ASP D 142 -10.57 -42.78 -37.05
C ASP D 142 -10.93 -42.95 -38.51
N ILE D 143 -9.99 -42.58 -39.36
CA ILE D 143 -10.14 -42.66 -40.81
C ILE D 143 -8.78 -43.06 -41.38
N ASN D 144 -8.82 -43.89 -42.42
CA ASN D 144 -7.62 -44.34 -43.09
C ASN D 144 -7.69 -43.92 -44.55
N VAL D 145 -6.65 -43.27 -45.04
CA VAL D 145 -6.59 -42.77 -46.41
C VAL D 145 -5.57 -43.61 -47.17
N LYS D 146 -5.89 -43.89 -48.43
CA LYS D 146 -5.06 -44.73 -49.28
C LYS D 146 -4.85 -44.02 -50.60
N TRP D 147 -3.60 -43.96 -51.05
CA TRP D 147 -3.25 -43.39 -52.35
C TRP D 147 -3.00 -44.52 -53.33
N LYS D 148 -3.47 -44.34 -54.56
CA LYS D 148 -3.17 -45.26 -55.65
C LYS D 148 -2.74 -44.45 -56.87
N ILE D 149 -1.65 -44.88 -57.49
CA ILE D 149 -1.14 -44.24 -58.70
C ILE D 149 -1.32 -45.23 -59.84
N ASP D 150 -2.21 -44.89 -60.78
CA ASP D 150 -2.70 -45.82 -61.82
C ASP D 150 -3.00 -47.20 -61.24
N GLY D 151 -3.85 -47.21 -60.21
CA GLY D 151 -4.31 -48.44 -59.61
C GLY D 151 -3.35 -49.10 -58.65
N SER D 152 -2.13 -48.58 -58.52
CA SER D 152 -1.13 -49.16 -57.62
C SER D 152 -0.96 -48.23 -56.42
N GLU D 153 -1.23 -48.77 -55.25
CA GLU D 153 -1.10 -48.04 -54.01
C GLU D 153 0.36 -47.66 -53.74
N ARG D 154 0.56 -46.50 -53.13
CA ARG D 154 1.90 -45.97 -52.85
C ARG D 154 1.99 -45.54 -51.40
N GLN D 155 3.16 -45.70 -50.79
CA GLN D 155 3.30 -45.47 -49.35
C GLN D 155 4.08 -44.21 -48.98
N ASN D 156 5.14 -43.86 -49.70
CA ASN D 156 6.03 -42.79 -49.24
C ASN D 156 5.90 -41.56 -50.14
N GLY D 157 6.10 -40.40 -49.52
CA GLY D 157 5.69 -39.14 -50.08
C GLY D 157 4.39 -38.62 -49.52
N VAL D 158 3.82 -39.31 -48.53
CA VAL D 158 2.51 -39.00 -47.96
C VAL D 158 2.69 -38.41 -46.57
N LEU D 159 1.90 -37.39 -46.27
CA LEU D 159 1.84 -36.81 -44.93
C LEU D 159 0.42 -36.32 -44.70
N ASN D 160 -0.21 -36.80 -43.63
CA ASN D 160 -1.58 -36.46 -43.27
C ASN D 160 -1.58 -35.49 -42.10
N SER D 161 -2.67 -34.74 -41.97
CA SER D 161 -2.81 -33.75 -40.90
C SER D 161 -4.27 -33.64 -40.51
N TRP D 162 -4.55 -33.79 -39.21
CA TRP D 162 -5.92 -33.74 -38.70
C TRP D 162 -6.21 -32.40 -38.05
N THR D 163 -7.43 -31.91 -38.28
CA THR D 163 -7.96 -30.77 -37.54
C THR D 163 -8.19 -31.16 -36.09
N ASP D 164 -8.48 -30.15 -35.26
CA ASP D 164 -9.16 -30.36 -33.99
C ASP D 164 -10.66 -30.25 -34.24
N GLN D 165 -11.46 -30.42 -33.19
CA GLN D 165 -12.90 -30.49 -33.42
C GLN D 165 -13.43 -29.13 -33.87
N ASP D 166 -14.13 -29.12 -34.99
CA ASP D 166 -14.80 -27.91 -35.43
C ASP D 166 -15.71 -27.42 -34.31
N SER D 167 -15.83 -26.11 -34.22
CA SER D 167 -16.65 -25.49 -33.20
C SER D 167 -18.12 -25.76 -33.44
N LYS D 168 -18.65 -25.25 -34.55
CA LYS D 168 -20.09 -25.36 -34.82
C LYS D 168 -20.44 -26.76 -35.28
N ASP D 169 -19.74 -27.26 -36.30
CA ASP D 169 -20.00 -28.59 -36.82
C ASP D 169 -19.77 -29.66 -35.77
N SER D 170 -18.79 -29.48 -34.89
CA SER D 170 -18.23 -30.57 -34.10
C SER D 170 -17.85 -31.77 -34.98
N THR D 171 -17.60 -31.54 -36.27
CA THR D 171 -16.99 -32.56 -37.12
C THR D 171 -15.47 -32.59 -36.90
N TYR D 172 -14.76 -33.25 -37.81
CA TYR D 172 -13.32 -33.14 -37.94
C TYR D 172 -12.99 -32.93 -39.42
N SER D 173 -11.70 -33.03 -39.73
CA SER D 173 -11.22 -32.97 -41.11
C SER D 173 -9.79 -33.45 -41.12
N MET D 174 -9.35 -33.90 -42.30
CA MET D 174 -8.00 -34.45 -42.42
C MET D 174 -7.52 -34.28 -43.85
N SER D 175 -6.42 -33.56 -44.02
CA SER D 175 -5.76 -33.46 -45.32
C SER D 175 -4.67 -34.52 -45.42
N SER D 176 -4.32 -34.87 -46.66
CA SER D 176 -3.23 -35.80 -46.91
C SER D 176 -2.58 -35.41 -48.23
N THR D 177 -1.30 -35.09 -48.18
CA THR D 177 -0.55 -34.59 -49.34
C THR D 177 0.45 -35.65 -49.77
N LEU D 178 0.38 -36.03 -51.04
CA LEU D 178 1.38 -36.90 -51.66
C LEU D 178 2.25 -36.02 -52.55
N THR D 179 3.54 -35.99 -52.24
CA THR D 179 4.47 -35.06 -52.89
C THR D 179 5.51 -35.86 -53.67
N LEU D 180 5.60 -35.59 -54.97
CA LEU D 180 6.58 -36.23 -55.86
C LEU D 180 7.37 -35.12 -56.57
N THR D 181 8.43 -35.51 -57.26
CA THR D 181 9.00 -34.55 -58.20
C THR D 181 8.18 -34.54 -59.47
N LYS D 182 8.31 -33.44 -60.23
CA LYS D 182 7.52 -33.29 -61.45
C LYS D 182 7.78 -34.43 -62.42
N ASP D 183 8.97 -35.04 -62.36
CA ASP D 183 9.31 -36.10 -63.30
C ASP D 183 8.45 -37.35 -63.06
N GLU D 184 8.49 -37.91 -61.85
CA GLU D 184 7.70 -39.10 -61.58
C GLU D 184 6.21 -38.81 -61.63
N TYR D 185 5.81 -37.57 -61.35
CA TYR D 185 4.41 -37.20 -61.47
C TYR D 185 3.92 -37.35 -62.91
N GLU D 186 4.80 -37.15 -63.88
CA GLU D 186 4.44 -37.22 -65.29
C GLU D 186 4.57 -38.62 -65.88
N ARG D 187 5.19 -39.57 -65.18
CA ARG D 187 5.24 -40.93 -65.67
C ARG D 187 3.89 -41.63 -65.56
N HIS D 188 2.97 -41.06 -64.79
CA HIS D 188 1.72 -41.71 -64.43
C HIS D 188 0.54 -40.83 -64.81
N ASN D 189 -0.65 -41.42 -64.79
CA ASN D 189 -1.85 -40.72 -65.24
C ASN D 189 -2.96 -40.68 -64.20
N SER D 190 -3.25 -41.79 -63.53
CA SER D 190 -4.31 -41.83 -62.55
C SER D 190 -3.78 -41.53 -61.16
N TYR D 191 -4.60 -40.88 -60.35
CA TYR D 191 -4.25 -40.53 -58.97
C TYR D 191 -5.51 -40.68 -58.13
N THR D 192 -5.57 -41.73 -57.30
CA THR D 192 -6.76 -42.05 -56.54
C THR D 192 -6.47 -41.88 -55.06
N CYS D 193 -7.52 -41.48 -54.35
CA CYS D 193 -7.51 -41.21 -52.93
C CYS D 193 -8.62 -41.99 -52.27
N GLU D 194 -8.26 -42.97 -51.44
CA GLU D 194 -9.22 -43.91 -50.88
C GLU D 194 -9.48 -43.59 -49.41
N ALA D 195 -10.72 -43.19 -49.11
CA ALA D 195 -11.14 -42.84 -47.75
C ALA D 195 -11.83 -44.02 -47.11
N THR D 196 -11.15 -44.68 -46.17
CA THR D 196 -11.75 -45.80 -45.45
C THR D 196 -12.15 -45.31 -44.06
N HIS D 197 -13.29 -44.63 -44.00
CA HIS D 197 -13.96 -44.36 -42.74
C HIS D 197 -14.67 -45.65 -42.30
N LYS D 198 -15.44 -45.58 -41.21
CA LYS D 198 -16.19 -46.74 -40.75
C LYS D 198 -17.70 -46.52 -40.81
N THR D 199 -18.15 -45.39 -41.35
CA THR D 199 -19.56 -45.22 -41.69
C THR D 199 -19.96 -46.02 -42.93
N SER D 200 -19.03 -46.79 -43.49
CA SER D 200 -19.29 -47.62 -44.66
C SER D 200 -18.17 -48.65 -44.77
N THR D 201 -18.45 -49.75 -45.49
CA THR D 201 -17.42 -50.74 -45.76
C THR D 201 -16.65 -50.46 -47.04
N SER D 202 -17.30 -49.90 -48.06
CA SER D 202 -16.65 -49.57 -49.33
C SER D 202 -16.11 -48.14 -49.29
N PRO D 203 -14.81 -47.91 -49.47
CA PRO D 203 -14.28 -46.54 -49.33
C PRO D 203 -14.80 -45.60 -50.41
N ILE D 204 -14.87 -44.32 -50.07
CA ILE D 204 -15.28 -43.28 -51.00
C ILE D 204 -14.03 -42.78 -51.71
N VAL D 205 -13.84 -43.22 -52.96
CA VAL D 205 -12.64 -42.92 -53.73
C VAL D 205 -12.93 -41.77 -54.67
N LYS D 206 -12.00 -40.81 -54.76
CA LYS D 206 -12.11 -39.73 -55.74
C LYS D 206 -10.77 -39.55 -56.44
N SER D 207 -10.82 -39.19 -57.72
CA SER D 207 -9.68 -39.43 -58.58
C SER D 207 -9.61 -38.34 -59.66
N PHE D 208 -8.49 -38.32 -60.38
CA PHE D 208 -8.37 -37.52 -61.58
C PHE D 208 -7.31 -38.13 -62.47
N ASN D 209 -7.48 -37.94 -63.77
CA ASN D 209 -6.50 -38.29 -64.78
C ASN D 209 -5.92 -37.03 -65.38
N ARG D 210 -4.59 -37.02 -65.57
CA ARG D 210 -3.99 -35.96 -66.38
C ARG D 210 -4.32 -36.12 -67.86
N ALA D 211 -4.63 -37.34 -68.29
CA ALA D 211 -4.74 -37.68 -69.70
C ALA D 211 -3.44 -37.32 -70.41
N VAL E 2 14.17 11.10 -5.51
CA VAL E 2 12.88 11.80 -5.64
C VAL E 2 13.03 12.99 -6.60
N ARG E 3 12.45 12.87 -7.78
CA ARG E 3 12.65 13.85 -8.84
C ARG E 3 11.32 14.17 -9.53
N LEU E 4 11.15 15.45 -9.87
CA LEU E 4 10.06 15.90 -10.72
C LEU E 4 10.67 16.53 -11.95
N LEU E 5 10.39 15.96 -13.12
CA LEU E 5 10.94 16.43 -14.39
C LEU E 5 9.77 16.80 -15.30
N GLU E 6 9.63 18.10 -15.58
CA GLU E 6 8.55 18.59 -16.41
C GLU E 6 9.03 18.82 -17.84
N SER E 7 8.10 18.72 -18.79
CA SER E 7 8.41 18.86 -20.20
C SER E 7 7.23 19.52 -20.90
N GLY E 8 7.23 19.46 -22.23
CA GLY E 8 6.19 20.07 -23.01
C GLY E 8 6.32 21.57 -23.21
N GLY E 9 7.32 22.20 -22.60
CA GLY E 9 7.47 23.63 -22.73
C GLY E 9 7.98 24.04 -24.09
N GLY E 10 8.00 25.36 -24.29
CA GLY E 10 8.46 25.91 -25.53
C GLY E 10 7.56 26.99 -26.09
N LEU E 11 7.34 26.95 -27.39
CA LEU E 11 6.72 28.03 -28.12
C LEU E 11 5.25 27.71 -28.39
N VAL E 12 4.41 28.73 -28.27
CA VAL E 12 3.01 28.65 -28.66
C VAL E 12 2.62 29.97 -29.28
N GLN E 13 1.80 29.91 -30.31
CA GLN E 13 1.33 31.15 -30.89
C GLN E 13 0.25 31.76 -29.99
N PRO E 14 0.18 33.09 -29.90
CA PRO E 14 -0.84 33.73 -29.07
C PRO E 14 -2.24 33.24 -29.44
N GLY E 15 -3.04 32.98 -28.40
CA GLY E 15 -4.37 32.42 -28.58
C GLY E 15 -4.42 30.91 -28.64
N GLY E 16 -3.29 30.25 -28.87
CA GLY E 16 -3.25 28.81 -28.99
C GLY E 16 -3.42 28.08 -27.68
N SER E 17 -2.74 26.95 -27.53
CA SER E 17 -2.82 26.14 -26.31
C SER E 17 -1.69 25.13 -26.33
N LEU E 18 -1.41 24.58 -25.15
CA LEU E 18 -0.39 23.57 -24.98
C LEU E 18 -0.65 22.82 -23.68
N LYS E 19 -0.06 21.64 -23.56
CA LYS E 19 -0.15 20.86 -22.32
C LYS E 19 1.25 20.52 -21.85
N LEU E 20 1.55 20.86 -20.60
CA LEU E 20 2.80 20.48 -19.97
C LEU E 20 2.59 19.20 -19.16
N SER E 21 3.63 18.38 -19.11
CA SER E 21 3.62 17.17 -18.30
C SER E 21 4.77 17.22 -17.30
N CYS E 22 4.54 16.62 -16.14
CA CYS E 22 5.54 16.53 -15.07
C CYS E 22 5.61 15.09 -14.63
N ALA E 23 6.71 14.41 -14.95
CA ALA E 23 6.89 13.00 -14.66
C ALA E 23 7.57 12.86 -13.30
N ALA E 24 6.83 12.35 -12.32
CA ALA E 24 7.35 12.19 -10.97
C ALA E 24 7.91 10.80 -10.77
N SER E 25 8.85 10.68 -9.84
CA SER E 25 9.50 9.40 -9.56
C SER E 25 10.20 9.50 -8.20
N GLY E 26 10.45 8.34 -7.62
CA GLY E 26 11.14 8.25 -6.34
C GLY E 26 10.25 8.33 -5.12
N PHE E 27 8.93 8.36 -5.31
CA PHE E 27 8.00 8.44 -4.20
C PHE E 27 6.62 8.01 -4.69
N ASP E 28 5.80 7.55 -3.74
CA ASP E 28 4.42 7.20 -4.06
C ASP E 28 3.71 8.43 -4.60
N TYR E 29 3.51 8.49 -5.91
CA TYR E 29 2.93 9.68 -6.52
C TYR E 29 1.47 9.86 -6.11
N SER E 30 0.70 8.77 -6.15
CA SER E 30 -0.58 8.76 -5.45
C SER E 30 -0.36 9.07 -3.98
N ARG E 31 -1.41 9.53 -3.30
CA ARG E 31 -1.34 9.93 -1.90
C ARG E 31 -0.54 11.22 -1.72
N TYR E 32 -0.43 12.04 -2.78
CA TYR E 32 0.33 13.28 -2.72
C TYR E 32 -0.38 14.36 -3.51
N TRP E 33 -0.66 15.48 -2.87
CA TRP E 33 -1.17 16.66 -3.57
C TRP E 33 -0.07 17.24 -4.44
N MET E 34 -0.39 17.50 -5.70
CA MET E 34 0.55 18.11 -6.63
C MET E 34 0.08 19.51 -7.01
N SER E 35 1.02 20.33 -7.47
CA SER E 35 0.73 21.73 -7.71
C SER E 35 1.59 22.25 -8.87
N TRP E 36 1.15 23.37 -9.44
CA TRP E 36 1.87 24.06 -10.51
C TRP E 36 2.17 25.48 -10.06
N VAL E 37 3.42 25.90 -10.25
CA VAL E 37 3.84 27.28 -9.97
C VAL E 37 4.63 27.77 -11.17
N ARG E 38 4.43 29.03 -11.54
CA ARG E 38 5.15 29.62 -12.66
C ARG E 38 5.89 30.86 -12.21
N GLN E 39 6.95 31.19 -12.95
CA GLN E 39 7.82 32.31 -12.64
C GLN E 39 8.11 33.06 -13.94
N ALA E 40 7.54 34.26 -14.07
CA ALA E 40 7.80 35.08 -15.23
C ALA E 40 9.28 35.46 -15.28
N PRO E 41 9.80 35.80 -16.47
CA PRO E 41 11.21 36.18 -16.58
C PRO E 41 11.60 37.31 -15.65
N GLY E 42 12.51 37.04 -14.71
CA GLY E 42 13.01 38.05 -13.82
C GLY E 42 12.08 38.47 -12.70
N LYS E 43 10.94 37.81 -12.55
CA LYS E 43 10.00 38.12 -11.49
C LYS E 43 9.87 36.92 -10.54
N GLY E 44 8.95 37.05 -9.58
CA GLY E 44 8.75 36.04 -8.56
C GLY E 44 7.74 34.99 -8.97
N LEU E 45 7.37 34.15 -8.00
CA LEU E 45 6.54 32.98 -8.25
C LEU E 45 5.07 33.28 -8.03
N LYS E 46 4.23 32.59 -8.80
CA LYS E 46 2.78 32.72 -8.69
C LYS E 46 2.15 31.34 -8.85
N TRP E 47 1.30 30.97 -7.90
CA TRP E 47 0.63 29.67 -7.91
C TRP E 47 -0.36 29.59 -9.06
N ILE E 48 -0.41 28.42 -9.69
CA ILE E 48 -1.38 28.14 -10.74
C ILE E 48 -2.57 27.34 -10.21
N GLY E 49 -2.31 26.21 -9.59
CA GLY E 49 -3.39 25.37 -9.11
C GLY E 49 -2.85 24.11 -8.46
N GLU E 50 -3.76 23.35 -7.87
CA GLU E 50 -3.42 22.11 -7.19
C GLU E 50 -4.45 21.04 -7.53
N ILE E 51 -4.08 19.79 -7.28
CA ILE E 51 -4.98 18.66 -7.49
C ILE E 51 -4.67 17.60 -6.45
N ASN E 52 -5.72 17.04 -5.84
CA ASN E 52 -5.59 16.03 -4.82
C ASN E 52 -5.34 14.67 -5.47
N PRO E 53 -4.89 13.66 -4.70
CA PRO E 53 -4.48 12.39 -5.33
C PRO E 53 -5.56 11.73 -6.17
N VAL E 54 -6.84 11.91 -5.83
CA VAL E 54 -7.93 11.22 -6.54
C VAL E 54 -8.59 12.12 -7.58
N SER E 55 -8.06 13.32 -7.81
CA SER E 55 -8.62 14.30 -8.74
C SER E 55 -10.05 14.70 -8.37
N SER E 56 -10.46 14.43 -7.13
CA SER E 56 -11.76 14.90 -6.66
C SER E 56 -11.76 16.41 -6.46
N THR E 57 -10.70 16.92 -5.84
CA THR E 57 -10.52 18.36 -5.62
C THR E 57 -9.49 18.90 -6.59
N ILE E 58 -9.85 19.97 -7.30
CA ILE E 58 -8.94 20.68 -8.20
C ILE E 58 -9.17 22.16 -8.01
N ASN E 59 -8.17 22.87 -7.50
CA ASN E 59 -8.27 24.30 -7.25
C ASN E 59 -7.36 25.07 -8.21
N TYR E 60 -7.74 26.32 -8.48
CA TYR E 60 -7.00 27.16 -9.40
C TYR E 60 -6.87 28.57 -8.83
N THR E 61 -5.84 29.27 -9.28
CA THR E 61 -5.78 30.70 -9.05
C THR E 61 -6.91 31.37 -9.82
N PRO E 62 -7.40 32.54 -9.35
CA PRO E 62 -8.52 33.20 -10.03
C PRO E 62 -8.23 33.61 -11.46
N SER E 63 -8.47 32.71 -12.41
CA SER E 63 -8.47 33.02 -13.83
C SER E 63 -9.78 32.54 -14.44
N LEU E 64 -9.89 32.66 -15.76
CA LEU E 64 -11.20 32.66 -16.42
C LEU E 64 -11.76 31.25 -16.59
N LYS E 65 -12.22 30.93 -17.81
CA LYS E 65 -12.96 29.71 -18.10
C LYS E 65 -12.10 28.46 -17.91
N ASP E 66 -11.74 27.83 -19.01
CA ASP E 66 -10.78 26.73 -19.00
C ASP E 66 -9.37 27.24 -19.30
N LYS E 67 -9.00 28.38 -18.69
CA LYS E 67 -7.67 28.93 -18.87
C LYS E 67 -6.60 27.90 -18.52
N PHE E 68 -6.64 27.40 -17.28
CA PHE E 68 -5.86 26.25 -16.88
C PHE E 68 -6.80 25.10 -16.56
N ILE E 69 -6.41 23.88 -16.95
CA ILE E 69 -7.02 22.67 -16.42
C ILE E 69 -5.88 21.75 -15.99
N ILE E 70 -5.92 21.33 -14.73
CA ILE E 70 -4.87 20.52 -14.14
C ILE E 70 -5.38 19.09 -13.99
N SER E 71 -4.57 18.14 -14.44
CA SER E 71 -4.94 16.74 -14.44
C SER E 71 -3.74 15.90 -14.07
N ARG E 72 -4.03 14.72 -13.52
CA ARG E 72 -3.01 13.75 -13.17
C ARG E 72 -3.52 12.37 -13.56
N ASP E 73 -2.58 11.50 -13.91
CA ASP E 73 -2.86 10.08 -14.18
C ASP E 73 -1.87 9.30 -13.33
N ASN E 74 -2.32 8.84 -12.16
CA ASN E 74 -1.44 8.14 -11.22
C ASN E 74 -0.91 6.83 -11.79
N ALA E 75 -1.45 6.36 -12.92
CA ALA E 75 -0.95 5.12 -13.49
C ALA E 75 0.49 5.26 -13.96
N LYS E 76 0.89 6.45 -14.44
CA LYS E 76 2.26 6.73 -14.85
C LYS E 76 2.82 7.94 -14.06
N ASP E 77 2.26 8.20 -12.89
CA ASP E 77 2.83 9.17 -11.96
C ASP E 77 3.20 10.47 -12.66
N THR E 78 2.23 11.02 -13.40
CA THR E 78 2.48 12.18 -14.23
C THR E 78 1.44 13.24 -13.96
N LEU E 79 1.91 14.48 -13.87
CA LEU E 79 1.06 15.65 -13.69
C LEU E 79 0.93 16.38 -15.01
N TYR E 80 -0.23 17.01 -15.22
CA TYR E 80 -0.52 17.70 -16.47
C TYR E 80 -1.04 19.10 -16.19
N LEU E 81 -0.77 20.00 -17.13
CA LEU E 81 -1.31 21.35 -17.09
C LEU E 81 -1.52 21.84 -18.52
N GLN E 82 -2.76 22.18 -18.84
CA GLN E 82 -3.11 22.74 -20.14
C GLN E 82 -3.44 24.22 -19.97
N ILE E 83 -2.81 25.07 -20.76
CA ILE E 83 -3.12 26.49 -20.82
C ILE E 83 -3.79 26.78 -22.16
N SER E 84 -4.86 27.55 -22.13
CA SER E 84 -5.62 27.90 -23.32
C SER E 84 -5.65 29.42 -23.48
N LYS E 85 -6.04 29.87 -24.67
CA LYS E 85 -6.11 31.30 -25.00
C LYS E 85 -4.84 32.02 -24.56
N VAL E 86 -3.70 31.48 -24.98
CA VAL E 86 -2.42 31.88 -24.39
C VAL E 86 -2.09 33.32 -24.77
N ARG E 87 -1.71 34.11 -23.78
CA ARG E 87 -1.29 35.50 -23.95
C ARG E 87 0.12 35.66 -23.41
N SER E 88 0.68 36.87 -23.61
CA SER E 88 2.06 37.11 -23.25
C SER E 88 2.32 36.93 -21.76
N GLU E 89 1.30 37.16 -20.92
CA GLU E 89 1.45 36.95 -19.48
C GLU E 89 1.66 35.48 -19.12
N ASP E 90 1.53 34.57 -20.07
CA ASP E 90 1.75 33.16 -19.82
C ASP E 90 3.20 32.73 -20.12
N THR E 91 4.01 33.61 -20.70
CA THR E 91 5.43 33.35 -20.86
C THR E 91 6.08 33.30 -19.47
N ALA E 92 6.43 32.09 -19.04
CA ALA E 92 7.07 31.92 -17.74
C ALA E 92 7.71 30.54 -17.69
N LEU E 93 8.54 30.34 -16.67
CA LEU E 93 9.07 29.02 -16.34
C LEU E 93 8.11 28.34 -15.38
N TYR E 94 7.56 27.21 -15.79
CA TYR E 94 6.52 26.54 -15.04
C TYR E 94 7.12 25.44 -14.18
N TYR E 95 6.89 25.52 -12.87
CA TYR E 95 7.35 24.51 -11.92
C TYR E 95 6.21 23.58 -11.56
N CYS E 96 6.49 22.29 -11.56
CA CYS E 96 5.63 21.29 -10.95
C CYS E 96 6.19 20.94 -9.58
N ALA E 97 5.32 20.88 -8.58
CA ALA E 97 5.78 20.75 -7.20
C ALA E 97 4.87 19.84 -6.40
N ARG E 98 5.50 18.98 -5.60
CA ARG E 98 4.79 18.15 -4.64
C ARG E 98 4.49 18.96 -3.39
N LEU E 99 3.30 18.78 -2.83
CA LEU E 99 2.81 19.56 -1.71
C LEU E 99 2.83 18.75 -0.42
N TYR E 100 3.13 19.42 0.69
CA TYR E 100 3.09 18.78 2.00
C TYR E 100 2.97 19.87 3.07
N TYR E 101 3.09 19.46 4.33
CA TYR E 101 2.79 20.33 5.46
C TYR E 101 3.58 19.83 6.68
N GLY E 102 3.52 20.62 7.75
CA GLY E 102 4.06 20.21 9.03
C GLY E 102 3.00 20.23 10.11
N TYR E 103 2.64 21.43 10.57
CA TYR E 103 1.52 21.58 11.49
C TYR E 103 0.17 21.54 10.79
N GLY E 104 0.15 21.81 9.48
CA GLY E 104 -1.09 21.77 8.72
C GLY E 104 -1.20 22.89 7.70
N TYR E 105 -0.26 23.84 7.76
CA TYR E 105 -0.22 24.95 6.81
C TYR E 105 0.69 24.55 5.67
N TRP E 106 0.10 24.25 4.51
CA TRP E 106 0.79 23.50 3.47
C TRP E 106 1.87 24.33 2.80
N TYR E 107 2.94 23.63 2.40
CA TYR E 107 4.06 24.24 1.70
C TYR E 107 4.34 23.48 0.41
N PHE E 108 5.24 24.05 -0.39
CA PHE E 108 5.68 23.42 -1.63
C PHE E 108 6.93 22.61 -1.31
N ASP E 109 6.76 21.29 -1.16
CA ASP E 109 7.76 20.42 -0.56
C ASP E 109 9.04 20.34 -1.40
N VAL E 110 8.96 19.75 -2.59
CA VAL E 110 10.10 19.70 -3.50
C VAL E 110 9.62 20.13 -4.88
N TRP E 111 10.53 20.77 -5.63
CA TRP E 111 10.21 21.39 -6.91
C TRP E 111 10.94 20.69 -8.04
N GLY E 112 10.36 20.75 -9.23
CA GLY E 112 11.01 20.29 -10.43
C GLY E 112 11.99 21.31 -10.96
N ALA E 113 12.69 20.93 -12.03
CA ALA E 113 13.64 21.86 -12.64
C ALA E 113 12.94 23.00 -13.35
N GLY E 114 11.70 22.79 -13.79
CA GLY E 114 10.96 23.77 -14.53
C GLY E 114 11.02 23.54 -16.03
N THR E 115 10.03 24.09 -16.74
CA THR E 115 10.01 24.05 -18.19
C THR E 115 9.50 25.39 -18.71
N THR E 116 10.21 25.97 -19.68
CA THR E 116 9.88 27.29 -20.19
C THR E 116 8.85 27.18 -21.31
N VAL E 117 7.88 28.11 -21.30
CA VAL E 117 6.99 28.29 -22.45
C VAL E 117 7.15 29.73 -22.93
N THR E 118 7.29 29.90 -24.25
CA THR E 118 7.44 31.21 -24.87
C THR E 118 6.28 31.44 -25.83
N VAL E 119 5.45 32.43 -25.51
CA VAL E 119 4.34 32.84 -26.35
C VAL E 119 4.89 33.85 -27.35
N SER E 120 5.07 33.40 -28.59
CA SER E 120 5.51 34.27 -29.66
C SER E 120 5.08 33.65 -30.98
N SER E 121 5.03 34.48 -32.02
CA SER E 121 4.70 34.01 -33.35
C SER E 121 5.94 33.78 -34.21
N ALA E 122 7.13 33.86 -33.62
CA ALA E 122 8.34 33.45 -34.31
C ALA E 122 8.34 31.93 -34.49
N LYS E 123 9.41 31.42 -35.08
CA LYS E 123 9.54 29.99 -35.33
C LYS E 123 10.81 29.46 -34.68
N THR E 124 10.81 28.17 -34.35
CA THR E 124 12.00 27.57 -33.76
C THR E 124 13.09 27.42 -34.79
N THR E 125 14.25 27.98 -34.48
CA THR E 125 15.47 27.72 -35.18
C THR E 125 16.45 27.08 -34.21
N PRO E 126 17.08 25.96 -34.56
CA PRO E 126 18.12 25.40 -33.70
C PRO E 126 19.32 26.32 -33.64
N PRO E 127 20.21 26.14 -32.67
CA PRO E 127 21.39 27.01 -32.58
C PRO E 127 22.54 26.52 -33.45
N SER E 128 23.28 27.49 -33.97
CA SER E 128 24.57 27.23 -34.60
C SER E 128 25.66 27.46 -33.56
N VAL E 129 26.52 26.47 -33.38
CA VAL E 129 27.53 26.47 -32.33
C VAL E 129 28.90 26.64 -32.98
N TYR E 130 29.61 27.69 -32.58
CA TYR E 130 30.93 28.00 -33.13
C TYR E 130 31.98 27.88 -32.04
N PRO E 131 33.08 27.18 -32.28
CA PRO E 131 34.13 27.05 -31.26
C PRO E 131 35.02 28.28 -31.24
N LEU E 132 35.39 28.69 -30.03
CA LEU E 132 36.25 29.86 -29.82
C LEU E 132 37.54 29.40 -29.15
N ALA E 133 38.60 29.33 -29.93
CA ALA E 133 39.94 29.01 -29.47
C ALA E 133 40.82 30.25 -29.55
N PRO E 134 41.91 30.32 -28.77
CA PRO E 134 42.79 31.48 -28.84
C PRO E 134 43.39 31.62 -30.24
N GLY E 135 43.47 32.85 -30.71
CA GLY E 135 44.15 33.11 -31.97
C GLY E 135 45.57 32.58 -31.95
N SER E 136 46.07 32.23 -33.13
CA SER E 136 47.37 31.59 -33.25
C SER E 136 48.47 32.42 -32.58
N ALA E 137 48.43 32.47 -31.25
CA ALA E 137 49.37 33.20 -30.42
C ALA E 137 49.28 32.64 -29.00
N ALA E 138 49.50 31.34 -28.87
CA ALA E 138 49.29 30.63 -27.61
C ALA E 138 50.25 31.11 -26.52
N ALA E 139 50.08 32.36 -26.08
CA ALA E 139 50.86 32.91 -24.98
C ALA E 139 50.49 32.16 -23.71
N ALA E 140 51.07 30.97 -23.57
CA ALA E 140 50.66 30.02 -22.54
C ALA E 140 51.00 30.56 -21.15
N ALA E 141 49.97 30.77 -20.34
CA ALA E 141 50.11 30.99 -18.92
C ALA E 141 49.92 29.65 -18.20
N SER E 142 49.65 29.69 -16.89
CA SER E 142 49.31 28.46 -16.20
C SER E 142 47.99 27.89 -16.68
N MET E 143 47.05 28.75 -17.06
CA MET E 143 45.74 28.34 -17.54
C MET E 143 45.50 28.91 -18.93
N VAL E 144 44.52 28.32 -19.61
CA VAL E 144 44.06 28.80 -20.91
C VAL E 144 42.54 28.87 -20.86
N THR E 145 41.97 29.82 -21.60
CA THR E 145 40.54 30.06 -21.60
C THR E 145 39.98 29.77 -22.99
N LEU E 146 39.01 28.87 -23.05
CA LEU E 146 38.31 28.55 -24.27
C LEU E 146 36.82 28.84 -24.09
N GLY E 147 36.11 28.89 -25.22
CA GLY E 147 34.66 29.04 -25.17
C GLY E 147 34.06 28.63 -26.49
N CYS E 148 32.74 28.58 -26.52
CA CYS E 148 32.02 28.40 -27.77
C CYS E 148 30.83 29.35 -27.82
N LEU E 149 30.47 29.72 -29.05
CA LEU E 149 29.46 30.74 -29.32
C LEU E 149 28.19 30.05 -29.81
N VAL E 150 27.10 30.22 -29.08
CA VAL E 150 25.81 29.62 -29.41
C VAL E 150 24.94 30.74 -29.97
N LYS E 151 24.73 30.72 -31.29
CA LYS E 151 24.16 31.85 -32.00
C LYS E 151 22.91 31.45 -32.78
N GLY E 152 21.90 32.31 -32.75
CA GLY E 152 20.76 32.21 -33.62
C GLY E 152 19.76 31.12 -33.31
N TYR E 153 19.37 30.99 -32.05
CA TYR E 153 18.36 30.02 -31.65
C TYR E 153 17.14 30.72 -31.09
N PHE E 154 16.04 29.97 -31.02
CA PHE E 154 14.77 30.42 -30.48
C PHE E 154 13.84 29.23 -30.35
N PRO E 155 13.10 29.09 -29.24
CA PRO E 155 13.12 30.00 -28.09
C PRO E 155 14.16 29.59 -27.04
N GLU E 156 14.15 30.28 -25.90
CA GLU E 156 14.99 29.89 -24.80
C GLU E 156 14.42 28.63 -24.13
N PRO E 157 15.27 27.84 -23.45
CA PRO E 157 16.70 28.02 -23.25
C PRO E 157 17.57 27.03 -24.03
N VAL E 158 18.88 27.20 -23.91
CA VAL E 158 19.85 26.18 -24.26
C VAL E 158 20.71 25.93 -23.03
N THR E 159 21.21 24.71 -22.92
CA THR E 159 22.13 24.33 -21.85
C THR E 159 23.49 24.02 -22.45
N VAL E 160 24.55 24.39 -21.74
CA VAL E 160 25.91 24.19 -22.21
C VAL E 160 26.70 23.47 -21.13
N THR E 161 27.29 22.34 -21.48
CA THR E 161 28.23 21.62 -20.64
C THR E 161 29.58 21.53 -21.35
N TRP E 162 30.59 21.08 -20.61
CA TRP E 162 31.93 20.90 -21.15
C TRP E 162 32.40 19.50 -20.78
N ASN E 163 32.73 18.70 -21.80
CA ASN E 163 33.08 17.30 -21.62
C ASN E 163 31.98 16.57 -20.85
N SER E 164 30.73 16.90 -21.17
CA SER E 164 29.54 16.25 -20.60
C SER E 164 29.50 16.38 -19.09
N GLY E 165 29.95 17.52 -18.57
CA GLY E 165 29.92 17.79 -17.15
C GLY E 165 31.19 17.43 -16.40
N SER E 166 32.15 16.78 -17.06
CA SER E 166 33.41 16.46 -16.39
C SER E 166 34.14 17.72 -15.98
N LEU E 167 34.21 18.70 -16.88
CA LEU E 167 34.74 20.02 -16.56
C LEU E 167 33.60 20.84 -15.96
N ALA E 168 33.52 20.86 -14.63
CA ALA E 168 32.51 21.64 -13.93
C ALA E 168 33.07 22.92 -13.35
N ALA E 169 34.30 22.90 -12.84
CA ALA E 169 34.93 24.09 -12.31
C ALA E 169 35.55 24.91 -13.43
N GLY E 170 35.36 26.23 -13.37
CA GLY E 170 35.99 27.13 -14.32
C GLY E 170 35.16 27.47 -15.53
N VAL E 171 33.85 27.26 -15.50
CA VAL E 171 32.98 27.54 -16.65
C VAL E 171 31.98 28.61 -16.26
N HIS E 172 31.83 29.62 -17.11
CA HIS E 172 30.76 30.60 -17.02
C HIS E 172 29.90 30.50 -18.28
N THR E 173 28.59 30.42 -18.10
CA THR E 173 27.64 30.52 -19.21
C THR E 173 26.95 31.88 -19.13
N PHE E 174 26.92 32.58 -20.24
CA PHE E 174 26.39 33.91 -20.04
C PHE E 174 24.93 33.99 -20.46
N PRO E 175 24.17 34.86 -19.81
CA PRO E 175 22.75 35.00 -20.16
C PRO E 175 22.58 35.38 -21.63
N ALA E 176 21.66 34.68 -22.29
CA ALA E 176 21.34 35.00 -23.67
C ALA E 176 20.76 36.40 -23.77
N VAL E 177 21.03 37.06 -24.90
CA VAL E 177 20.38 38.33 -25.21
C VAL E 177 19.82 38.24 -26.62
N LEU E 178 18.75 38.99 -26.86
CA LEU E 178 17.86 38.78 -27.99
C LEU E 178 18.02 39.91 -29.00
N GLN E 179 18.23 39.54 -30.27
CA GLN E 179 18.30 40.50 -31.36
C GLN E 179 17.79 39.84 -32.63
N ALA E 180 16.97 40.58 -33.38
CA ALA E 180 16.33 40.06 -34.60
C ALA E 180 15.53 38.79 -34.29
N ALA E 181 14.88 38.77 -33.13
CA ALA E 181 14.02 37.68 -32.69
C ALA E 181 14.76 36.36 -32.51
N LEU E 182 16.09 36.39 -32.46
CA LEU E 182 16.91 35.21 -32.18
C LEU E 182 17.84 35.47 -31.01
N TYR E 183 18.19 34.41 -30.28
CA TYR E 183 19.04 34.51 -29.10
C TYR E 183 20.48 34.12 -29.42
N THR E 184 21.40 34.70 -28.65
CA THR E 184 22.79 34.26 -28.67
C THR E 184 23.34 34.32 -27.25
N LEU E 185 24.19 33.36 -26.92
CA LEU E 185 24.93 33.36 -25.67
C LEU E 185 26.31 32.76 -25.92
N SER E 186 27.20 32.94 -24.94
CA SER E 186 28.52 32.37 -24.98
C SER E 186 28.79 31.67 -23.66
N SER E 187 29.60 30.63 -23.72
CA SER E 187 30.09 29.93 -22.53
C SER E 187 31.60 29.99 -22.53
N SER E 188 32.18 30.20 -21.36
CA SER E 188 33.63 30.28 -21.19
C SER E 188 34.10 29.13 -20.31
N VAL E 189 35.26 28.57 -20.63
CA VAL E 189 35.86 27.51 -19.82
C VAL E 189 37.36 27.78 -19.70
N THR E 190 37.89 27.58 -18.50
CA THR E 190 39.30 27.81 -18.21
C THR E 190 39.91 26.52 -17.72
N VAL E 191 40.95 26.05 -18.42
CA VAL E 191 41.62 24.79 -18.08
C VAL E 191 43.11 25.05 -18.00
N PRO E 192 43.87 24.17 -17.35
CA PRO E 192 45.33 24.31 -17.34
C PRO E 192 45.91 24.21 -18.74
N SER E 193 47.03 24.91 -18.94
CA SER E 193 47.71 24.86 -20.23
C SER E 193 48.22 23.47 -20.57
N SER E 194 48.49 22.64 -19.56
CA SER E 194 48.88 21.26 -19.83
C SER E 194 47.70 20.42 -20.31
N SER E 195 46.49 20.78 -19.90
CA SER E 195 45.30 19.99 -20.23
C SER E 195 44.85 20.17 -21.68
N TRP E 196 45.37 21.18 -22.39
CA TRP E 196 44.86 21.48 -23.73
C TRP E 196 45.94 22.17 -24.52
N PRO E 197 46.14 21.81 -25.80
CA PRO E 197 45.36 20.82 -26.56
C PRO E 197 45.81 19.39 -26.34
N SER E 198 46.58 19.14 -25.27
CA SER E 198 47.04 17.78 -24.99
C SER E 198 45.87 16.81 -24.80
N GLU E 199 44.74 17.29 -24.28
CA GLU E 199 43.52 16.52 -24.24
C GLU E 199 42.37 17.37 -24.77
N THR E 200 41.33 16.70 -25.23
CA THR E 200 40.27 17.36 -25.98
C THR E 200 39.31 18.11 -25.05
N VAL E 201 38.89 19.29 -25.50
CA VAL E 201 37.85 20.08 -24.84
C VAL E 201 36.72 20.26 -25.84
N THR E 202 35.53 19.79 -25.46
CA THR E 202 34.35 19.92 -26.31
C THR E 202 33.20 20.49 -25.47
N CYS E 203 32.50 21.48 -26.03
CA CYS E 203 31.31 22.00 -25.39
C CYS E 203 30.07 21.37 -26.03
N ASN E 204 29.12 20.99 -25.18
CA ASN E 204 27.92 20.26 -25.61
C ASN E 204 26.72 21.16 -25.38
N VAL E 205 26.15 21.66 -26.47
CA VAL E 205 24.98 22.53 -26.43
C VAL E 205 23.74 21.69 -26.71
N ALA E 206 22.66 21.98 -25.98
CA ALA E 206 21.40 21.28 -26.15
C ALA E 206 20.26 22.28 -26.22
N HIS E 207 19.40 22.13 -27.23
CA HIS E 207 18.24 23.00 -27.45
C HIS E 207 16.99 22.13 -27.45
N PRO E 208 16.37 21.92 -26.29
CA PRO E 208 15.23 20.99 -26.22
C PRO E 208 14.04 21.40 -27.08
N ALA E 209 13.85 22.70 -27.31
CA ALA E 209 12.70 23.14 -28.10
C ALA E 209 12.76 22.59 -29.53
N SER E 210 13.96 22.51 -30.09
CA SER E 210 14.17 21.91 -31.41
C SER E 210 14.65 20.47 -31.33
N SER E 211 14.74 19.91 -30.13
CA SER E 211 15.22 18.53 -29.92
C SER E 211 16.62 18.33 -30.49
N THR E 212 17.44 19.37 -30.38
CA THR E 212 18.77 19.40 -31.00
C THR E 212 19.85 19.46 -29.93
N LYS E 213 20.92 18.68 -30.13
CA LYS E 213 22.14 18.77 -29.35
C LYS E 213 23.32 18.86 -30.29
N VAL E 214 24.21 19.81 -30.03
CA VAL E 214 25.43 20.00 -30.81
C VAL E 214 26.63 19.88 -29.88
N ASP E 215 27.55 18.99 -30.22
CA ASP E 215 28.77 18.76 -29.45
C ASP E 215 29.96 19.20 -30.29
N LYS E 216 30.47 20.39 -30.00
CA LYS E 216 31.53 21.01 -30.79
C LYS E 216 32.87 20.90 -30.06
N LYS E 217 33.84 20.28 -30.70
CA LYS E 217 35.20 20.19 -30.18
C LYS E 217 35.99 21.41 -30.62
N ILE E 218 36.72 22.02 -29.69
CA ILE E 218 37.49 23.22 -29.94
C ILE E 218 38.96 22.83 -30.08
N VAL E 219 39.52 23.04 -31.27
CA VAL E 219 40.87 22.61 -31.61
C VAL E 219 41.67 23.87 -31.95
N PRO E 220 42.96 23.93 -31.62
CA PRO E 220 43.73 25.15 -31.87
C PRO E 220 43.75 25.55 -33.34
N ARG E 221 44.21 26.78 -33.58
CA ARG E 221 44.30 27.34 -34.92
C ARG E 221 45.74 27.21 -35.42
N ALA E 222 45.95 26.33 -36.38
CA ALA E 222 47.28 26.17 -36.97
C ALA E 222 47.26 26.54 -38.45
N ASP F 1 -6.89 38.38 -1.88
CA ASP F 1 -5.58 37.73 -1.82
C ASP F 1 -4.64 38.45 -0.86
N ILE F 2 -4.07 37.70 0.07
CA ILE F 2 -3.07 38.23 0.99
C ILE F 2 -1.80 38.50 0.20
N VAL F 3 -1.33 39.74 0.22
CA VAL F 3 -0.08 40.11 -0.45
C VAL F 3 0.99 40.30 0.61
N LEU F 4 2.13 39.65 0.41
CA LEU F 4 3.25 39.75 1.33
C LEU F 4 4.35 40.57 0.70
N THR F 5 4.84 41.57 1.42
CA THR F 5 5.86 42.49 0.94
C THR F 5 7.14 42.27 1.74
N GLN F 6 8.24 42.03 1.03
CA GLN F 6 9.50 41.62 1.65
C GLN F 6 10.50 42.77 1.66
N SER F 7 10.94 43.14 2.88
CA SER F 7 12.14 43.83 3.34
C SER F 7 12.82 44.63 2.21
N PRO F 8 14.14 44.59 1.96
CA PRO F 8 14.61 45.15 0.68
C PRO F 8 14.40 44.16 -0.46
N ALA F 9 14.03 44.70 -1.62
CA ALA F 9 14.09 43.90 -2.83
C ALA F 9 15.51 43.41 -3.08
N ILE F 10 16.50 44.21 -2.71
CA ILE F 10 17.92 43.87 -2.87
C ILE F 10 18.68 44.40 -1.66
N MET F 11 19.57 43.57 -1.10
CA MET F 11 20.40 44.00 0.01
C MET F 11 21.78 43.36 -0.10
N SER F 12 22.78 44.09 0.35
CA SER F 12 24.18 43.66 0.31
C SER F 12 24.68 43.43 1.73
N ALA F 13 25.63 42.52 1.87
CA ALA F 13 26.18 42.19 3.18
C ALA F 13 27.53 41.51 3.01
N ALA F 14 28.39 41.70 4.00
CA ALA F 14 29.70 41.05 4.07
C ALA F 14 29.61 39.79 4.90
N PRO F 15 30.24 38.71 4.46
CA PRO F 15 30.25 37.47 5.25
C PRO F 15 30.76 37.73 6.66
N GLY F 16 29.96 37.31 7.65
CA GLY F 16 30.17 37.65 9.03
C GLY F 16 29.12 38.60 9.59
N ASP F 17 28.46 39.35 8.72
CA ASP F 17 27.36 40.21 9.15
C ASP F 17 26.16 39.38 9.54
N LYS F 18 25.44 39.84 10.56
CA LYS F 18 24.11 39.33 10.83
C LYS F 18 23.13 40.00 9.88
N VAL F 19 22.39 39.21 9.12
CA VAL F 19 21.49 39.72 8.10
C VAL F 19 20.06 39.27 8.42
N THR F 20 19.13 40.22 8.30
CA THR F 20 17.71 39.99 8.57
C THR F 20 16.91 40.51 7.38
N MET F 21 15.99 39.70 6.87
CA MET F 21 14.99 40.15 5.92
C MET F 21 13.62 39.82 6.47
N THR F 22 12.63 40.65 6.11
CA THR F 22 11.31 40.60 6.72
C THR F 22 10.24 40.41 5.66
N CYS F 23 9.16 39.73 6.05
CA CYS F 23 8.01 39.47 5.19
C CYS F 23 6.78 40.03 5.90
N SER F 24 6.14 41.03 5.29
CA SER F 24 5.01 41.72 5.90
C SER F 24 3.73 41.40 5.12
N ALA F 25 2.68 41.04 5.84
CA ALA F 25 1.43 40.61 5.22
C ALA F 25 0.37 41.71 5.32
N SER F 26 -0.46 41.81 4.28
CA SER F 26 -1.54 42.77 4.28
C SER F 26 -2.57 42.46 5.36
N SER F 27 -2.77 41.18 5.67
CA SER F 27 -3.63 40.75 6.75
C SER F 27 -2.91 39.66 7.53
N SER F 28 -3.45 39.31 8.69
CA SER F 28 -2.77 38.38 9.57
C SER F 28 -2.63 37.01 8.92
N VAL F 29 -1.42 36.45 9.03
CA VAL F 29 -1.06 35.14 8.52
C VAL F 29 -0.26 34.43 9.60
N SER F 30 -0.08 33.12 9.43
CA SER F 30 0.64 32.34 10.43
C SER F 30 1.38 31.19 9.78
N TYR F 31 2.50 30.81 10.40
CA TYR F 31 3.34 29.71 9.97
C TYR F 31 3.77 29.87 8.51
N ILE F 32 4.67 30.81 8.32
CA ILE F 32 5.13 31.21 6.99
C ILE F 32 6.32 30.33 6.59
N HIS F 33 6.41 30.04 5.31
CA HIS F 33 7.52 29.26 4.78
C HIS F 33 8.42 30.16 3.95
N TRP F 34 9.69 29.76 3.86
CA TRP F 34 10.69 30.48 3.10
C TRP F 34 11.34 29.54 2.10
N TYR F 35 11.65 30.07 0.92
CA TYR F 35 12.29 29.29 -0.13
C TYR F 35 13.53 30.03 -0.61
N GLN F 36 14.65 29.32 -0.70
CA GLN F 36 15.87 29.85 -1.28
C GLN F 36 15.94 29.47 -2.75
N GLN F 37 16.26 30.43 -3.60
CA GLN F 37 16.46 30.17 -5.03
C GLN F 37 17.79 30.79 -5.44
N LYS F 38 18.81 29.94 -5.58
CA LYS F 38 20.09 30.40 -6.12
C LYS F 38 19.98 30.52 -7.63
N SER F 39 20.90 31.30 -8.21
CA SER F 39 20.83 31.63 -9.63
C SER F 39 20.86 30.36 -10.48
N GLY F 40 19.88 30.23 -11.36
CA GLY F 40 19.78 29.09 -12.25
C GLY F 40 19.20 27.85 -11.63
N THR F 41 18.56 27.97 -10.47
CA THR F 41 18.11 26.82 -9.70
C THR F 41 16.64 27.02 -9.33
N SER F 42 15.90 25.91 -9.27
CA SER F 42 14.53 25.95 -8.80
C SER F 42 14.48 26.23 -7.30
N PRO F 43 13.44 26.91 -6.82
CA PRO F 43 13.34 27.18 -5.39
C PRO F 43 13.43 25.91 -4.57
N LYS F 44 14.09 26.00 -3.41
CA LYS F 44 14.23 24.89 -2.49
C LYS F 44 13.69 25.31 -1.13
N ARG F 45 12.85 24.46 -0.55
CA ARG F 45 12.24 24.75 0.73
C ARG F 45 13.32 24.94 1.80
N TRP F 46 13.32 26.11 2.43
CA TRP F 46 14.37 26.49 3.39
C TRP F 46 13.89 26.48 4.75
N ILE F 47 12.97 27.39 5.14
CA ILE F 47 12.39 27.48 6.47
C ILE F 47 10.89 27.31 6.33
N TYR F 48 10.30 26.45 7.15
CA TYR F 48 8.87 26.21 7.13
C TYR F 48 8.31 26.35 8.55
N ASP F 49 6.99 26.53 8.61
CA ASP F 49 6.28 26.77 9.87
C ASP F 49 6.94 27.90 10.67
N THR F 50 7.29 28.98 9.95
CA THR F 50 7.86 30.20 10.50
C THR F 50 9.28 29.99 11.04
N SER F 51 9.52 28.86 11.71
CA SER F 51 10.74 28.75 12.51
C SER F 51 11.49 27.43 12.34
N LYS F 52 10.98 26.49 11.55
CA LYS F 52 11.61 25.18 11.43
C LYS F 52 12.51 25.12 10.20
N LEU F 53 13.65 24.46 10.35
CA LEU F 53 14.64 24.32 9.28
C LEU F 53 14.41 23.04 8.51
N THR F 54 14.31 23.15 7.19
CA THR F 54 14.36 21.97 6.34
C THR F 54 15.69 21.26 6.54
N SER F 55 15.65 19.93 6.55
CA SER F 55 16.85 19.13 6.77
C SER F 55 17.93 19.51 5.76
N GLY F 56 19.14 19.74 6.26
CA GLY F 56 20.25 20.16 5.44
C GLY F 56 20.53 21.64 5.47
N VAL F 57 19.56 22.46 5.88
CA VAL F 57 19.80 23.91 5.97
C VAL F 57 20.76 24.18 7.12
N PRO F 58 21.86 24.89 6.89
CA PRO F 58 22.76 25.23 8.00
C PRO F 58 22.04 26.08 9.02
N VAL F 59 22.39 25.88 10.30
CA VAL F 59 21.65 26.42 11.43
C VAL F 59 22.01 27.90 11.61
N ARG F 60 22.91 28.42 10.78
CA ARG F 60 23.08 29.86 10.71
C ARG F 60 21.80 30.57 10.28
N PHE F 61 20.82 29.82 9.75
CA PHE F 61 19.53 30.35 9.34
C PHE F 61 18.50 30.22 10.46
N SER F 62 17.56 31.16 10.49
CA SER F 62 16.52 31.16 11.51
C SER F 62 15.36 32.02 11.01
N GLY F 63 14.15 31.68 11.49
CA GLY F 63 12.98 32.45 11.16
C GLY F 63 12.18 32.76 12.41
N SER F 64 11.37 33.82 12.30
CA SER F 64 10.53 34.25 13.41
C SER F 64 9.44 35.17 12.87
N GLY F 65 8.59 35.64 13.76
CA GLY F 65 7.52 36.56 13.43
C GLY F 65 6.18 36.05 13.91
N SER F 66 5.17 36.89 13.70
CA SER F 66 3.79 36.58 14.05
C SER F 66 2.90 37.69 13.51
N GLY F 67 1.62 37.38 13.36
CA GLY F 67 0.65 38.36 12.90
C GLY F 67 0.87 38.79 11.47
N THR F 68 1.40 40.00 11.29
CA THR F 68 1.63 40.56 9.96
C THR F 68 3.10 40.78 9.63
N SER F 69 4.02 40.41 10.52
CA SER F 69 5.43 40.67 10.31
C SER F 69 6.23 39.42 10.61
N TYR F 70 6.93 38.90 9.60
CA TYR F 70 7.78 37.74 9.76
C TYR F 70 9.15 38.05 9.18
N SER F 71 10.16 37.32 9.65
CA SER F 71 11.53 37.60 9.26
C SER F 71 12.33 36.30 9.18
N LEU F 72 13.33 36.32 8.31
CA LEU F 72 14.35 35.27 8.22
C LEU F 72 15.71 35.90 8.49
N THR F 73 16.52 35.22 9.30
CA THR F 73 17.78 35.76 9.79
C THR F 73 18.90 34.78 9.51
N ILE F 74 20.01 35.28 8.99
CA ILE F 74 21.24 34.51 8.89
C ILE F 74 22.23 35.11 9.89
N ASN F 75 22.47 34.40 10.99
CA ASN F 75 23.39 34.86 12.03
C ASN F 75 24.82 34.61 11.55
N THR F 76 25.51 35.69 11.18
CA THR F 76 26.74 35.64 10.41
C THR F 76 26.49 34.93 9.08
N MET F 77 26.18 35.70 8.05
CA MET F 77 25.99 35.20 6.70
C MET F 77 27.31 34.67 6.14
N GLU F 78 27.19 33.78 5.15
CA GLU F 78 28.33 33.28 4.41
C GLU F 78 28.12 33.53 2.93
N ALA F 79 29.23 33.53 2.18
CA ALA F 79 29.17 33.90 0.76
C ALA F 79 28.27 32.95 -0.03
N GLU F 80 28.20 31.68 0.36
CA GLU F 80 27.36 30.72 -0.34
C GLU F 80 25.87 30.98 -0.14
N ASP F 81 25.50 31.93 0.73
CA ASP F 81 24.09 32.23 0.97
C ASP F 81 23.53 33.22 -0.05
N ALA F 82 24.30 33.61 -1.06
CA ALA F 82 23.82 34.53 -2.07
C ALA F 82 22.71 33.87 -2.88
N ALA F 83 21.52 34.46 -2.83
CA ALA F 83 20.35 33.94 -3.53
C ALA F 83 19.23 34.96 -3.40
N THR F 84 18.08 34.62 -3.96
CA THR F 84 16.84 35.35 -3.72
C THR F 84 15.94 34.49 -2.86
N TYR F 85 15.43 35.07 -1.78
CA TYR F 85 14.61 34.35 -0.82
C TYR F 85 13.16 34.79 -0.95
N TYR F 86 12.25 33.82 -0.91
CA TYR F 86 10.82 34.06 -1.06
C TYR F 86 10.09 33.56 0.17
N CYS F 87 9.26 34.41 0.76
CA CYS F 87 8.34 33.97 1.79
C CYS F 87 7.03 33.53 1.14
N GLN F 88 6.35 32.59 1.80
CA GLN F 88 5.11 32.05 1.29
C GLN F 88 4.19 31.75 2.46
N GLN F 89 2.89 31.96 2.24
CA GLN F 89 1.88 31.66 3.25
C GLN F 89 0.82 30.74 2.65
N TRP F 90 0.22 29.93 3.54
CA TRP F 90 -0.97 29.17 3.17
C TRP F 90 -1.91 28.99 4.36
N SER F 91 -1.84 29.89 5.34
CA SER F 91 -2.86 29.93 6.37
C SER F 91 -4.17 30.47 5.84
N SER F 92 -4.17 31.02 4.63
CA SER F 92 -5.39 31.51 4.00
C SER F 92 -5.30 31.23 2.51
N HIS F 93 -6.37 30.69 1.95
CA HIS F 93 -6.48 30.34 0.54
C HIS F 93 -6.98 31.54 -0.25
N PRO F 94 -6.34 31.85 -1.39
CA PRO F 94 -5.23 31.07 -1.91
C PRO F 94 -3.85 31.46 -1.42
N GLN F 95 -2.97 30.46 -1.32
CA GLN F 95 -1.55 30.65 -1.06
C GLN F 95 -0.99 31.80 -1.89
N THR F 96 0.02 32.49 -1.34
CA THR F 96 0.64 33.63 -2.01
C THR F 96 2.12 33.68 -1.69
N PHE F 97 2.87 34.32 -2.59
CA PHE F 97 4.32 34.45 -2.48
C PHE F 97 4.71 35.93 -2.39
N GLY F 98 5.74 36.22 -1.60
CA GLY F 98 6.32 37.54 -1.59
C GLY F 98 7.11 37.82 -2.86
N GLY F 99 7.51 39.08 -3.01
CA GLY F 99 8.23 39.49 -4.20
C GLY F 99 9.68 39.05 -4.27
N GLY F 100 10.24 38.60 -3.14
CA GLY F 100 11.62 38.14 -3.14
C GLY F 100 12.61 39.16 -2.59
N THR F 101 13.53 38.69 -1.76
CA THR F 101 14.63 39.50 -1.26
C THR F 101 15.93 38.92 -1.82
N LYS F 102 16.56 39.66 -2.75
CA LYS F 102 17.79 39.22 -3.36
C LYS F 102 18.96 39.64 -2.49
N LEU F 103 19.78 38.67 -2.08
CA LEU F 103 20.90 38.89 -1.19
C LEU F 103 22.20 38.88 -2.00
N GLU F 104 22.94 39.98 -1.96
CA GLU F 104 24.21 40.11 -2.67
C GLU F 104 25.35 40.21 -1.67
N ILE F 105 26.52 39.70 -2.07
CA ILE F 105 27.66 39.57 -1.18
C ILE F 105 28.64 40.72 -1.44
N LEU F 106 29.16 41.28 -0.35
CA LEU F 106 30.30 42.19 -0.42
C LEU F 106 31.57 41.39 -0.18
N ARG F 107 32.61 41.70 -0.95
CA ARG F 107 33.88 41.00 -0.81
C ARG F 107 35.00 41.92 -1.27
N ALA F 108 36.23 41.41 -1.17
CA ALA F 108 37.39 42.19 -1.56
C ALA F 108 37.44 42.35 -3.08
N ASP F 109 38.33 43.23 -3.53
CA ASP F 109 38.44 43.54 -4.95
C ASP F 109 38.98 42.33 -5.72
N ALA F 110 38.64 42.30 -7.00
CA ALA F 110 39.13 41.25 -7.91
C ALA F 110 39.26 41.84 -9.30
N ALA F 111 40.43 41.70 -9.90
CA ALA F 111 40.66 42.22 -11.23
C ALA F 111 40.13 41.25 -12.28
N PRO F 112 39.63 41.77 -13.39
CA PRO F 112 39.13 40.88 -14.45
C PRO F 112 40.27 40.21 -15.19
N THR F 113 39.98 39.01 -15.71
CA THR F 113 40.89 38.27 -16.59
C THR F 113 40.21 38.23 -17.96
N VAL F 114 40.76 39.00 -18.91
CA VAL F 114 40.08 39.23 -20.19
C VAL F 114 40.74 38.40 -21.28
N SER F 115 39.92 37.74 -22.10
CA SER F 115 40.37 36.96 -23.24
C SER F 115 39.67 37.45 -24.50
N ILE F 116 40.39 37.46 -25.62
CA ILE F 116 39.87 37.91 -26.90
C ILE F 116 39.79 36.71 -27.84
N PHE F 117 38.76 36.69 -28.69
CA PHE F 117 38.54 35.55 -29.56
C PHE F 117 38.16 35.99 -30.97
N PRO F 118 38.94 35.63 -31.98
CA PRO F 118 38.60 36.01 -33.36
C PRO F 118 37.44 35.18 -33.87
N PRO F 119 36.75 35.65 -34.91
CA PRO F 119 35.66 34.85 -35.49
C PRO F 119 36.17 33.51 -35.99
N SER F 120 35.44 32.45 -35.65
CA SER F 120 35.85 31.10 -36.04
C SER F 120 35.68 30.91 -37.55
N SER F 121 36.36 29.89 -38.06
CA SER F 121 36.42 29.67 -39.51
C SER F 121 35.04 29.33 -40.06
N GLU F 122 34.25 28.59 -39.30
CA GLU F 122 32.96 28.09 -39.75
C GLU F 122 31.87 29.17 -39.69
N GLN F 123 31.96 30.09 -38.74
CA GLN F 123 31.05 31.23 -38.73
C GLN F 123 31.30 32.13 -39.93
N LEU F 124 32.57 32.28 -40.32
CA LEU F 124 32.89 33.07 -41.51
C LEU F 124 32.29 32.44 -42.77
N THR F 125 32.09 31.12 -42.75
CA THR F 125 31.57 30.42 -43.93
C THR F 125 30.12 30.78 -44.22
N SER F 126 29.36 31.24 -43.23
CA SER F 126 27.97 31.63 -43.44
C SER F 126 27.77 33.14 -43.46
N GLY F 127 28.83 33.92 -43.53
CA GLY F 127 28.74 35.34 -43.80
C GLY F 127 28.71 36.26 -42.59
N GLY F 128 29.04 35.76 -41.39
CA GLY F 128 29.07 36.59 -40.21
C GLY F 128 30.41 36.52 -39.51
N ALA F 129 30.62 37.46 -38.60
CA ALA F 129 31.86 37.53 -37.84
C ALA F 129 31.57 38.13 -36.46
N SER F 130 31.77 37.32 -35.42
CA SER F 130 31.53 37.73 -34.04
C SER F 130 32.84 37.67 -33.28
N VAL F 131 33.41 38.84 -32.96
CA VAL F 131 34.59 38.93 -32.10
C VAL F 131 34.11 38.95 -30.66
N VAL F 132 34.60 38.01 -29.86
CA VAL F 132 34.10 37.76 -28.52
C VAL F 132 35.19 38.12 -27.51
N CYS F 133 34.77 38.77 -26.42
CA CYS F 133 35.67 39.21 -25.37
C CYS F 133 35.12 38.77 -24.03
N PHE F 134 35.86 37.89 -23.33
CA PHE F 134 35.48 37.43 -22.01
C PHE F 134 36.24 38.18 -20.94
N LEU F 135 35.55 38.53 -19.85
CA LEU F 135 36.16 39.22 -18.72
C LEU F 135 35.64 38.55 -17.46
N ASN F 136 36.46 37.70 -16.84
CA ASN F 136 35.99 36.72 -15.87
C ASN F 136 36.42 37.04 -14.45
N ASN F 137 35.49 36.86 -13.50
CA ASN F 137 35.79 36.88 -12.08
C ASN F 137 36.46 38.18 -11.64
N PHE F 138 35.72 39.27 -11.80
CA PHE F 138 36.10 40.57 -11.27
C PHE F 138 35.10 40.98 -10.18
N TYR F 139 35.54 41.92 -9.35
CA TYR F 139 34.68 42.53 -8.35
C TYR F 139 35.24 43.92 -8.05
N PRO F 140 34.39 44.96 -7.99
CA PRO F 140 32.92 44.96 -8.04
C PRO F 140 32.27 44.77 -9.41
N LYS F 141 30.94 44.76 -9.36
CA LYS F 141 30.11 44.56 -10.56
C LYS F 141 30.45 45.53 -11.67
N ASP F 142 30.71 46.79 -11.33
CA ASP F 142 30.80 47.85 -12.33
C ASP F 142 32.05 47.71 -13.17
N ILE F 143 31.87 47.71 -14.48
CA ILE F 143 32.97 47.58 -15.44
C ILE F 143 32.45 48.08 -16.78
N ASN F 144 33.34 48.70 -17.56
CA ASN F 144 32.98 49.13 -18.90
C ASN F 144 33.99 48.60 -19.90
N VAL F 145 33.50 48.12 -21.03
CA VAL F 145 34.32 47.50 -22.05
C VAL F 145 34.34 48.41 -23.27
N LYS F 146 35.51 48.52 -23.91
CA LYS F 146 35.74 49.47 -24.98
C LYS F 146 36.35 48.75 -26.17
N TRP F 147 35.72 48.91 -27.33
CA TRP F 147 36.12 48.20 -28.54
C TRP F 147 36.85 49.14 -29.48
N LYS F 148 38.09 48.80 -29.82
CA LYS F 148 38.88 49.53 -30.78
C LYS F 148 39.17 48.64 -31.98
N ILE F 149 38.69 49.04 -33.15
CA ILE F 149 39.15 48.55 -34.45
C ILE F 149 40.04 49.64 -35.04
N ASP F 150 41.10 49.24 -35.75
CA ASP F 150 42.04 50.16 -36.39
C ASP F 150 42.67 51.12 -35.39
N GLY F 151 42.53 50.86 -34.10
CA GLY F 151 42.72 51.91 -33.12
C GLY F 151 41.57 52.90 -33.01
N SER F 152 40.51 52.73 -33.80
CA SER F 152 39.32 53.58 -33.69
C SER F 152 38.53 53.20 -32.44
N GLU F 153 37.22 53.38 -32.49
CA GLU F 153 36.36 52.99 -31.37
C GLU F 153 34.98 52.68 -31.91
N ARG F 154 34.50 51.47 -31.63
CA ARG F 154 33.18 51.04 -32.04
C ARG F 154 32.18 51.23 -30.90
N GLN F 155 30.98 51.67 -31.26
CA GLN F 155 29.85 51.70 -30.34
C GLN F 155 28.61 51.09 -30.95
N ASN F 156 28.65 50.67 -32.21
CA ASN F 156 27.56 50.00 -32.89
C ASN F 156 27.88 48.53 -33.05
N GLY F 157 26.95 47.66 -32.69
CA GLY F 157 27.14 46.23 -32.81
C GLY F 157 27.77 45.56 -31.61
N VAL F 158 27.83 46.24 -30.47
CA VAL F 158 28.35 45.66 -29.24
C VAL F 158 27.19 45.11 -28.43
N LEU F 159 27.42 43.96 -27.78
CA LEU F 159 26.42 43.32 -26.96
C LEU F 159 27.12 42.73 -25.74
N ASN F 160 26.71 43.18 -24.56
CA ASN F 160 27.29 42.75 -23.30
C ASN F 160 26.29 41.92 -22.51
N SER F 161 26.82 41.09 -21.61
CA SER F 161 25.98 40.28 -20.74
C SER F 161 26.78 39.87 -19.53
N TRP F 162 26.24 40.14 -18.35
CA TRP F 162 26.87 39.77 -17.08
C TRP F 162 26.25 38.48 -16.57
N THR F 163 27.08 37.65 -15.93
CA THR F 163 26.54 36.63 -15.05
C THR F 163 26.09 37.28 -13.75
N ASP F 164 25.31 36.54 -12.97
CA ASP F 164 25.04 37.00 -11.62
C ASP F 164 26.15 36.52 -10.68
N GLN F 165 26.10 37.02 -9.46
CA GLN F 165 27.15 36.74 -8.49
C GLN F 165 27.36 35.24 -8.32
N ASP F 166 28.62 34.82 -8.34
CA ASP F 166 28.95 33.42 -8.19
C ASP F 166 28.77 32.99 -6.74
N SER F 167 28.22 31.78 -6.55
CA SER F 167 27.89 31.29 -5.21
C SER F 167 29.11 30.82 -4.42
N LYS F 168 30.25 30.65 -5.08
CA LYS F 168 31.49 30.22 -4.45
C LYS F 168 32.42 31.39 -4.14
N ASP F 169 32.67 32.24 -5.15
CA ASP F 169 33.69 33.28 -5.04
C ASP F 169 33.12 34.68 -4.92
N SER F 170 31.81 34.86 -5.15
CA SER F 170 31.14 36.16 -5.12
C SER F 170 31.64 37.11 -6.20
N THR F 171 32.32 36.61 -7.23
CA THR F 171 32.77 37.48 -8.31
C THR F 171 31.73 37.56 -9.41
N TYR F 172 31.99 38.46 -10.36
CA TYR F 172 31.16 38.62 -11.55
C TYR F 172 32.00 38.35 -12.79
N SER F 173 31.34 37.87 -13.84
CA SER F 173 31.95 37.73 -15.16
C SER F 173 31.04 38.38 -16.18
N MET F 174 31.63 38.74 -17.33
CA MET F 174 30.86 39.37 -18.39
C MET F 174 31.46 38.98 -19.74
N SER F 175 30.65 39.14 -20.78
CA SER F 175 31.07 38.85 -22.14
C SER F 175 30.60 39.99 -23.05
N SER F 176 31.52 40.52 -23.85
CA SER F 176 31.22 41.55 -24.83
C SER F 176 31.41 40.96 -26.22
N THR F 177 30.37 41.06 -27.05
CA THR F 177 30.37 40.45 -28.37
C THR F 177 30.15 41.52 -29.43
N LEU F 178 31.15 41.71 -30.29
CA LEU F 178 31.06 42.63 -31.42
C LEU F 178 30.73 41.84 -32.67
N THR F 179 29.62 42.19 -33.32
CA THR F 179 29.09 41.44 -34.45
C THR F 179 29.20 42.26 -35.72
N LEU F 180 29.92 41.73 -36.70
CA LEU F 180 30.04 42.36 -38.02
C LEU F 180 29.64 41.34 -39.08
N THR F 181 29.30 41.86 -40.26
CA THR F 181 29.29 41.01 -41.45
C THR F 181 30.71 40.55 -41.72
N LYS F 182 30.84 39.43 -42.45
CA LYS F 182 32.17 38.97 -42.80
C LYS F 182 32.93 40.05 -43.59
N ASP F 183 32.22 40.83 -44.42
CA ASP F 183 32.86 41.87 -45.21
C ASP F 183 33.43 42.97 -44.33
N GLU F 184 32.59 43.55 -43.46
CA GLU F 184 33.06 44.59 -42.55
C GLU F 184 34.22 44.09 -41.68
N TYR F 185 34.14 42.83 -41.25
CA TYR F 185 35.27 42.21 -40.58
C TYR F 185 36.51 42.21 -41.46
N GLU F 186 36.33 42.24 -42.78
CA GLU F 186 37.45 42.11 -43.68
C GLU F 186 38.11 43.44 -44.04
N ARG F 187 37.36 44.53 -44.05
CA ARG F 187 37.94 45.84 -44.34
C ARG F 187 38.88 46.37 -43.24
N HIS F 188 39.21 45.59 -42.21
CA HIS F 188 40.03 46.03 -41.10
C HIS F 188 40.93 44.88 -40.65
N ASN F 189 41.93 45.19 -39.83
CA ASN F 189 42.94 44.22 -39.44
C ASN F 189 43.04 44.02 -37.94
N SER F 190 43.16 45.08 -37.16
CA SER F 190 43.40 44.99 -35.73
C SER F 190 42.11 45.20 -34.96
N TYR F 191 41.87 44.35 -33.97
CA TYR F 191 40.68 44.42 -33.12
C TYR F 191 41.09 44.36 -31.66
N THR F 192 40.66 45.36 -30.89
CA THR F 192 41.07 45.56 -29.51
C THR F 192 39.84 45.56 -28.60
N CYS F 193 40.00 45.03 -27.40
CA CYS F 193 38.95 44.97 -26.38
C CYS F 193 39.50 45.60 -25.11
N GLU F 194 38.99 46.75 -24.71
CA GLU F 194 39.55 47.53 -23.61
C GLU F 194 38.73 47.33 -22.34
N ALA F 195 39.38 46.99 -21.23
CA ALA F 195 38.71 46.73 -19.96
C ALA F 195 39.14 47.74 -18.91
N THR F 196 38.18 48.49 -18.39
CA THR F 196 38.41 49.46 -17.32
C THR F 196 37.66 49.00 -16.08
N HIS F 197 38.40 48.84 -14.98
CA HIS F 197 37.85 48.35 -13.73
C HIS F 197 38.57 49.05 -12.59
N LYS F 198 37.92 49.12 -11.43
CA LYS F 198 38.47 49.90 -10.32
C LYS F 198 39.77 49.31 -9.78
N THR F 199 40.11 48.07 -10.14
CA THR F 199 41.31 47.44 -9.61
C THR F 199 42.59 47.94 -10.26
N SER F 200 42.51 48.76 -11.30
CA SER F 200 43.71 49.25 -11.98
C SER F 200 43.38 50.55 -12.70
N THR F 201 44.25 51.55 -12.55
CA THR F 201 44.04 52.82 -13.24
C THR F 201 44.23 52.67 -14.75
N SER F 202 45.19 51.83 -15.16
CA SER F 202 45.41 51.58 -16.59
C SER F 202 44.49 50.46 -17.05
N PRO F 203 43.83 50.61 -18.20
CA PRO F 203 42.88 49.59 -18.63
C PRO F 203 43.58 48.32 -19.10
N ILE F 204 42.95 47.18 -18.82
CA ILE F 204 43.40 45.90 -19.35
C ILE F 204 42.91 45.76 -20.78
N VAL F 205 43.82 45.45 -21.69
CA VAL F 205 43.50 45.48 -23.11
C VAL F 205 44.16 44.26 -23.77
N LYS F 206 43.37 43.48 -24.51
CA LYS F 206 43.85 42.29 -25.23
C LYS F 206 43.39 42.41 -26.67
N SER F 207 44.21 41.94 -27.61
CA SER F 207 43.89 42.17 -29.02
C SER F 207 44.57 41.12 -29.88
N PHE F 208 44.04 40.99 -31.09
CA PHE F 208 44.64 40.21 -32.17
C PHE F 208 44.54 41.04 -33.43
N ASN F 209 45.45 40.81 -34.37
CA ASN F 209 45.33 41.42 -35.69
C ASN F 209 45.08 40.33 -36.70
N ARG F 210 44.15 40.61 -37.62
CA ARG F 210 43.68 39.66 -38.66
C ARG F 210 44.87 38.97 -39.37
N ALA F 211 45.94 39.71 -39.64
CA ALA F 211 47.07 39.15 -40.36
C ALA F 211 47.84 38.17 -39.48
CL CL G . 9.23 -1.32 32.03
CL CL H . 11.63 -2.63 38.81
CL CL I . -27.83 -3.42 19.39
#